data_3BJU
#
_entry.id   3BJU
#
_cell.length_a   152.013
_cell.length_b   152.013
_cell.length_c   108.838
_cell.angle_alpha   90.00
_cell.angle_beta   90.00
_cell.angle_gamma   120.00
#
_symmetry.space_group_name_H-M   'P 32'
#
loop_
_entity.id
_entity.type
_entity.pdbx_description
1 polymer 'Lysyl-tRNA synthetase'
2 non-polymer 'CALCIUM ION'
3 non-polymer LYSINE
4 non-polymer "ADENOSINE-5'-TRIPHOSPHATE"
5 water water
#
_entity_poly.entity_id   1
_entity_poly.type   'polypeptide(L)'
_entity_poly.pdbx_seq_one_letter_code
;MSVDPNQYYKIRSQAIHQLKVNGEDPYPHKFHVDISLTDFIQKYSHLQPGDHLTDITLKVAGRIHAKRASGGKLIFYDLR
GEGVKLQVMANSRNYKSEEEFIHINNKLRRGDIIGVQGNPGKTKKGELSIIPYEITLLSPCLHMLPHLHFGLKDKETRYR
QRYLDLILNDFVRQKFIIRSKIITYIRSFLDELGFLEIETPMMNIIPGGAVAKPFITYHNELDMNLYMRIAPELYHKMLV
VGGIDRVYEIGRQFRNEGIDLTHNPEFTTCEFYMAYADYHDLMEITEKMVSGMVKHITGSYKVTYHPDGPEGQAYDVDFT
PPFRRINMVEELEKALGMKLPETNLFETEETRKILDDICVAKAVECPPPRTTARLLDKLVGEFLEVTCINPTFICDHPQI
MSPLAKWHRSKEGLTERFELFVMKKEICNAYTELNDPMRQRQLFEEQAKAKAAGDDEAMFIDENFCTALEYGLPPTAGWG
MGIDRVAMFLTDSNNIKEVLLFPAMKPEDKKENLEHHHHHH
;
_entity_poly.pdbx_strand_id   A,B,C,D
#
loop_
_chem_comp.id
_chem_comp.type
_chem_comp.name
_chem_comp.formula
ATP non-polymer ADENOSINE-5'-TRIPHOSPHATE 'C10 H16 N5 O13 P3'
CA non-polymer 'CALCIUM ION' 'Ca 2'
#
# COMPACT_ATOMS: atom_id res chain seq x y z
N SER A 2 51.17 23.83 -17.22
CA SER A 2 49.74 23.42 -17.47
C SER A 2 49.43 23.34 -18.97
N VAL A 3 48.58 22.38 -19.35
CA VAL A 3 48.19 22.18 -20.75
C VAL A 3 46.91 22.95 -21.11
N ASP A 4 46.84 23.46 -22.33
CA ASP A 4 45.67 24.17 -22.80
C ASP A 4 44.59 23.18 -23.33
N PRO A 5 43.29 23.45 -23.01
CA PRO A 5 42.15 22.61 -23.42
C PRO A 5 42.14 22.12 -24.89
N ASN A 6 42.40 23.01 -25.84
CA ASN A 6 42.44 22.59 -27.25
C ASN A 6 43.61 21.67 -27.56
N GLN A 7 44.76 21.94 -26.95
CA GLN A 7 45.93 21.08 -27.13
C GLN A 7 45.77 19.70 -26.46
N TYR A 8 45.24 19.72 -25.25
CA TYR A 8 44.93 18.49 -24.54
C TYR A 8 44.03 17.57 -25.38
N TYR A 9 43.02 18.16 -26.01
CA TYR A 9 42.10 17.41 -26.86
C TYR A 9 42.77 16.81 -28.11
N LYS A 10 43.63 17.61 -28.75
CA LYS A 10 44.45 17.14 -29.87
C LYS A 10 45.36 15.98 -29.50
N ILE A 11 46.08 16.12 -28.38
CA ILE A 11 47.01 15.10 -27.93
C ILE A 11 46.29 13.80 -27.57
N ARG A 12 45.24 13.92 -26.78
CA ARG A 12 44.47 12.74 -26.37
C ARG A 12 43.77 12.04 -27.53
N SER A 13 43.28 12.82 -28.50
CA SER A 13 42.64 12.24 -29.69
C SER A 13 43.61 11.45 -30.56
N GLN A 14 44.80 12.00 -30.76
CA GLN A 14 45.86 11.32 -31.52
C GLN A 14 46.29 10.03 -30.85
N ALA A 15 46.41 10.07 -29.52
CA ALA A 15 46.77 8.88 -28.75
C ALA A 15 45.70 7.80 -28.88
N ILE A 16 44.43 8.17 -28.72
CA ILE A 16 43.33 7.19 -28.84
C ILE A 16 43.25 6.67 -30.28
N HIS A 17 43.48 7.54 -31.25
CA HIS A 17 43.52 7.10 -32.63
C HIS A 17 44.63 6.07 -32.87
N GLN A 18 45.80 6.26 -32.23
CA GLN A 18 46.91 5.32 -32.37
C GLN A 18 46.51 3.94 -31.84
N LEU A 19 45.84 3.90 -30.69
CA LEU A 19 45.35 2.64 -30.14
C LEU A 19 44.46 1.92 -31.17
N LYS A 20 43.47 2.63 -31.72
CA LYS A 20 42.58 2.10 -32.75
C LYS A 20 43.29 1.45 -33.95
N VAL A 21 44.12 2.21 -34.65
CA VAL A 21 44.80 1.66 -35.83
C VAL A 21 45.77 0.54 -35.49
N ASN A 22 46.27 0.52 -34.25
CA ASN A 22 47.13 -0.57 -33.81
C ASN A 22 46.33 -1.77 -33.31
N GLY A 23 45.00 -1.65 -33.32
CA GLY A 23 44.11 -2.75 -32.95
C GLY A 23 43.88 -2.89 -31.46
N GLU A 24 44.04 -1.81 -30.70
CA GLU A 24 44.01 -1.87 -29.24
C GLU A 24 42.64 -1.74 -28.52
N ASP A 25 41.61 -1.25 -29.19
CA ASP A 25 40.23 -1.29 -28.62
C ASP A 25 39.93 -0.35 -27.45
N PRO A 26 40.16 0.95 -27.65
CA PRO A 26 39.83 1.90 -26.58
C PRO A 26 38.29 2.00 -26.28
N TYR A 27 37.44 1.47 -27.16
CA TYR A 27 36.00 1.44 -26.90
C TYR A 27 35.50 -0.02 -26.95
N PRO A 28 35.80 -0.82 -25.91
CA PRO A 28 35.36 -2.23 -25.88
C PRO A 28 33.84 -2.35 -25.84
N HIS A 29 33.31 -3.41 -26.47
CA HIS A 29 31.85 -3.61 -26.58
C HIS A 29 31.16 -3.85 -25.25
N LYS A 30 31.79 -4.66 -24.40
CA LYS A 30 31.13 -5.23 -23.24
C LYS A 30 32.04 -5.41 -22.02
N PHE A 31 31.66 -4.78 -20.89
CA PHE A 31 32.27 -5.09 -19.60
C PHE A 31 31.20 -5.58 -18.67
N HIS A 32 31.41 -6.77 -18.09
CA HIS A 32 30.47 -7.35 -17.13
C HIS A 32 30.66 -6.79 -15.71
N VAL A 33 29.66 -6.04 -15.26
CA VAL A 33 29.69 -5.41 -13.96
C VAL A 33 28.97 -6.33 -12.99
N ASP A 34 29.63 -6.67 -11.89
CA ASP A 34 29.09 -7.64 -10.92
C ASP A 34 28.18 -6.95 -9.91
N ILE A 35 28.50 -5.70 -9.62
CA ILE A 35 27.90 -4.99 -8.53
C ILE A 35 28.02 -3.47 -8.78
N SER A 36 26.97 -2.72 -8.45
CA SER A 36 27.02 -1.28 -8.55
C SER A 36 27.80 -0.64 -7.39
N LEU A 37 28.28 0.57 -7.59
CA LEU A 37 29.08 1.25 -6.60
C LEU A 37 28.25 1.39 -5.32
N THR A 38 26.96 1.64 -5.48
CA THR A 38 26.03 1.78 -4.36
C THR A 38 25.92 0.50 -3.53
N ASP A 39 25.67 -0.63 -4.18
CA ASP A 39 25.63 -1.90 -3.48
C ASP A 39 27.00 -2.29 -2.90
N PHE A 40 28.08 -1.94 -3.59
CA PHE A 40 29.44 -2.23 -3.08
C PHE A 40 29.66 -1.49 -1.76
N ILE A 41 29.28 -0.22 -1.72
CA ILE A 41 29.47 0.60 -0.53
C ILE A 41 28.63 0.09 0.64
N GLN A 42 27.35 -0.15 0.37
CA GLN A 42 26.44 -0.77 1.34
C GLN A 42 26.93 -2.13 1.84
N LYS A 43 27.38 -2.99 0.93
CA LYS A 43 27.81 -4.34 1.31
C LYS A 43 29.15 -4.37 2.05
N TYR A 44 30.01 -3.38 1.85
CA TYR A 44 31.40 -3.49 2.35
C TYR A 44 31.88 -2.39 3.30
N SER A 45 31.05 -1.40 3.58
CA SER A 45 31.44 -0.30 4.47
C SER A 45 31.73 -0.74 5.90
N HIS A 46 31.24 -1.91 6.28
CA HIS A 46 31.48 -2.44 7.63
C HIS A 46 32.94 -2.83 7.87
N LEU A 47 33.74 -2.91 6.81
CA LEU A 47 35.12 -3.36 6.92
C LEU A 47 35.91 -2.46 7.86
N GLN A 48 36.95 -3.00 8.46
CA GLN A 48 37.80 -2.20 9.33
C GLN A 48 39.01 -1.62 8.58
N PRO A 49 39.52 -0.48 9.06
CA PRO A 49 40.70 0.10 8.43
C PRO A 49 41.85 -0.91 8.31
N GLY A 50 42.53 -0.91 7.17
CA GLY A 50 43.60 -1.86 6.91
C GLY A 50 43.15 -3.20 6.33
N ASP A 51 41.84 -3.43 6.30
CA ASP A 51 41.29 -4.67 5.76
C ASP A 51 41.54 -4.89 4.26
N HIS A 52 41.69 -6.16 3.88
CA HIS A 52 41.91 -6.53 2.50
C HIS A 52 41.49 -7.99 2.27
N LEU A 53 40.30 -8.16 1.68
CA LEU A 53 39.75 -9.48 1.39
C LEU A 53 40.39 -10.18 0.19
N THR A 54 41.05 -11.31 0.43
CA THR A 54 41.55 -12.16 -0.65
C THR A 54 40.46 -13.18 -1.01
N ASP A 55 39.25 -12.89 -0.55
CA ASP A 55 38.17 -13.87 -0.49
C ASP A 55 37.08 -13.53 -1.52
N ILE A 56 37.07 -12.27 -1.95
CA ILE A 56 36.04 -11.74 -2.82
C ILE A 56 36.68 -10.95 -3.94
N THR A 57 36.30 -11.27 -5.17
CA THR A 57 36.75 -10.56 -6.35
C THR A 57 35.53 -10.05 -7.10
N LEU A 58 35.49 -8.75 -7.36
CA LEU A 58 34.31 -8.16 -7.99
C LEU A 58 34.68 -7.17 -9.08
N LYS A 59 33.77 -6.99 -10.03
CA LYS A 59 33.94 -6.06 -11.14
C LYS A 59 32.96 -4.90 -10.99
N VAL A 60 33.52 -3.70 -10.90
CA VAL A 60 32.76 -2.46 -10.79
C VAL A 60 33.15 -1.59 -11.98
N ALA A 61 32.49 -0.45 -12.13
CA ALA A 61 32.79 0.46 -13.21
C ALA A 61 32.42 1.89 -12.81
N GLY A 62 33.05 2.88 -13.44
CA GLY A 62 32.72 4.26 -13.18
C GLY A 62 33.61 5.22 -13.96
N ARG A 63 33.47 6.50 -13.66
CA ARG A 63 34.29 7.52 -14.27
C ARG A 63 35.32 8.00 -13.27
N ILE A 64 36.55 8.14 -13.76
CA ILE A 64 37.63 8.70 -12.96
C ILE A 64 37.40 10.19 -12.70
N HIS A 65 37.24 10.55 -11.42
CA HIS A 65 37.14 11.96 -11.00
C HIS A 65 38.52 12.52 -10.68
N ALA A 66 39.40 11.70 -10.12
CA ALA A 66 40.74 12.14 -9.78
C ALA A 66 41.72 10.99 -9.89
N LYS A 67 42.95 11.34 -10.27
CA LYS A 67 44.04 10.38 -10.33
C LYS A 67 45.22 10.91 -9.53
N ARG A 68 45.57 10.27 -8.42
CA ARG A 68 46.72 10.75 -7.67
C ARG A 68 47.78 9.68 -7.36
N ALA A 69 48.93 9.86 -7.99
CA ALA A 69 50.07 8.98 -7.81
C ALA A 69 50.58 9.15 -6.41
N SER A 70 51.23 8.11 -5.92
CA SER A 70 51.87 8.14 -4.61
C SER A 70 53.10 7.24 -4.68
N GLY A 71 54.03 7.65 -5.54
CA GLY A 71 55.29 6.95 -5.67
C GLY A 71 55.64 6.50 -7.07
N GLY A 72 54.78 5.71 -7.68
CA GLY A 72 55.18 5.02 -8.92
C GLY A 72 54.66 3.60 -8.88
N LYS A 73 54.47 3.08 -7.68
CA LYS A 73 53.90 1.75 -7.52
C LYS A 73 52.55 1.82 -6.80
N LEU A 74 52.07 3.05 -6.60
CA LEU A 74 50.82 3.27 -5.87
C LEU A 74 50.07 4.41 -6.52
N ILE A 75 48.87 4.12 -7.01
CA ILE A 75 48.01 5.14 -7.59
C ILE A 75 46.60 5.06 -7.00
N PHE A 76 46.02 6.20 -6.67
CA PHE A 76 44.66 6.26 -6.14
C PHE A 76 43.69 6.84 -7.15
N TYR A 77 42.68 6.07 -7.52
CA TYR A 77 41.66 6.59 -8.44
C TYR A 77 40.36 6.84 -7.69
N ASP A 78 39.84 8.05 -7.84
CA ASP A 78 38.55 8.42 -7.29
C ASP A 78 37.49 8.06 -8.35
N LEU A 79 36.78 6.97 -8.11
CA LEU A 79 35.84 6.41 -9.06
C LEU A 79 34.42 6.86 -8.69
N ARG A 80 33.68 7.37 -9.66
CA ARG A 80 32.34 7.88 -9.35
C ARG A 80 31.28 7.37 -10.28
N GLY A 81 30.14 7.05 -9.70
CA GLY A 81 28.96 6.68 -10.45
C GLY A 81 27.77 6.64 -9.51
N GLU A 82 26.58 6.90 -10.05
CA GLU A 82 25.34 6.73 -9.32
C GLU A 82 25.20 7.69 -8.14
N GLY A 83 25.86 8.84 -8.24
CA GLY A 83 25.79 9.87 -7.22
C GLY A 83 26.66 9.53 -6.03
N VAL A 84 27.60 8.61 -6.27
CA VAL A 84 28.32 7.95 -5.19
C VAL A 84 29.80 7.87 -5.52
N LYS A 85 30.61 7.35 -4.62
CA LYS A 85 32.06 7.42 -4.80
C LYS A 85 32.75 6.17 -4.27
N LEU A 86 33.79 5.70 -4.96
CA LEU A 86 34.60 4.57 -4.52
C LEU A 86 36.06 4.77 -4.87
N GLN A 87 36.95 4.55 -3.90
CA GLN A 87 38.38 4.69 -4.14
C GLN A 87 38.98 3.42 -4.73
N VAL A 88 39.73 3.57 -5.81
CA VAL A 88 40.47 2.48 -6.35
C VAL A 88 41.92 2.59 -5.88
N MET A 89 42.32 1.74 -4.93
CA MET A 89 43.73 1.73 -4.52
C MET A 89 44.61 0.84 -5.42
N ALA A 90 45.15 1.42 -6.49
CA ALA A 90 45.91 0.64 -7.45
C ALA A 90 47.35 0.47 -7.00
N ASN A 91 47.63 -0.75 -6.52
CA ASN A 91 48.91 -1.11 -5.96
C ASN A 91 49.64 -2.06 -6.92
N SER A 92 50.87 -1.69 -7.25
CA SER A 92 51.70 -2.45 -8.18
C SER A 92 51.75 -3.94 -7.86
N ARG A 93 51.86 -4.27 -6.58
CA ARG A 93 52.11 -5.65 -6.19
C ARG A 93 50.86 -6.53 -6.21
N ASN A 94 49.70 -5.89 -6.27
CA ASN A 94 48.42 -6.60 -6.34
C ASN A 94 47.82 -6.66 -7.72
N TYR A 95 48.45 -5.96 -8.66
CA TYR A 95 48.01 -5.91 -10.04
C TYR A 95 48.48 -7.18 -10.73
N LYS A 96 47.88 -7.54 -11.87
CA LYS A 96 48.16 -8.79 -12.55
C LYS A 96 49.63 -8.99 -12.90
N SER A 97 50.32 -7.89 -13.13
CA SER A 97 51.78 -7.88 -13.28
C SER A 97 52.28 -6.44 -13.19
N GLU A 98 53.58 -6.31 -12.96
CA GLU A 98 54.18 -4.99 -12.77
C GLU A 98 54.27 -4.20 -14.07
N GLU A 99 54.56 -4.90 -15.17
CA GLU A 99 54.66 -4.26 -16.47
C GLU A 99 53.28 -3.83 -16.95
N GLU A 100 52.28 -4.68 -16.75
CA GLU A 100 50.92 -4.32 -17.13
C GLU A 100 50.37 -3.19 -16.29
N PHE A 101 50.84 -3.10 -15.05
CA PHE A 101 50.46 -2.04 -14.11
C PHE A 101 50.87 -0.66 -14.61
N ILE A 102 52.14 -0.48 -14.99
CA ILE A 102 52.55 0.85 -15.43
C ILE A 102 51.92 1.17 -16.80
N HIS A 103 51.74 0.15 -17.63
CA HIS A 103 51.21 0.35 -18.96
C HIS A 103 49.78 0.89 -18.89
N ILE A 104 48.95 0.33 -18.03
CA ILE A 104 47.55 0.72 -17.93
C ILE A 104 47.43 2.09 -17.28
N ASN A 105 48.15 2.33 -16.19
CA ASN A 105 48.11 3.62 -15.51
C ASN A 105 48.71 4.78 -16.30
N ASN A 106 49.71 4.49 -17.12
CA ASN A 106 50.26 5.50 -18.02
C ASN A 106 49.25 5.96 -19.08
N LYS A 107 48.24 5.15 -19.41
CA LYS A 107 47.28 5.65 -20.40
C LYS A 107 46.00 6.24 -19.85
N LEU A 108 45.76 6.06 -18.56
CA LEU A 108 44.51 6.46 -17.95
C LEU A 108 44.58 7.93 -17.54
N ARG A 109 43.46 8.63 -17.70
CA ARG A 109 43.40 10.04 -17.28
C ARG A 109 42.07 10.30 -16.58
N ARG A 110 42.04 11.36 -15.80
CA ARG A 110 40.82 11.85 -15.22
C ARG A 110 39.76 11.96 -16.33
N GLY A 111 38.54 11.56 -16.02
CA GLY A 111 37.46 11.59 -17.00
C GLY A 111 37.17 10.24 -17.62
N ASP A 112 38.18 9.40 -17.77
CA ASP A 112 38.00 8.10 -18.42
C ASP A 112 36.98 7.22 -17.70
N ILE A 113 36.22 6.49 -18.49
CA ILE A 113 35.37 5.42 -17.96
C ILE A 113 36.21 4.16 -17.89
N ILE A 114 36.24 3.53 -16.72
CA ILE A 114 37.03 2.31 -16.55
C ILE A 114 36.19 1.24 -15.89
N GLY A 115 36.59 -0.02 -16.13
CA GLY A 115 36.08 -1.14 -15.38
C GLY A 115 37.17 -1.64 -14.46
N VAL A 116 36.78 -2.12 -13.29
CA VAL A 116 37.75 -2.55 -12.32
C VAL A 116 37.38 -3.92 -11.75
N GLN A 117 38.28 -4.89 -11.91
CA GLN A 117 38.16 -6.18 -11.23
C GLN A 117 39.11 -6.23 -10.04
N GLY A 118 38.61 -6.56 -8.85
CA GLY A 118 39.48 -6.66 -7.70
C GLY A 118 38.79 -6.92 -6.40
N ASN A 119 39.53 -6.74 -5.30
CA ASN A 119 39.07 -7.08 -3.96
C ASN A 119 38.67 -5.86 -3.16
N PRO A 120 37.60 -6.01 -2.35
CA PRO A 120 37.27 -4.99 -1.35
C PRO A 120 38.39 -4.83 -0.31
N GLY A 121 38.50 -3.64 0.24
CA GLY A 121 39.58 -3.30 1.14
C GLY A 121 39.22 -1.97 1.75
N LYS A 122 39.98 -1.56 2.75
CA LYS A 122 39.80 -0.26 3.35
C LYS A 122 41.18 0.23 3.76
N THR A 123 41.50 1.48 3.45
CA THR A 123 42.80 2.01 3.79
C THR A 123 42.90 2.22 5.30
N LYS A 124 44.10 2.49 5.79
CA LYS A 124 44.29 2.75 7.22
C LYS A 124 43.42 3.92 7.66
N LYS A 125 43.28 4.93 6.81
CA LYS A 125 42.47 6.11 7.15
C LYS A 125 40.99 5.77 7.21
N GLY A 126 40.64 4.51 6.93
CA GLY A 126 39.26 4.07 6.93
C GLY A 126 38.50 4.37 5.65
N GLU A 127 39.21 4.41 4.52
CA GLU A 127 38.59 4.72 3.22
C GLU A 127 38.27 3.47 2.39
N LEU A 128 36.99 3.21 2.18
CA LEU A 128 36.55 2.05 1.43
C LEU A 128 37.17 2.05 0.03
N SER A 129 37.82 0.94 -0.33
CA SER A 129 38.52 0.81 -1.59
C SER A 129 38.28 -0.54 -2.24
N ILE A 130 38.60 -0.59 -3.52
CA ILE A 130 38.73 -1.85 -4.22
C ILE A 130 40.19 -1.90 -4.66
N ILE A 131 40.85 -3.02 -4.38
CA ILE A 131 42.24 -3.24 -4.78
C ILE A 131 42.24 -4.04 -6.08
N PRO A 132 42.56 -3.38 -7.22
CA PRO A 132 42.45 -4.03 -8.53
C PRO A 132 43.52 -5.06 -8.88
N TYR A 133 43.07 -6.15 -9.51
CA TYR A 133 43.95 -7.08 -10.18
C TYR A 133 44.08 -6.65 -11.64
N GLU A 134 43.00 -6.06 -12.16
CA GLU A 134 42.97 -5.55 -13.53
C GLU A 134 42.05 -4.34 -13.71
N ILE A 135 42.52 -3.31 -14.42
CA ILE A 135 41.71 -2.14 -14.76
C ILE A 135 41.62 -2.08 -16.26
N THR A 136 40.42 -1.87 -16.79
CA THR A 136 40.19 -1.84 -18.25
C THR A 136 39.63 -0.49 -18.69
N LEU A 137 40.23 0.11 -19.72
CA LEU A 137 39.62 1.31 -20.26
C LEU A 137 38.33 0.95 -21.01
N LEU A 138 37.21 1.55 -20.60
CA LEU A 138 35.93 1.32 -21.30
C LEU A 138 35.58 2.45 -22.28
N SER A 139 35.99 3.67 -21.93
CA SER A 139 35.73 4.84 -22.78
C SER A 139 36.56 6.05 -22.36
N PRO A 140 37.51 6.46 -23.20
CA PRO A 140 38.33 7.64 -22.84
C PRO A 140 37.62 9.00 -22.95
N CYS A 141 38.02 9.92 -22.09
CA CYS A 141 37.59 11.30 -22.13
C CYS A 141 38.65 12.10 -22.87
N LEU A 142 38.27 12.68 -24.01
CA LEU A 142 39.22 13.32 -24.90
C LEU A 142 39.40 14.80 -24.54
N HIS A 143 38.60 15.29 -23.59
CA HIS A 143 38.67 16.69 -23.20
C HIS A 143 39.12 16.85 -21.76
N MET A 144 39.77 17.97 -21.42
CA MET A 144 40.01 18.29 -20.01
C MET A 144 38.70 18.69 -19.38
N LEU A 145 38.38 18.08 -18.25
CA LEU A 145 37.23 18.49 -17.46
C LEU A 145 37.58 19.73 -16.67
N PRO A 146 36.60 20.61 -16.42
CA PRO A 146 36.87 21.77 -15.58
C PRO A 146 37.52 21.31 -14.26
N HIS A 147 38.62 22.00 -13.91
CA HIS A 147 39.46 21.65 -12.76
C HIS A 147 38.77 21.83 -11.40
N LEU A 152 31.35 24.13 -14.54
CA LEU A 152 31.52 24.06 -13.07
C LEU A 152 30.51 24.97 -12.34
N LYS A 153 30.69 26.29 -12.43
CA LYS A 153 29.76 27.23 -11.83
C LYS A 153 29.01 28.11 -12.85
N ASP A 154 29.58 28.24 -14.05
CA ASP A 154 29.04 29.13 -15.08
C ASP A 154 27.75 28.63 -15.70
N LYS A 155 26.64 29.30 -15.40
CA LYS A 155 25.29 28.83 -15.79
C LYS A 155 25.22 28.38 -17.24
N GLU A 156 25.73 29.22 -18.15
CA GLU A 156 25.59 28.95 -19.57
C GLU A 156 26.25 27.64 -20.02
N THR A 157 27.46 27.39 -19.55
CA THR A 157 28.11 26.11 -19.83
C THR A 157 27.35 24.95 -19.20
N ARG A 158 26.82 25.17 -18.00
CA ARG A 158 26.05 24.15 -17.29
C ARG A 158 24.79 23.77 -18.08
N TYR A 159 24.13 24.75 -18.69
CA TYR A 159 22.89 24.46 -19.41
C TYR A 159 23.09 24.00 -20.87
N ARG A 160 24.14 24.49 -21.52
CA ARG A 160 24.48 24.03 -22.87
C ARG A 160 25.19 22.67 -22.90
N GLN A 161 25.84 22.28 -21.80
CA GLN A 161 26.49 20.98 -21.73
C GLN A 161 26.15 20.33 -20.41
N ARG A 162 24.88 19.91 -20.33
CA ARG A 162 24.30 19.33 -19.13
C ARG A 162 25.06 18.11 -18.67
N TYR A 163 25.65 17.36 -19.59
CA TYR A 163 26.41 16.14 -19.22
C TYR A 163 27.61 16.46 -18.32
N LEU A 164 28.25 17.62 -18.55
CA LEU A 164 29.28 18.15 -17.64
C LEU A 164 28.76 18.55 -16.27
N ASP A 165 27.65 19.29 -16.28
CA ASP A 165 26.99 19.72 -15.06
C ASP A 165 26.64 18.53 -14.16
N LEU A 166 26.07 17.49 -14.76
CA LEU A 166 25.75 16.25 -14.08
C LEU A 166 27.00 15.48 -13.59
N ILE A 167 28.04 15.44 -14.40
CA ILE A 167 29.31 14.86 -13.99
C ILE A 167 29.86 15.59 -12.76
N LEU A 168 29.99 16.90 -12.86
CA LEU A 168 30.75 17.65 -11.89
C LEU A 168 29.97 18.09 -10.64
N ASN A 169 28.67 18.31 -10.77
CA ASN A 169 27.89 18.94 -9.71
C ASN A 169 26.78 18.01 -9.25
N ASP A 170 26.92 17.40 -8.08
CA ASP A 170 25.97 16.37 -7.67
C ASP A 170 24.63 16.94 -7.22
N PHE A 171 24.57 18.26 -6.98
CA PHE A 171 23.30 18.86 -6.58
C PHE A 171 22.34 18.82 -7.74
N VAL A 172 22.90 18.67 -8.95
CA VAL A 172 22.12 18.68 -10.17
C VAL A 172 21.35 17.36 -10.39
N ARG A 173 21.99 16.23 -10.09
CA ARG A 173 21.30 14.93 -10.12
C ARG A 173 20.09 14.91 -9.19
N GLN A 174 20.29 15.44 -8.00
CA GLN A 174 19.27 15.42 -6.96
C GLN A 174 18.01 16.22 -7.31
N LYS A 175 18.18 17.37 -7.97
CA LYS A 175 17.05 18.14 -8.52
C LYS A 175 16.21 17.31 -9.48
N PHE A 176 16.87 16.58 -10.38
CA PHE A 176 16.16 15.79 -11.39
C PHE A 176 15.53 14.52 -10.86
N ILE A 177 16.10 14.01 -9.77
CA ILE A 177 15.47 12.96 -8.99
C ILE A 177 14.19 13.47 -8.35
N ILE A 178 14.27 14.65 -7.72
CA ILE A 178 13.10 15.26 -7.10
C ILE A 178 12.00 15.40 -8.13
N ARG A 179 12.35 15.87 -9.32
CA ARG A 179 11.38 16.09 -10.38
C ARG A 179 10.63 14.81 -10.81
N SER A 180 11.36 13.69 -10.95
CA SER A 180 10.79 12.39 -11.27
C SER A 180 9.88 11.87 -10.18
N LYS A 181 10.27 12.11 -8.93
CA LYS A 181 9.42 11.82 -7.80
C LYS A 181 8.10 12.64 -7.72
N ILE A 182 8.12 13.88 -8.20
CA ILE A 182 6.92 14.70 -8.28
C ILE A 182 5.95 14.05 -9.27
N ILE A 183 6.40 13.85 -10.49
CA ILE A 183 5.60 13.17 -11.50
C ILE A 183 5.07 11.79 -11.10
N THR A 184 5.93 10.97 -10.49
CA THR A 184 5.55 9.62 -10.07
C THR A 184 4.52 9.67 -8.94
N TYR A 185 4.70 10.62 -8.02
CA TYR A 185 3.72 10.90 -6.95
C TYR A 185 2.32 11.28 -7.48
N ILE A 186 2.28 12.12 -8.51
CA ILE A 186 1.00 12.58 -9.08
C ILE A 186 0.24 11.44 -9.77
N ARG A 187 0.92 10.65 -10.56
CA ARG A 187 0.29 9.49 -11.18
C ARG A 187 -0.35 8.55 -10.16
N SER A 188 0.36 8.26 -9.06
CA SER A 188 -0.17 7.34 -8.08
C SER A 188 -1.40 7.94 -7.41
N PHE A 189 -1.30 9.22 -7.05
CA PHE A 189 -2.40 9.97 -6.48
C PHE A 189 -3.64 9.89 -7.38
N LEU A 190 -3.50 10.22 -8.65
CA LEU A 190 -4.63 10.25 -9.57
C LEU A 190 -5.13 8.83 -9.94
N ASP A 191 -4.22 7.91 -10.19
CA ASP A 191 -4.59 6.51 -10.50
C ASP A 191 -5.43 5.90 -9.37
N GLU A 192 -5.00 6.16 -8.15
CA GLU A 192 -5.68 5.60 -6.98
C GLU A 192 -7.10 6.18 -6.83
N LEU A 193 -7.35 7.35 -7.41
CA LEU A 193 -8.68 7.96 -7.37
C LEU A 193 -9.50 7.55 -8.59
N GLY A 194 -8.95 6.65 -9.38
CA GLY A 194 -9.67 6.12 -10.53
C GLY A 194 -9.56 6.91 -11.83
N PHE A 195 -8.66 7.90 -11.87
CA PHE A 195 -8.41 8.57 -13.13
C PHE A 195 -7.72 7.65 -14.15
N LEU A 196 -8.18 7.72 -15.40
CA LEU A 196 -7.57 7.01 -16.51
C LEU A 196 -6.55 7.93 -17.18
N GLU A 197 -5.29 7.50 -17.25
CA GLU A 197 -4.21 8.27 -17.82
C GLU A 197 -4.33 8.08 -19.32
N ILE A 198 -4.31 9.20 -20.06
CA ILE A 198 -4.67 9.22 -21.47
C ILE A 198 -3.71 10.11 -22.25
N GLU A 199 -3.78 10.02 -23.57
CA GLU A 199 -2.93 10.79 -24.47
C GLU A 199 -3.77 11.32 -25.60
N THR A 200 -3.71 12.63 -25.80
CA THR A 200 -4.51 13.30 -26.80
C THR A 200 -3.59 14.05 -27.76
N PRO A 201 -4.11 14.47 -28.93
CA PRO A 201 -3.23 15.03 -29.97
C PRO A 201 -2.41 16.23 -29.54
N MET A 202 -1.13 16.19 -29.89
CA MET A 202 -0.23 17.32 -29.64
C MET A 202 -0.16 18.22 -30.88
N MET A 203 -0.75 17.74 -31.97
CA MET A 203 -0.83 18.49 -33.21
C MET A 203 -2.30 18.69 -33.53
N ASN A 204 -2.68 19.94 -33.74
CA ASN A 204 -4.09 20.29 -33.82
C ASN A 204 -4.37 21.10 -35.11
N ILE A 205 -5.50 20.90 -35.77
CA ILE A 205 -5.82 21.78 -36.89
C ILE A 205 -6.17 23.18 -36.36
N ILE A 206 -6.67 23.22 -35.13
CA ILE A 206 -6.99 24.45 -34.42
C ILE A 206 -6.44 24.27 -33.01
N PRO A 207 -5.58 25.20 -32.53
CA PRO A 207 -5.11 24.98 -31.16
C PRO A 207 -6.16 25.51 -30.17
N GLY A 208 -5.99 25.20 -28.88
CA GLY A 208 -6.96 25.69 -27.90
C GLY A 208 -6.67 25.30 -26.48
N GLY A 209 -7.55 25.73 -25.57
CA GLY A 209 -7.49 25.32 -24.18
C GLY A 209 -6.75 26.33 -23.34
N ALA A 210 -6.32 27.42 -23.97
CA ALA A 210 -5.60 28.49 -23.28
C ALA A 210 -5.38 29.66 -24.19
N VAL A 211 -5.11 30.79 -23.57
CA VAL A 211 -4.71 32.00 -24.29
C VAL A 211 -3.19 32.00 -24.44
N ALA A 212 -2.70 31.74 -25.64
CA ALA A 212 -1.26 31.70 -25.86
C ALA A 212 -1.01 31.69 -27.34
N LYS A 213 0.21 32.07 -27.74
CA LYS A 213 0.58 32.06 -29.15
C LYS A 213 1.18 30.71 -29.53
N PRO A 214 0.57 30.00 -30.50
CA PRO A 214 1.06 28.65 -30.83
C PRO A 214 2.21 28.60 -31.83
N PHE A 215 2.93 27.49 -31.81
CA PHE A 215 3.81 27.11 -32.91
C PHE A 215 2.98 26.54 -34.07
N ILE A 216 3.48 26.74 -35.28
CA ILE A 216 2.78 26.34 -36.51
C ILE A 216 3.70 25.46 -37.33
N THR A 217 3.13 24.40 -37.90
CA THR A 217 3.88 23.49 -38.75
C THR A 217 3.01 23.02 -39.91
N TYR A 218 3.56 22.19 -40.79
CA TYR A 218 2.84 21.81 -41.98
C TYR A 218 2.94 20.30 -42.20
N HIS A 219 1.83 19.65 -42.53
CA HIS A 219 1.88 18.24 -42.87
C HIS A 219 1.84 18.08 -44.39
N ASN A 220 2.93 17.60 -44.99
CA ASN A 220 3.01 17.47 -46.45
C ASN A 220 1.99 16.53 -47.08
N GLU A 221 2.03 15.25 -46.70
CA GLU A 221 1.12 14.29 -47.29
C GLU A 221 -0.32 14.77 -47.23
N LEU A 222 -0.75 15.23 -46.07
CA LEU A 222 -2.13 15.68 -45.87
C LEU A 222 -2.33 17.14 -46.24
N ASP A 223 -1.27 17.80 -46.71
CA ASP A 223 -1.35 19.16 -47.25
C ASP A 223 -2.09 20.09 -46.31
N MET A 224 -1.61 20.20 -45.09
CA MET A 224 -2.37 20.84 -44.05
C MET A 224 -1.44 21.52 -43.06
N ASN A 225 -1.79 22.73 -42.64
CA ASN A 225 -1.10 23.36 -41.55
C ASN A 225 -1.61 22.82 -40.22
N LEU A 226 -0.70 22.65 -39.29
CA LEU A 226 -1.04 22.12 -37.98
C LEU A 226 -0.42 23.05 -36.96
N TYR A 227 -0.99 23.04 -35.76
CA TYR A 227 -0.51 23.82 -34.64
C TYR A 227 -0.08 22.84 -33.56
N MET A 228 1.03 23.16 -32.86
CA MET A 228 1.43 22.41 -31.68
C MET A 228 0.50 22.83 -30.56
N ARG A 229 0.19 21.91 -29.66
CA ARG A 229 -0.82 22.17 -28.65
C ARG A 229 -0.38 23.14 -27.58
N ILE A 230 -1.37 23.90 -27.16
CA ILE A 230 -1.29 24.90 -26.12
C ILE A 230 -1.74 24.26 -24.81
N ALA A 231 -2.76 23.39 -24.92
CA ALA A 231 -3.30 22.64 -23.80
C ALA A 231 -4.15 21.49 -24.38
N PRO A 232 -4.25 20.36 -23.65
CA PRO A 232 -5.11 19.23 -24.03
C PRO A 232 -6.57 19.38 -23.58
N GLU A 233 -6.90 20.51 -22.97
CA GLU A 233 -8.18 20.76 -22.33
C GLU A 233 -9.47 20.35 -23.08
N LEU A 234 -9.55 20.72 -24.34
CA LEU A 234 -10.74 20.46 -25.12
C LEU A 234 -10.91 19.00 -25.42
N TYR A 235 -9.80 18.28 -25.66
CA TYR A 235 -9.86 16.84 -25.90
C TYR A 235 -10.32 16.09 -24.65
N HIS A 236 -9.80 16.48 -23.51
CA HIS A 236 -10.25 15.91 -22.24
C HIS A 236 -11.75 16.07 -22.01
N LYS A 237 -12.30 17.26 -22.23
CA LYS A 237 -13.72 17.49 -22.00
C LYS A 237 -14.57 16.68 -22.97
N MET A 238 -14.06 16.45 -24.19
CA MET A 238 -14.72 15.54 -25.13
C MET A 238 -14.73 14.07 -24.67
N LEU A 239 -13.76 13.69 -23.84
CA LEU A 239 -13.72 12.34 -23.26
C LEU A 239 -14.67 12.22 -22.10
N VAL A 240 -14.88 13.32 -21.38
CA VAL A 240 -15.88 13.32 -20.32
C VAL A 240 -17.32 13.31 -20.88
N VAL A 241 -17.56 13.92 -22.04
CA VAL A 241 -18.83 13.70 -22.70
C VAL A 241 -18.97 12.25 -23.22
N GLY A 242 -17.85 11.65 -23.63
CA GLY A 242 -17.78 10.24 -23.98
C GLY A 242 -18.05 9.29 -22.82
N GLY A 243 -18.10 9.79 -21.59
CA GLY A 243 -18.39 8.91 -20.46
C GLY A 243 -17.18 8.42 -19.68
N ILE A 244 -16.00 8.92 -20.01
CA ILE A 244 -14.83 8.66 -19.19
C ILE A 244 -14.74 9.79 -18.16
N ASP A 245 -15.26 9.48 -16.98
CA ASP A 245 -15.51 10.44 -15.93
C ASP A 245 -14.26 11.11 -15.37
N ARG A 246 -13.17 10.36 -15.34
CA ARG A 246 -11.91 10.87 -14.79
C ARG A 246 -10.74 10.57 -15.68
N VAL A 247 -10.21 11.60 -16.29
CA VAL A 247 -9.06 11.48 -17.18
C VAL A 247 -7.93 12.40 -16.70
N TYR A 248 -6.69 11.98 -16.91
CA TYR A 248 -5.57 12.91 -16.75
C TYR A 248 -4.46 12.63 -17.76
N GLU A 249 -3.63 13.65 -17.96
CA GLU A 249 -2.55 13.58 -18.90
C GLU A 249 -1.42 14.43 -18.34
N ILE A 250 -0.24 13.84 -18.23
CA ILE A 250 0.98 14.59 -17.95
C ILE A 250 1.79 14.64 -19.25
N GLY A 251 1.87 15.83 -19.86
CA GLY A 251 2.51 15.93 -21.16
C GLY A 251 3.04 17.30 -21.49
N ARG A 252 3.62 17.42 -22.67
CA ARG A 252 4.26 18.66 -23.11
C ARG A 252 3.27 19.63 -23.76
N GLN A 253 3.35 20.89 -23.34
CA GLN A 253 2.63 21.98 -23.98
C GLN A 253 3.66 22.89 -24.64
N PHE A 254 3.22 23.63 -25.65
CA PHE A 254 4.13 24.42 -26.48
C PHE A 254 3.63 25.85 -26.60
N ARG A 255 4.48 26.81 -26.28
CA ARG A 255 4.10 28.22 -26.47
C ARG A 255 5.17 28.99 -27.18
N ASN A 256 4.77 29.62 -28.26
CA ASN A 256 5.64 30.41 -29.09
C ASN A 256 5.81 31.83 -28.49
N GLU A 257 6.60 31.88 -27.42
CA GLU A 257 6.74 33.09 -26.63
C GLU A 257 8.16 33.12 -26.05
N GLY A 258 8.46 34.13 -25.25
CA GLY A 258 9.83 34.37 -24.81
C GLY A 258 10.25 33.53 -23.62
N ILE A 259 11.54 33.30 -23.53
CA ILE A 259 12.14 32.54 -22.46
C ILE A 259 12.56 33.49 -21.34
N ASP A 260 12.36 33.09 -20.08
CA ASP A 260 12.86 33.84 -18.92
C ASP A 260 12.92 32.94 -17.68
N LEU A 261 13.05 33.53 -16.49
CA LEU A 261 13.30 32.75 -15.27
C LEU A 261 12.25 31.66 -14.98
N THR A 262 11.03 31.84 -15.45
CA THR A 262 9.98 30.88 -15.14
C THR A 262 9.27 30.33 -16.39
N HIS A 263 9.79 30.61 -17.59
CA HIS A 263 9.12 30.18 -18.85
C HIS A 263 10.06 29.46 -19.82
N ASN A 264 9.69 28.25 -20.23
CA ASN A 264 10.35 27.58 -21.34
C ASN A 264 9.28 27.40 -22.43
N PRO A 265 9.67 27.42 -23.71
CA PRO A 265 8.66 27.34 -24.80
C PRO A 265 8.00 25.96 -24.94
N GLU A 266 8.60 24.93 -24.35
CA GLU A 266 7.92 23.66 -24.12
C GLU A 266 8.07 23.35 -22.64
N PHE A 267 6.97 22.94 -22.02
CA PHE A 267 6.94 22.73 -20.59
C PHE A 267 5.96 21.62 -20.29
N THR A 268 5.98 21.10 -19.08
CA THR A 268 5.13 19.97 -18.76
C THR A 268 4.03 20.34 -17.77
N THR A 269 2.81 19.91 -18.07
CA THR A 269 1.71 20.11 -17.14
C THR A 269 1.05 18.78 -16.87
N CYS A 270 0.34 18.72 -15.76
CA CYS A 270 -0.62 17.66 -15.57
C CYS A 270 -2.01 18.28 -15.61
N GLU A 271 -2.83 17.87 -16.58
CA GLU A 271 -4.24 18.28 -16.58
C GLU A 271 -5.09 17.09 -16.21
N PHE A 272 -6.15 17.31 -15.42
CA PHE A 272 -7.11 16.28 -15.13
C PHE A 272 -8.54 16.84 -15.14
N TYR A 273 -9.51 16.05 -15.61
CA TYR A 273 -10.92 16.42 -15.52
C TYR A 273 -11.73 15.41 -14.68
N MET A 274 -12.56 15.94 -13.80
CA MET A 274 -13.31 15.11 -12.87
C MET A 274 -14.82 15.43 -13.00
N ALA A 275 -15.57 14.53 -13.64
CA ALA A 275 -17.02 14.70 -13.77
C ALA A 275 -17.63 14.78 -12.38
N TYR A 276 -18.63 15.65 -12.25
CA TYR A 276 -19.46 15.79 -11.05
C TYR A 276 -18.73 16.46 -9.89
N ALA A 277 -17.55 16.99 -10.21
CA ALA A 277 -16.80 17.83 -9.29
C ALA A 277 -17.00 19.30 -9.65
N ASP A 278 -16.85 20.17 -8.66
CA ASP A 278 -16.78 21.60 -8.91
C ASP A 278 -15.46 22.15 -8.36
N TYR A 279 -15.22 23.43 -8.52
CA TYR A 279 -13.91 23.93 -8.17
C TYR A 279 -13.62 23.94 -6.67
N HIS A 280 -14.64 23.88 -5.83
CA HIS A 280 -14.41 23.71 -4.40
C HIS A 280 -13.84 22.32 -4.08
N ASP A 281 -14.37 21.30 -4.75
CA ASP A 281 -13.87 19.95 -4.58
C ASP A 281 -12.41 19.93 -4.97
N LEU A 282 -12.09 20.62 -6.06
CA LEU A 282 -10.73 20.67 -6.59
C LEU A 282 -9.71 21.43 -5.71
N MET A 283 -10.16 22.47 -5.01
CA MET A 283 -9.30 23.14 -4.03
C MET A 283 -8.83 22.14 -2.98
N GLU A 284 -9.77 21.30 -2.53
CA GLU A 284 -9.51 20.34 -1.47
C GLU A 284 -8.56 19.23 -1.92
N ILE A 285 -8.74 18.75 -3.15
CA ILE A 285 -7.83 17.79 -3.78
C ILE A 285 -6.44 18.39 -4.01
N THR A 286 -6.38 19.67 -4.41
CA THR A 286 -5.12 20.35 -4.62
C THR A 286 -4.30 20.44 -3.32
N GLU A 287 -4.97 20.88 -2.25
CA GLU A 287 -4.39 20.93 -0.93
C GLU A 287 -3.83 19.57 -0.55
N LYS A 288 -4.65 18.54 -0.74
CA LYS A 288 -4.28 17.18 -0.38
C LYS A 288 -3.05 16.74 -1.16
N MET A 289 -3.11 16.95 -2.47
CA MET A 289 -2.06 16.50 -3.35
C MET A 289 -0.78 17.25 -3.06
N VAL A 290 -0.82 18.58 -3.10
CA VAL A 290 0.38 19.40 -2.92
C VAL A 290 1.02 19.25 -1.54
N SER A 291 0.22 19.25 -0.48
CA SER A 291 0.76 19.07 0.87
C SER A 291 1.33 17.66 1.10
N GLY A 292 0.66 16.64 0.59
CA GLY A 292 1.16 15.27 0.69
C GLY A 292 2.41 15.02 -0.12
N MET A 293 2.53 15.71 -1.26
CA MET A 293 3.67 15.62 -2.17
C MET A 293 4.94 16.22 -1.59
N VAL A 294 4.77 17.40 -0.98
CA VAL A 294 5.88 18.10 -0.31
C VAL A 294 6.40 17.27 0.88
N LYS A 295 5.49 16.81 1.74
CA LYS A 295 5.85 15.93 2.86
C LYS A 295 6.49 14.63 2.37
N HIS A 296 5.88 13.98 1.41
CA HIS A 296 6.43 12.73 0.90
C HIS A 296 7.86 12.84 0.40
N ILE A 297 8.13 13.87 -0.40
CA ILE A 297 9.42 14.01 -1.05
C ILE A 297 10.46 14.65 -0.13
N THR A 298 9.98 15.45 0.80
CA THR A 298 10.81 16.39 1.57
C THR A 298 11.00 15.97 3.04
N GLY A 299 9.99 15.29 3.60
CA GLY A 299 10.03 14.93 5.00
C GLY A 299 9.14 15.77 5.92
N SER A 300 8.77 16.96 5.47
CA SER A 300 7.85 17.82 6.22
C SER A 300 7.10 18.78 5.31
N TYR A 301 6.18 19.55 5.91
CA TYR A 301 5.38 20.55 5.20
C TYR A 301 6.09 21.87 5.00
N LYS A 302 7.28 22.00 5.58
CA LYS A 302 8.04 23.26 5.53
C LYS A 302 9.19 23.14 4.54
N VAL A 303 9.34 24.15 3.69
CA VAL A 303 10.39 24.20 2.69
C VAL A 303 11.06 25.57 2.83
N THR A 304 12.33 25.65 2.45
CA THR A 304 13.03 26.92 2.53
C THR A 304 13.07 27.59 1.16
N TYR A 305 12.88 28.89 1.18
CA TYR A 305 12.73 29.64 -0.05
C TYR A 305 13.75 30.78 -0.03
N HIS A 306 14.62 30.82 -1.04
CA HIS A 306 15.60 31.90 -1.18
C HIS A 306 15.29 32.77 -2.40
N PRO A 307 14.43 33.77 -2.22
CA PRO A 307 14.03 34.62 -3.34
C PRO A 307 15.20 35.36 -3.95
N ASP A 308 16.27 35.53 -3.17
CA ASP A 308 17.37 36.44 -3.51
C ASP A 308 18.68 35.66 -3.64
N GLY A 309 18.55 34.35 -3.72
CA GLY A 309 19.72 33.50 -3.88
C GLY A 309 20.26 33.09 -2.53
N PRO A 310 21.37 32.32 -2.54
CA PRO A 310 21.93 31.71 -1.33
C PRO A 310 22.32 32.77 -0.29
N GLU A 311 22.82 33.91 -0.77
CA GLU A 311 23.33 34.95 0.12
C GLU A 311 22.25 35.96 0.53
N GLY A 312 20.98 35.58 0.39
CA GLY A 312 19.85 36.44 0.76
C GLY A 312 18.97 35.85 1.83
N GLN A 313 17.87 36.54 2.15
CA GLN A 313 16.89 36.07 3.14
C GLN A 313 16.29 34.71 2.76
N ALA A 314 15.97 33.92 3.78
CA ALA A 314 15.48 32.56 3.63
C ALA A 314 14.15 32.36 4.35
N TYR A 315 13.08 32.20 3.56
CA TYR A 315 11.74 32.06 4.13
C TYR A 315 11.31 30.62 4.25
N ASP A 316 10.67 30.30 5.37
CA ASP A 316 10.01 29.01 5.52
C ASP A 316 8.62 29.11 4.93
N VAL A 317 8.37 28.29 3.92
CA VAL A 317 7.09 28.26 3.26
C VAL A 317 6.36 27.03 3.76
N ASP A 318 5.21 27.27 4.39
CA ASP A 318 4.46 26.23 5.08
C ASP A 318 3.33 25.68 4.20
N PHE A 319 3.45 24.41 3.84
CA PHE A 319 2.49 23.76 2.95
C PHE A 319 1.39 23.02 3.71
N THR A 320 1.27 23.31 5.01
CA THR A 320 0.20 22.77 5.84
C THR A 320 -1.19 23.28 5.40
N PRO A 321 -2.10 22.35 5.04
CA PRO A 321 -3.44 22.74 4.65
C PRO A 321 -4.22 23.22 5.88
N PRO A 322 -5.29 24.02 5.67
CA PRO A 322 -5.72 24.45 4.35
C PRO A 322 -4.93 25.66 3.87
N PHE A 323 -4.89 25.86 2.56
CA PHE A 323 -4.15 26.99 2.00
C PHE A 323 -5.02 28.22 2.10
N ARG A 324 -4.37 29.37 2.25
CA ARG A 324 -5.03 30.64 2.19
C ARG A 324 -5.82 30.82 0.90
N ARG A 325 -6.95 31.50 1.00
CA ARG A 325 -7.78 31.83 -0.15
C ARG A 325 -7.95 33.33 -0.20
N ILE A 326 -7.75 33.93 -1.36
CA ILE A 326 -8.14 35.32 -1.56
C ILE A 326 -9.04 35.39 -2.79
N ASN A 327 -10.02 36.29 -2.74
CA ASN A 327 -10.86 36.56 -3.88
C ASN A 327 -10.17 37.63 -4.71
N MET A 328 -10.04 37.36 -6.01
CA MET A 328 -9.26 38.23 -6.85
C MET A 328 -9.67 39.69 -6.79
N VAL A 329 -10.93 39.99 -7.07
CA VAL A 329 -11.34 41.41 -7.25
C VAL A 329 -11.35 42.19 -5.94
N GLU A 330 -11.91 41.60 -4.90
CA GLU A 330 -11.92 42.25 -3.59
C GLU A 330 -10.49 42.51 -3.05
N GLU A 331 -9.57 41.56 -3.27
CA GLU A 331 -8.23 41.73 -2.71
C GLU A 331 -7.47 42.78 -3.50
N LEU A 332 -7.74 42.85 -4.80
CA LEU A 332 -7.15 43.84 -5.68
C LEU A 332 -7.58 45.27 -5.29
N GLU A 333 -8.88 45.44 -5.03
CA GLU A 333 -9.41 46.74 -4.59
C GLU A 333 -8.78 47.13 -3.27
N LYS A 334 -8.57 46.15 -2.41
CA LYS A 334 -7.96 46.44 -1.11
C LYS A 334 -6.48 46.87 -1.27
N ALA A 335 -5.75 46.18 -2.13
CA ALA A 335 -4.39 46.58 -2.48
C ALA A 335 -4.33 47.95 -3.18
N LEU A 336 -5.33 48.27 -3.99
CA LEU A 336 -5.34 49.57 -4.64
C LEU A 336 -5.81 50.64 -3.67
N GLY A 337 -6.61 50.25 -2.68
CA GLY A 337 -7.28 51.23 -1.87
C GLY A 337 -8.34 52.00 -2.62
N MET A 338 -8.95 51.33 -3.61
CA MET A 338 -10.09 51.92 -4.33
C MET A 338 -11.03 50.91 -4.97
N LYS A 339 -12.27 51.32 -5.16
CA LYS A 339 -13.32 50.45 -5.67
C LYS A 339 -13.24 50.38 -7.19
N LEU A 340 -13.31 49.17 -7.72
CA LEU A 340 -13.43 48.95 -9.13
C LEU A 340 -14.91 48.89 -9.49
N PRO A 341 -15.25 48.92 -10.79
CA PRO A 341 -16.64 48.77 -11.19
C PRO A 341 -17.23 47.45 -10.70
N GLU A 342 -18.56 47.45 -10.56
CA GLU A 342 -19.31 46.22 -10.25
CA GLU A 342 -19.27 46.22 -10.23
C GLU A 342 -18.86 45.12 -11.20
N THR A 343 -18.75 43.90 -10.69
CA THR A 343 -18.24 42.81 -11.52
C THR A 343 -19.10 42.52 -12.75
N ASN A 344 -20.35 42.97 -12.74
CA ASN A 344 -21.19 42.75 -13.91
C ASN A 344 -20.89 43.76 -15.01
N LEU A 345 -20.00 44.70 -14.71
CA LEU A 345 -19.59 45.73 -15.66
C LEU A 345 -18.21 45.47 -16.29
N PHE A 346 -17.59 44.33 -15.98
CA PHE A 346 -16.19 44.07 -16.39
C PHE A 346 -15.98 43.83 -17.86
N GLU A 347 -17.07 43.77 -18.63
CA GLU A 347 -16.99 43.62 -20.09
C GLU A 347 -17.18 44.93 -20.87
N THR A 348 -17.44 46.03 -20.18
CA THR A 348 -17.68 47.30 -20.87
C THR A 348 -16.37 48.01 -21.26
N GLU A 349 -16.43 48.75 -22.36
CA GLU A 349 -15.35 49.64 -22.73
C GLU A 349 -14.99 50.59 -21.57
N GLU A 350 -16.00 51.10 -20.88
CA GLU A 350 -15.75 51.98 -19.74
C GLU A 350 -14.85 51.35 -18.73
N THR A 351 -15.20 50.15 -18.31
CA THR A 351 -14.38 49.46 -17.34
C THR A 351 -12.95 49.28 -17.87
N ARG A 352 -12.77 49.02 -19.16
CA ARG A 352 -11.44 48.87 -19.73
C ARG A 352 -10.60 50.15 -19.55
N LYS A 353 -11.24 51.29 -19.83
CA LYS A 353 -10.65 52.61 -19.74
C LYS A 353 -10.27 52.92 -18.29
N ILE A 354 -11.15 52.56 -17.36
CA ILE A 354 -10.86 52.68 -15.92
C ILE A 354 -9.59 51.87 -15.51
N LEU A 355 -9.49 50.62 -15.97
CA LEU A 355 -8.34 49.77 -15.65
C LEU A 355 -7.08 50.26 -16.33
N ASP A 356 -7.20 50.73 -17.56
CA ASP A 356 -6.10 51.35 -18.30
C ASP A 356 -5.51 52.55 -17.54
N ASP A 357 -6.38 53.40 -17.00
CA ASP A 357 -5.95 54.59 -16.26
C ASP A 357 -5.27 54.22 -14.98
N ILE A 358 -5.87 53.29 -14.23
CA ILE A 358 -5.26 52.74 -13.02
C ILE A 358 -3.86 52.15 -13.29
N CYS A 359 -3.68 51.44 -14.40
CA CYS A 359 -2.37 50.88 -14.75
C CYS A 359 -1.31 51.96 -15.00
N VAL A 360 -1.65 52.95 -15.81
CA VAL A 360 -0.76 54.09 -16.02
C VAL A 360 -0.41 54.69 -14.67
N ALA A 361 -1.41 55.10 -13.90
CA ALA A 361 -1.18 55.72 -12.60
C ALA A 361 -0.34 54.90 -11.63
N LYS A 362 -0.44 53.58 -11.68
CA LYS A 362 0.28 52.73 -10.72
C LYS A 362 1.63 52.26 -11.25
N ALA A 363 2.01 52.75 -12.43
CA ALA A 363 3.26 52.38 -13.12
C ALA A 363 3.29 50.89 -13.47
N VAL A 364 2.13 50.37 -13.87
CA VAL A 364 1.97 48.95 -14.19
C VAL A 364 1.96 48.79 -15.68
N GLU A 365 3.07 48.37 -16.25
CA GLU A 365 3.16 48.21 -17.69
C GLU A 365 2.28 47.07 -18.24
N CYS A 366 1.83 47.26 -19.48
CA CYS A 366 1.06 46.28 -20.22
C CYS A 366 1.27 46.56 -21.71
N PRO A 367 2.04 45.71 -22.41
CA PRO A 367 2.20 45.87 -23.86
C PRO A 367 0.86 45.68 -24.57
N PRO A 368 0.72 46.24 -25.78
CA PRO A 368 -0.54 46.07 -26.51
C PRO A 368 -0.85 44.60 -26.78
N PRO A 369 -2.15 44.24 -26.91
CA PRO A 369 -3.33 45.10 -26.77
C PRO A 369 -3.68 45.31 -25.31
N ARG A 370 -4.06 46.54 -24.96
CA ARG A 370 -4.43 46.85 -23.60
C ARG A 370 -5.89 46.47 -23.33
N THR A 371 -6.17 45.16 -23.43
CA THR A 371 -7.50 44.61 -23.20
C THR A 371 -7.74 44.43 -21.72
N THR A 372 -9.00 44.33 -21.32
CA THR A 372 -9.37 44.22 -19.88
C THR A 372 -8.74 43.01 -19.18
N ALA A 373 -8.89 41.84 -19.80
CA ALA A 373 -8.22 40.66 -19.34
C ALA A 373 -6.72 40.90 -19.05
N ARG A 374 -6.00 41.48 -20.01
CA ARG A 374 -4.53 41.70 -19.89
C ARG A 374 -4.17 42.77 -18.87
N LEU A 375 -4.96 43.84 -18.81
CA LEU A 375 -4.76 44.90 -17.80
C LEU A 375 -5.02 44.41 -16.37
N LEU A 376 -6.09 43.64 -16.19
CA LEU A 376 -6.39 43.00 -14.90
C LEU A 376 -5.28 42.07 -14.48
N ASP A 377 -4.83 41.25 -15.42
CA ASP A 377 -3.77 40.31 -15.14
C ASP A 377 -2.47 41.02 -14.74
N LYS A 378 -2.11 42.11 -15.40
CA LYS A 378 -0.92 42.86 -14.99
C LYS A 378 -1.09 43.45 -13.58
N LEU A 379 -2.29 43.89 -13.27
CA LEU A 379 -2.57 44.46 -11.94
C LEU A 379 -2.56 43.40 -10.86
N VAL A 380 -3.10 42.21 -11.18
CA VAL A 380 -3.12 41.12 -10.22
C VAL A 380 -1.69 40.63 -9.98
N GLY A 381 -0.87 40.57 -11.03
CA GLY A 381 0.54 40.21 -10.91
C GLY A 381 1.32 41.15 -10.00
N GLU A 382 1.06 42.44 -10.14
CA GLU A 382 1.76 43.49 -9.40
C GLU A 382 1.35 43.56 -7.93
N PHE A 383 0.04 43.49 -7.69
CA PHE A 383 -0.49 43.72 -6.36
C PHE A 383 -0.83 42.48 -5.56
N LEU A 384 -1.06 41.34 -6.22
CA LEU A 384 -1.45 40.12 -5.46
C LEU A 384 -0.46 38.97 -5.59
N GLU A 385 -0.14 38.57 -6.81
CA GLU A 385 0.69 37.38 -7.05
C GLU A 385 2.03 37.42 -6.32
N VAL A 386 2.66 38.58 -6.36
CA VAL A 386 3.89 38.88 -5.62
C VAL A 386 3.86 38.63 -4.10
N THR A 387 2.68 38.72 -3.49
CA THR A 387 2.56 38.52 -2.04
C THR A 387 2.28 37.06 -1.65
N CYS A 388 2.17 36.21 -2.66
CA CYS A 388 1.86 34.80 -2.45
C CYS A 388 3.14 33.97 -2.31
N ILE A 389 3.61 33.83 -1.07
CA ILE A 389 4.78 33.01 -0.72
C ILE A 389 4.38 31.60 -0.30
N ASN A 390 3.50 31.52 0.70
CA ASN A 390 2.83 30.28 1.03
C ASN A 390 1.84 29.92 -0.09
N PRO A 391 1.52 28.62 -0.26
CA PRO A 391 0.50 28.23 -1.22
C PRO A 391 -0.79 29.02 -0.96
N THR A 392 -1.24 29.74 -1.99
CA THR A 392 -2.39 30.64 -1.91
C THR A 392 -3.27 30.45 -3.14
N PHE A 393 -4.55 30.18 -2.91
CA PHE A 393 -5.54 30.15 -3.99
C PHE A 393 -6.00 31.58 -4.23
N ILE A 394 -5.83 32.07 -5.45
CA ILE A 394 -6.45 33.30 -5.90
C ILE A 394 -7.69 32.89 -6.68
N CYS A 395 -8.85 33.42 -6.29
CA CYS A 395 -10.16 32.85 -6.63
C CYS A 395 -11.12 33.77 -7.35
N ASP A 396 -12.06 33.16 -8.08
CA ASP A 396 -13.22 33.82 -8.66
C ASP A 396 -12.89 34.88 -9.73
N HIS A 397 -12.04 34.50 -10.66
CA HIS A 397 -11.66 35.35 -11.78
C HIS A 397 -12.88 35.82 -12.57
N PRO A 398 -12.90 37.11 -12.99
CA PRO A 398 -13.87 37.63 -13.95
C PRO A 398 -14.00 36.79 -15.19
N GLN A 399 -15.20 36.72 -15.74
CA GLN A 399 -15.50 35.92 -16.91
C GLN A 399 -14.66 36.36 -18.12
N ILE A 400 -14.42 37.66 -18.22
CA ILE A 400 -13.64 38.22 -19.32
C ILE A 400 -12.19 37.66 -19.41
N MET A 401 -11.65 37.17 -18.30
CA MET A 401 -10.34 36.52 -18.28
C MET A 401 -10.40 34.99 -18.42
N SER A 402 -11.61 34.44 -18.55
CA SER A 402 -11.82 32.99 -18.35
C SER A 402 -12.80 32.43 -19.36
N PRO A 403 -12.41 32.42 -20.64
CA PRO A 403 -13.34 32.00 -21.68
C PRO A 403 -13.85 30.55 -21.64
N LEU A 404 -13.35 29.71 -20.72
CA LEU A 404 -13.75 28.30 -20.71
C LEU A 404 -14.27 27.87 -19.35
N ALA A 405 -14.37 28.81 -18.43
CA ALA A 405 -14.82 28.52 -17.07
C ALA A 405 -16.29 28.86 -16.87
N LYS A 406 -16.97 28.10 -16.01
CA LYS A 406 -18.41 28.28 -15.75
C LYS A 406 -18.65 29.53 -14.92
N TRP A 407 -19.69 30.26 -15.27
CA TRP A 407 -20.05 31.48 -14.53
C TRP A 407 -20.20 31.12 -13.06
N HIS A 408 -19.97 32.09 -12.19
CA HIS A 408 -20.08 31.87 -10.76
C HIS A 408 -21.56 31.85 -10.34
N ARG A 409 -21.93 30.93 -9.46
CA ARG A 409 -23.36 30.67 -9.16
C ARG A 409 -24.05 31.81 -8.37
N SER A 410 -23.27 32.65 -7.71
CA SER A 410 -23.82 33.80 -7.00
C SER A 410 -23.26 35.18 -7.42
N LYS A 411 -22.07 35.21 -8.03
CA LYS A 411 -21.45 36.49 -8.34
C LYS A 411 -21.41 36.79 -9.83
N GLU A 412 -22.33 37.64 -10.28
CA GLU A 412 -22.44 37.90 -11.71
C GLU A 412 -21.21 38.63 -12.21
N GLY A 413 -20.66 38.12 -13.32
CA GLY A 413 -19.46 38.67 -13.93
C GLY A 413 -18.23 37.84 -13.62
N LEU A 414 -18.32 37.02 -12.58
CA LEU A 414 -17.23 36.16 -12.15
C LEU A 414 -17.40 34.70 -12.59
N THR A 415 -16.36 33.90 -12.35
CA THR A 415 -16.39 32.47 -12.71
C THR A 415 -15.96 31.67 -11.50
N GLU A 416 -16.16 30.36 -11.56
CA GLU A 416 -15.69 29.47 -10.51
C GLU A 416 -14.31 28.96 -10.92
N ARG A 417 -13.31 29.77 -10.63
CA ARG A 417 -11.96 29.54 -11.06
C ARG A 417 -11.04 29.80 -9.87
N PHE A 418 -9.93 29.07 -9.79
CA PHE A 418 -8.86 29.45 -8.89
C PHE A 418 -7.51 29.21 -9.56
N GLU A 419 -6.48 29.85 -9.01
CA GLU A 419 -5.12 29.57 -9.41
C GLU A 419 -4.28 29.47 -8.13
N LEU A 420 -3.38 28.49 -8.08
CA LEU A 420 -2.48 28.30 -6.93
C LEU A 420 -1.17 29.02 -7.24
N PHE A 421 -0.79 29.91 -6.32
CA PHE A 421 0.48 30.60 -6.38
C PHE A 421 1.30 30.13 -5.19
N VAL A 422 2.59 29.92 -5.44
CA VAL A 422 3.56 29.44 -4.44
C VAL A 422 4.85 30.12 -4.74
N MET A 423 5.43 30.81 -3.75
CA MET A 423 6.69 31.52 -3.93
C MET A 423 6.64 32.46 -5.13
N LYS A 424 5.54 33.18 -5.27
CA LYS A 424 5.35 34.21 -6.31
C LYS A 424 5.10 33.69 -7.73
N LYS A 425 4.90 32.38 -7.88
CA LYS A 425 4.82 31.76 -9.18
C LYS A 425 3.47 31.07 -9.28
N GLU A 426 2.88 31.16 -10.47
CA GLU A 426 1.67 30.42 -10.73
C GLU A 426 1.99 28.94 -10.91
N ILE A 427 1.24 28.10 -10.19
CA ILE A 427 1.45 26.67 -10.18
C ILE A 427 0.29 25.94 -10.87
N CYS A 428 -0.96 26.26 -10.49
CA CYS A 428 -2.16 25.59 -11.05
C CYS A 428 -3.19 26.58 -11.58
N ASN A 429 -4.05 26.10 -12.47
CA ASN A 429 -5.15 26.85 -13.07
C ASN A 429 -6.30 25.86 -13.22
N ALA A 430 -7.42 26.13 -12.54
CA ALA A 430 -8.53 25.20 -12.44
C ALA A 430 -9.87 25.91 -12.37
N TYR A 431 -10.92 25.22 -12.80
CA TYR A 431 -12.24 25.77 -12.71
C TYR A 431 -13.33 24.75 -12.91
N THR A 432 -14.53 25.12 -12.49
CA THR A 432 -15.70 24.36 -12.87
C THR A 432 -15.79 24.65 -14.36
N GLU A 433 -15.92 23.61 -15.16
CA GLU A 433 -15.90 23.75 -16.63
C GLU A 433 -17.19 24.35 -17.18
N LEU A 434 -17.08 25.19 -18.20
CA LEU A 434 -18.27 25.73 -18.84
C LEU A 434 -18.82 24.65 -19.76
N ASN A 435 -20.06 24.25 -19.53
CA ASN A 435 -20.62 23.13 -20.29
C ASN A 435 -21.92 23.51 -21.05
N ASP A 436 -22.34 24.76 -20.93
CA ASP A 436 -23.40 25.32 -21.77
C ASP A 436 -22.82 25.68 -23.15
N PRO A 437 -23.23 24.93 -24.19
CA PRO A 437 -22.69 25.09 -25.54
C PRO A 437 -22.94 26.45 -26.14
N MET A 438 -24.08 27.06 -25.79
CA MET A 438 -24.44 28.37 -26.33
C MET A 438 -23.53 29.45 -25.76
N ARG A 439 -23.36 29.43 -24.44
CA ARG A 439 -22.46 30.36 -23.76
C ARG A 439 -20.99 30.10 -24.16
N GLN A 440 -20.61 28.84 -24.34
CA GLN A 440 -19.25 28.55 -24.81
C GLN A 440 -19.04 29.17 -26.20
N ARG A 441 -20.03 29.05 -27.07
CA ARG A 441 -19.89 29.57 -28.43
C ARG A 441 -19.76 31.08 -28.46
N GLN A 442 -20.55 31.76 -27.65
CA GLN A 442 -20.49 33.20 -27.60
C GLN A 442 -19.12 33.64 -27.07
N LEU A 443 -18.63 32.94 -26.06
CA LEU A 443 -17.31 33.23 -25.53
C LEU A 443 -16.18 33.00 -26.54
N PHE A 444 -16.31 31.98 -27.41
CA PHE A 444 -15.34 31.77 -28.48
C PHE A 444 -15.36 32.91 -29.50
N GLU A 445 -16.56 33.37 -29.87
CA GLU A 445 -16.71 34.46 -30.84
C GLU A 445 -16.08 35.77 -30.33
N GLU A 446 -16.17 36.02 -29.03
CA GLU A 446 -15.52 37.18 -28.42
C GLU A 446 -13.99 37.07 -28.50
N GLN A 447 -13.48 35.84 -28.39
CA GLN A 447 -12.05 35.57 -28.58
C GLN A 447 -11.65 35.79 -30.03
N ALA A 448 -12.47 35.33 -30.97
CA ALA A 448 -12.17 35.45 -32.41
C ALA A 448 -12.19 36.91 -32.85
N LYS A 449 -13.14 37.67 -32.33
CA LYS A 449 -13.17 39.11 -32.50
C LYS A 449 -11.86 39.73 -32.01
N ALA A 450 -11.39 39.36 -30.82
CA ALA A 450 -10.11 39.85 -30.31
C ALA A 450 -8.90 39.47 -31.19
N LYS A 451 -8.89 38.23 -31.67
CA LYS A 451 -7.84 37.73 -32.55
C LYS A 451 -7.71 38.61 -33.79
N ALA A 452 -8.83 38.83 -34.47
CA ALA A 452 -8.86 39.66 -35.68
C ALA A 452 -8.52 41.14 -35.38
N ALA A 453 -8.78 41.59 -34.15
CA ALA A 453 -8.46 42.94 -33.73
C ALA A 453 -6.98 43.17 -33.45
N GLY A 454 -6.23 42.10 -33.16
CA GLY A 454 -4.80 42.28 -32.86
C GLY A 454 -4.06 41.15 -32.16
N ASP A 455 -4.60 40.62 -31.06
CA ASP A 455 -3.80 39.69 -30.24
C ASP A 455 -3.66 38.30 -30.84
N ASP A 456 -2.42 37.85 -30.90
CA ASP A 456 -2.12 36.58 -31.53
C ASP A 456 -2.22 35.44 -30.51
N GLU A 457 -2.64 35.80 -29.29
CA GLU A 457 -2.82 34.84 -28.22
C GLU A 457 -4.28 34.42 -28.02
N ALA A 458 -5.21 35.22 -28.52
CA ALA A 458 -6.64 34.93 -28.36
C ALA A 458 -7.02 33.60 -28.99
N MET A 459 -8.04 32.94 -28.47
CA MET A 459 -8.45 31.60 -28.92
C MET A 459 -9.15 31.57 -30.27
N PHE A 460 -9.00 30.47 -30.99
CA PHE A 460 -9.74 30.18 -32.20
C PHE A 460 -11.10 29.61 -31.80
N ILE A 461 -12.15 29.93 -32.56
CA ILE A 461 -13.44 29.28 -32.36
C ILE A 461 -13.27 27.81 -32.66
N ASP A 462 -13.72 26.95 -31.75
CA ASP A 462 -13.66 25.50 -32.00
C ASP A 462 -15.05 24.90 -32.10
N GLU A 463 -15.56 24.85 -33.32
CA GLU A 463 -16.89 24.33 -33.62
C GLU A 463 -17.07 22.82 -33.34
N ASN A 464 -16.03 22.01 -33.54
CA ASN A 464 -16.08 20.57 -33.16
C ASN A 464 -16.28 20.40 -31.65
N PHE A 465 -15.59 21.23 -30.87
CA PHE A 465 -15.75 21.21 -29.43
C PHE A 465 -17.13 21.67 -28.97
N CYS A 466 -17.61 22.80 -29.50
CA CYS A 466 -18.98 23.26 -29.23
C CYS A 466 -20.02 22.22 -29.59
N THR A 467 -19.82 21.50 -30.68
CA THR A 467 -20.71 20.39 -31.04
C THR A 467 -20.66 19.26 -29.99
N ALA A 468 -19.46 18.95 -29.49
CA ALA A 468 -19.35 17.98 -28.41
C ALA A 468 -20.17 18.41 -27.20
N LEU A 469 -20.11 19.69 -26.86
CA LEU A 469 -20.88 20.25 -25.73
C LEU A 469 -22.39 20.18 -25.91
N GLU A 470 -22.83 20.02 -27.16
CA GLU A 470 -24.24 19.88 -27.49
C GLU A 470 -24.77 18.46 -27.23
N TYR A 471 -23.87 17.49 -27.02
CA TYR A 471 -24.24 16.13 -26.67
C TYR A 471 -24.33 15.93 -25.18
N GLY A 472 -23.89 16.93 -24.41
CA GLY A 472 -24.04 16.87 -22.97
C GLY A 472 -22.73 16.58 -22.28
N LEU A 473 -22.05 17.61 -21.80
CA LEU A 473 -20.95 17.46 -20.85
C LEU A 473 -21.51 17.54 -19.44
N PRO A 474 -21.40 16.45 -18.70
CA PRO A 474 -21.81 16.49 -17.30
C PRO A 474 -21.12 17.65 -16.57
N PRO A 475 -21.75 18.14 -15.49
CA PRO A 475 -21.06 19.13 -14.71
C PRO A 475 -19.70 18.54 -14.26
N THR A 476 -18.62 19.30 -14.50
CA THR A 476 -17.25 18.84 -14.38
C THR A 476 -16.34 19.97 -13.89
N ALA A 477 -15.25 19.61 -13.24
CA ALA A 477 -14.21 20.54 -12.87
C ALA A 477 -12.89 19.99 -13.39
N GLY A 478 -12.06 20.86 -13.95
CA GLY A 478 -10.79 20.45 -14.50
C GLY A 478 -9.64 21.23 -13.89
N TRP A 479 -8.42 20.78 -14.16
CA TRP A 479 -7.30 21.28 -13.40
C TRP A 479 -6.01 21.10 -14.17
N GLY A 480 -5.13 22.09 -14.08
CA GLY A 480 -3.87 22.11 -14.85
C GLY A 480 -2.73 22.58 -13.97
N MET A 481 -1.68 21.80 -13.90
CA MET A 481 -0.52 22.18 -13.07
C MET A 481 0.79 22.09 -13.82
N GLY A 482 1.61 23.14 -13.73
CA GLY A 482 2.95 23.11 -14.26
C GLY A 482 3.88 22.26 -13.41
N ILE A 483 4.26 21.09 -13.93
CA ILE A 483 5.31 20.25 -13.32
C ILE A 483 6.66 20.96 -13.11
N ASP A 484 7.10 21.73 -14.11
CA ASP A 484 8.35 22.46 -14.02
C ASP A 484 8.31 23.44 -12.86
N ARG A 485 7.22 24.20 -12.76
CA ARG A 485 6.99 25.16 -11.65
C ARG A 485 7.03 24.52 -10.28
N VAL A 486 6.36 23.37 -10.11
CA VAL A 486 6.43 22.60 -8.88
C VAL A 486 7.87 22.16 -8.60
N ALA A 487 8.56 21.67 -9.62
CA ALA A 487 9.95 21.22 -9.46
C ALA A 487 10.88 22.36 -9.03
N MET A 488 10.61 23.58 -9.54
CA MET A 488 11.31 24.78 -9.11
C MET A 488 11.21 25.00 -7.60
N PHE A 489 9.98 25.06 -7.09
CA PHE A 489 9.77 25.39 -5.68
C PHE A 489 10.09 24.25 -4.69
N LEU A 490 10.16 23.02 -5.18
CA LEU A 490 10.54 21.89 -4.33
C LEU A 490 12.06 21.72 -4.25
N THR A 491 12.79 22.33 -5.18
CA THR A 491 14.24 22.29 -5.18
C THR A 491 14.82 23.68 -4.91
N ASP A 492 13.95 24.64 -4.58
CA ASP A 492 14.34 26.03 -4.29
C ASP A 492 15.16 26.65 -5.41
N SER A 493 14.70 26.49 -6.65
CA SER A 493 15.36 27.11 -7.81
C SER A 493 14.55 28.30 -8.25
N ASN A 494 15.25 29.39 -8.58
CA ASN A 494 14.60 30.61 -9.03
C ASN A 494 14.57 30.65 -10.54
N ASN A 495 15.28 29.73 -11.17
CA ASN A 495 15.45 29.72 -12.62
C ASN A 495 14.98 28.37 -13.17
N ILE A 496 13.98 28.40 -14.04
CA ILE A 496 13.39 27.18 -14.61
C ILE A 496 14.46 26.29 -15.28
N LYS A 497 15.56 26.89 -15.77
CA LYS A 497 16.67 26.13 -16.36
C LYS A 497 17.30 25.09 -15.43
N GLU A 498 17.10 25.28 -14.11
CA GLU A 498 17.61 24.36 -13.11
C GLU A 498 16.86 23.03 -13.07
N VAL A 499 15.63 23.05 -13.57
CA VAL A 499 14.80 21.85 -13.49
C VAL A 499 14.40 21.26 -14.85
N LEU A 500 14.99 21.78 -15.93
CA LEU A 500 14.85 21.17 -17.25
C LEU A 500 16.19 20.61 -17.66
N LEU A 501 16.22 19.34 -18.03
CA LEU A 501 17.48 18.71 -18.45
C LEU A 501 18.18 19.47 -19.58
N PHE A 502 17.44 19.81 -20.65
CA PHE A 502 17.99 20.57 -21.76
C PHE A 502 17.15 21.81 -22.10
N PRO A 503 17.32 22.89 -21.32
CA PRO A 503 16.46 24.05 -21.49
C PRO A 503 16.71 24.72 -22.83
N ALA A 504 15.69 25.40 -23.34
CA ALA A 504 15.84 26.22 -24.52
C ALA A 504 16.78 27.39 -24.21
N MET A 505 17.53 27.77 -25.21
CA MET A 505 18.64 28.68 -25.06
C MET A 505 18.73 29.56 -26.29
N LYS A 506 19.03 30.85 -26.09
CA LYS A 506 19.19 31.78 -27.22
C LYS A 506 20.40 31.33 -28.03
N PRO A 507 20.32 31.43 -29.37
CA PRO A 507 21.32 30.82 -30.27
C PRO A 507 22.78 31.13 -29.89
N GLU A 508 23.69 30.27 -30.33
CA GLU A 508 25.11 30.45 -30.08
C GLU A 508 25.63 31.77 -30.68
N ASP B 4 -34.97 15.42 -40.08
CA ASP B 4 -35.36 15.13 -38.67
C ASP B 4 -34.28 15.51 -37.65
N PRO B 5 -33.02 15.03 -37.85
CA PRO B 5 -31.97 15.35 -36.86
C PRO B 5 -31.76 16.85 -36.72
N ASN B 6 -31.69 17.54 -37.85
CA ASN B 6 -31.59 18.99 -37.86
C ASN B 6 -32.79 19.66 -37.17
N GLN B 7 -33.97 19.05 -37.33
CA GLN B 7 -35.18 19.59 -36.70
C GLN B 7 -35.13 19.40 -35.20
N TYR B 8 -34.91 18.16 -34.79
CA TYR B 8 -34.71 17.82 -33.39
C TYR B 8 -33.78 18.82 -32.70
N TYR B 9 -32.59 18.98 -33.25
CA TYR B 9 -31.64 19.95 -32.75
C TYR B 9 -32.26 21.32 -32.51
N LYS B 10 -32.93 21.84 -33.55
CA LYS B 10 -33.56 23.15 -33.48
C LYS B 10 -34.67 23.18 -32.44
N ILE B 11 -35.45 22.10 -32.36
CA ILE B 11 -36.54 22.04 -31.40
C ILE B 11 -36.03 21.88 -29.96
N ARG B 12 -35.02 21.02 -29.78
CA ARG B 12 -34.47 20.78 -28.45
C ARG B 12 -33.76 22.01 -27.93
N SER B 13 -33.04 22.72 -28.81
CA SER B 13 -32.32 23.95 -28.45
C SER B 13 -33.26 25.03 -27.91
N GLN B 14 -34.43 25.14 -28.52
CA GLN B 14 -35.42 26.13 -28.13
C GLN B 14 -36.00 25.72 -26.77
N ALA B 15 -36.28 24.42 -26.60
CA ALA B 15 -36.79 23.91 -25.33
C ALA B 15 -35.82 24.19 -24.20
N ILE B 16 -34.54 23.91 -24.44
CA ILE B 16 -33.50 24.19 -23.45
C ILE B 16 -33.36 25.70 -23.20
N HIS B 17 -33.37 26.47 -24.27
CA HIS B 17 -33.33 27.93 -24.14
C HIS B 17 -34.52 28.43 -23.34
N GLN B 18 -35.67 27.81 -23.54
CA GLN B 18 -36.85 28.17 -22.79
C GLN B 18 -36.69 27.89 -21.29
N LEU B 19 -35.98 26.81 -20.94
CA LEU B 19 -35.73 26.47 -19.53
C LEU B 19 -34.81 27.48 -18.81
N LYS B 20 -33.79 27.99 -19.50
CA LYS B 20 -32.95 29.03 -18.91
C LYS B 20 -33.78 30.30 -18.66
N VAL B 21 -34.64 30.65 -19.62
CA VAL B 21 -35.47 31.84 -19.47
C VAL B 21 -36.64 31.64 -18.50
N ASN B 22 -36.93 30.39 -18.13
CA ASN B 22 -37.91 30.12 -17.08
C ASN B 22 -37.28 29.93 -15.71
N GLY B 23 -35.99 30.21 -15.60
CA GLY B 23 -35.27 30.02 -14.34
C GLY B 23 -35.06 28.57 -13.90
N GLU B 24 -35.18 27.64 -14.85
CA GLU B 24 -34.95 26.21 -14.61
C GLU B 24 -33.65 25.81 -15.29
N ASP B 25 -32.53 26.14 -14.66
CA ASP B 25 -31.22 26.01 -15.32
C ASP B 25 -30.91 24.58 -15.70
N PRO B 26 -30.86 24.31 -17.01
CA PRO B 26 -30.62 22.96 -17.49
C PRO B 26 -29.17 22.52 -17.32
N TYR B 27 -28.28 23.43 -16.89
CA TYR B 27 -26.87 23.11 -16.63
C TYR B 27 -26.47 23.51 -15.22
N PRO B 28 -27.02 22.81 -14.22
CA PRO B 28 -26.71 23.20 -12.82
C PRO B 28 -25.23 23.03 -12.49
N HIS B 29 -24.76 23.76 -11.48
CA HIS B 29 -23.35 23.79 -11.13
C HIS B 29 -22.78 22.50 -10.52
N LYS B 30 -23.52 21.92 -9.58
CA LYS B 30 -23.00 20.84 -8.76
C LYS B 30 -24.11 19.86 -8.37
N PHE B 31 -23.92 18.60 -8.73
CA PHE B 31 -24.76 17.52 -8.23
C PHE B 31 -23.87 16.62 -7.39
N HIS B 32 -24.27 16.41 -6.14
CA HIS B 32 -23.50 15.55 -5.26
C HIS B 32 -23.80 14.07 -5.46
N VAL B 33 -22.85 13.36 -6.07
CA VAL B 33 -23.00 11.92 -6.34
C VAL B 33 -22.54 11.09 -5.14
N ASP B 34 -23.45 10.29 -4.60
CA ASP B 34 -23.19 9.51 -3.39
C ASP B 34 -22.37 8.25 -3.68
N ILE B 35 -22.51 7.71 -4.87
CA ILE B 35 -22.00 6.40 -5.17
C ILE B 35 -22.01 6.24 -6.68
N SER B 36 -20.94 5.64 -7.20
CA SER B 36 -20.85 5.37 -8.60
C SER B 36 -21.83 4.25 -8.98
N LEU B 37 -22.12 4.13 -10.27
CA LEU B 37 -23.00 3.07 -10.77
C LEU B 37 -22.39 1.69 -10.51
N THR B 38 -21.08 1.60 -10.68
CA THR B 38 -20.36 0.35 -10.48
C THR B 38 -20.46 -0.16 -9.04
N ASP B 39 -20.29 0.76 -8.10
CA ASP B 39 -20.39 0.45 -6.68
C ASP B 39 -21.80 0.17 -6.21
N PHE B 40 -22.77 0.86 -6.81
CA PHE B 40 -24.18 0.65 -6.52
C PHE B 40 -24.57 -0.77 -6.91
N ILE B 41 -24.03 -1.24 -8.04
CA ILE B 41 -24.28 -2.58 -8.52
C ILE B 41 -23.62 -3.65 -7.64
N GLN B 42 -22.47 -3.33 -7.03
CA GLN B 42 -21.76 -4.29 -6.20
C GLN B 42 -22.41 -4.34 -4.82
N LYS B 43 -22.98 -3.22 -4.41
CA LYS B 43 -23.60 -3.11 -3.11
C LYS B 43 -24.98 -3.75 -3.05
N TYR B 44 -25.69 -3.77 -4.17
CA TYR B 44 -27.06 -4.27 -4.14
C TYR B 44 -27.33 -5.49 -5.00
N SER B 45 -26.25 -6.18 -5.37
CA SER B 45 -26.33 -7.41 -6.16
C SER B 45 -27.13 -8.52 -5.46
N HIS B 46 -27.38 -8.33 -4.16
CA HIS B 46 -28.01 -9.34 -3.33
C HIS B 46 -29.50 -9.09 -3.12
N LEU B 47 -30.06 -8.10 -3.80
CA LEU B 47 -31.49 -7.84 -3.65
C LEU B 47 -32.32 -8.89 -4.39
N GLN B 48 -33.60 -8.97 -4.05
CA GLN B 48 -34.52 -9.89 -4.72
C GLN B 48 -35.72 -9.19 -5.34
N PRO B 49 -36.27 -9.81 -6.42
CA PRO B 49 -37.45 -9.36 -7.14
C PRO B 49 -38.50 -8.75 -6.22
N GLY B 50 -38.89 -7.52 -6.47
CA GLY B 50 -39.91 -6.83 -5.66
C GLY B 50 -39.37 -6.00 -4.51
N ASP B 51 -38.10 -6.20 -4.16
CA ASP B 51 -37.44 -5.40 -3.11
C ASP B 51 -37.51 -3.91 -3.38
N HIS B 52 -37.76 -3.14 -2.34
CA HIS B 52 -37.70 -1.68 -2.41
C HIS B 52 -37.23 -1.12 -1.08
N LEU B 53 -35.91 -0.95 -0.94
CA LEU B 53 -35.32 -0.46 0.30
C LEU B 53 -35.65 1.00 0.55
N THR B 54 -36.84 1.25 1.09
CA THR B 54 -37.29 2.61 1.33
C THR B 54 -36.50 3.22 2.47
N ASP B 55 -35.73 2.37 3.14
CA ASP B 55 -34.90 2.78 4.27
C ASP B 55 -33.83 3.77 3.80
N ILE B 56 -33.23 3.48 2.65
CA ILE B 56 -32.05 4.18 2.20
C ILE B 56 -32.24 4.97 0.91
N THR B 57 -31.61 6.14 0.85
CA THR B 57 -31.70 6.99 -0.32
C THR B 57 -30.31 7.41 -0.82
N LEU B 58 -30.00 7.03 -2.05
CA LEU B 58 -28.72 7.36 -2.67
C LEU B 58 -28.90 8.36 -3.81
N LYS B 59 -27.81 9.04 -4.16
CA LYS B 59 -27.77 9.87 -5.35
C LYS B 59 -26.77 9.31 -6.34
N VAL B 60 -27.27 8.95 -7.53
CA VAL B 60 -26.44 8.51 -8.64
C VAL B 60 -26.59 9.43 -9.84
N ALA B 61 -25.76 9.20 -10.86
CA ALA B 61 -25.75 10.02 -12.04
C ALA B 61 -25.29 9.21 -13.26
N GLY B 62 -25.70 9.62 -14.45
CA GLY B 62 -25.38 8.93 -15.68
C GLY B 62 -26.04 9.55 -16.91
N ARG B 63 -25.81 8.92 -18.07
CA ARG B 63 -26.43 9.34 -19.30
C ARG B 63 -27.64 8.45 -19.59
N ILE B 64 -28.76 9.07 -19.97
CA ILE B 64 -29.98 8.32 -20.32
C ILE B 64 -29.78 7.66 -21.64
N HIS B 65 -29.81 6.33 -21.65
CA HIS B 65 -29.71 5.62 -22.93
C HIS B 65 -31.06 5.24 -23.54
N ALA B 66 -32.11 5.21 -22.72
CA ALA B 66 -33.45 4.94 -23.19
C ALA B 66 -34.49 5.44 -22.22
N LYS B 67 -35.54 6.06 -22.76
CA LYS B 67 -36.68 6.52 -21.97
C LYS B 67 -37.92 5.74 -22.39
N ARG B 68 -38.49 4.97 -21.47
CA ARG B 68 -39.63 4.12 -21.82
C ARG B 68 -40.77 4.20 -20.82
N ALA B 69 -41.83 4.89 -21.20
CA ALA B 69 -43.02 4.99 -20.37
C ALA B 69 -43.89 3.76 -20.56
N SER B 70 -44.41 3.21 -19.47
CA SER B 70 -45.43 2.17 -19.60
C SER B 70 -46.79 2.87 -19.72
N GLY B 71 -47.41 3.17 -18.59
CA GLY B 71 -48.62 3.95 -18.60
C GLY B 71 -48.25 5.42 -18.48
N GLY B 72 -48.97 6.14 -17.62
CA GLY B 72 -48.71 7.56 -17.42
C GLY B 72 -48.15 7.85 -16.04
N LYS B 73 -48.18 6.84 -15.18
CA LYS B 73 -47.67 6.96 -13.83
C LYS B 73 -46.42 6.09 -13.59
N LEU B 74 -45.79 5.66 -14.68
CA LEU B 74 -44.62 4.79 -14.60
C LEU B 74 -43.69 5.02 -15.78
N ILE B 75 -42.38 5.10 -15.52
CA ILE B 75 -41.43 5.28 -16.61
C ILE B 75 -40.07 4.65 -16.29
N PHE B 76 -39.46 4.05 -17.29
CA PHE B 76 -38.18 3.38 -17.13
C PHE B 76 -37.09 4.14 -17.86
N TYR B 77 -36.04 4.53 -17.13
CA TYR B 77 -34.88 5.15 -17.73
C TYR B 77 -33.69 4.20 -17.65
N ASP B 78 -33.05 3.95 -18.80
CA ASP B 78 -31.83 3.12 -18.86
C ASP B 78 -30.61 4.03 -18.68
N LEU B 79 -30.12 4.08 -17.45
CA LEU B 79 -29.05 4.98 -17.06
C LEU B 79 -27.74 4.28 -17.28
N ARG B 80 -26.81 4.93 -17.98
CA ARG B 80 -25.51 4.33 -18.25
C ARG B 80 -24.35 5.19 -17.83
N GLY B 81 -23.24 4.53 -17.57
CA GLY B 81 -22.06 5.17 -17.03
C GLY B 81 -21.02 4.12 -16.66
N GLU B 82 -19.76 4.45 -16.95
CA GLU B 82 -18.63 3.64 -16.52
C GLU B 82 -18.59 2.25 -17.16
N GLY B 83 -19.16 2.12 -18.35
CA GLY B 83 -19.23 0.81 -19.01
C GLY B 83 -20.31 -0.09 -18.44
N VAL B 84 -21.16 0.49 -17.59
CA VAL B 84 -22.13 -0.25 -16.81
C VAL B 84 -23.54 0.35 -17.02
N LYS B 85 -24.58 -0.26 -16.48
CA LYS B 85 -25.93 0.32 -16.58
C LYS B 85 -26.79 0.07 -15.33
N LEU B 86 -27.76 0.94 -15.08
CA LEU B 86 -28.69 0.83 -13.98
C LEU B 86 -30.06 1.34 -14.40
N GLN B 87 -31.10 0.56 -14.11
CA GLN B 87 -32.45 0.96 -14.47
C GLN B 87 -33.07 1.95 -13.48
N VAL B 88 -33.56 3.07 -14.00
CA VAL B 88 -34.35 3.95 -13.17
C VAL B 88 -35.81 3.59 -13.37
N MET B 89 -36.46 3.15 -12.29
CA MET B 89 -37.88 2.83 -12.33
C MET B 89 -38.66 3.98 -11.70
N ALA B 90 -39.07 4.93 -12.53
CA ALA B 90 -39.76 6.10 -12.00
C ALA B 90 -41.24 5.85 -11.99
N ASN B 91 -41.84 5.99 -10.81
CA ASN B 91 -43.29 5.89 -10.71
C ASN B 91 -43.79 7.06 -9.90
N SER B 92 -45.02 7.47 -10.18
CA SER B 92 -45.60 8.72 -9.71
C SER B 92 -45.83 8.78 -8.19
N ARG B 93 -46.15 7.64 -7.59
CA ARG B 93 -46.44 7.53 -6.15
C ARG B 93 -45.19 7.78 -5.32
N ASN B 94 -44.05 7.41 -5.88
CA ASN B 94 -42.77 7.51 -5.16
C ASN B 94 -42.03 8.82 -5.39
N TYR B 95 -42.34 9.47 -6.51
CA TYR B 95 -41.72 10.74 -6.81
C TYR B 95 -42.18 11.83 -5.84
N LYS B 96 -41.32 12.82 -5.62
CA LYS B 96 -41.61 14.01 -4.83
C LYS B 96 -43.09 14.39 -4.81
N SER B 97 -43.67 14.46 -5.99
CA SER B 97 -45.06 14.86 -6.17
C SER B 97 -45.48 14.52 -7.58
N GLU B 98 -46.78 14.44 -7.81
CA GLU B 98 -47.32 13.97 -9.07
C GLU B 98 -47.12 15.02 -10.16
N GLU B 99 -47.19 16.28 -9.76
CA GLU B 99 -47.04 17.43 -10.65
C GLU B 99 -45.60 17.50 -11.18
N GLU B 100 -44.64 17.35 -10.26
CA GLU B 100 -43.21 17.36 -10.60
C GLU B 100 -42.81 16.11 -11.39
N PHE B 101 -43.53 15.02 -11.14
CA PHE B 101 -43.29 13.80 -11.87
C PHE B 101 -43.60 13.96 -13.36
N ILE B 102 -44.74 14.55 -13.70
CA ILE B 102 -45.06 14.79 -15.13
C ILE B 102 -44.07 15.78 -15.73
N HIS B 103 -43.73 16.79 -14.96
CA HIS B 103 -42.88 17.87 -15.42
C HIS B 103 -41.50 17.40 -15.83
N ILE B 104 -40.87 16.57 -14.98
CA ILE B 104 -39.54 16.04 -15.28
C ILE B 104 -39.56 15.11 -16.49
N ASN B 105 -40.59 14.27 -16.60
CA ASN B 105 -40.69 13.35 -17.71
C ASN B 105 -40.96 14.03 -19.02
N ASN B 106 -41.66 15.16 -18.99
CA ASN B 106 -41.90 15.88 -20.22
C ASN B 106 -40.59 16.53 -20.67
N LYS B 107 -39.79 16.94 -19.69
CA LYS B 107 -38.53 17.61 -19.92
C LYS B 107 -37.37 16.70 -20.41
N LEU B 108 -37.32 15.44 -19.94
CA LEU B 108 -36.19 14.53 -20.24
C LEU B 108 -36.22 13.87 -21.62
N ARG B 109 -35.04 13.57 -22.16
CA ARG B 109 -34.92 12.84 -23.41
C ARG B 109 -33.68 11.96 -23.45
N ARG B 110 -33.72 10.98 -24.34
CA ARG B 110 -32.60 10.11 -24.61
C ARG B 110 -31.34 10.96 -24.85
N GLY B 111 -30.23 10.57 -24.23
CA GLY B 111 -29.01 11.35 -24.30
C GLY B 111 -28.73 12.19 -23.07
N ASP B 112 -29.79 12.67 -22.40
CA ASP B 112 -29.62 13.59 -21.28
C ASP B 112 -28.77 13.00 -20.14
N ILE B 113 -27.92 13.83 -19.55
CA ILE B 113 -27.23 13.48 -18.31
C ILE B 113 -28.15 13.84 -17.14
N ILE B 114 -28.34 12.91 -16.20
CA ILE B 114 -29.22 13.18 -15.09
C ILE B 114 -28.68 12.71 -13.77
N GLY B 115 -29.11 13.39 -12.71
CA GLY B 115 -28.85 12.98 -11.36
C GLY B 115 -30.10 12.35 -10.81
N VAL B 116 -29.93 11.26 -10.07
CA VAL B 116 -31.05 10.53 -9.50
C VAL B 116 -30.89 10.36 -7.99
N GLN B 117 -31.84 10.88 -7.23
CA GLN B 117 -31.92 10.61 -5.81
C GLN B 117 -33.07 9.64 -5.55
N GLY B 118 -32.76 8.48 -4.98
CA GLY B 118 -33.76 7.44 -4.80
C GLY B 118 -33.33 6.23 -3.98
N ASN B 119 -34.22 5.25 -3.91
CA ASN B 119 -34.03 4.03 -3.15
C ASN B 119 -33.62 2.86 -4.04
N PRO B 120 -32.67 2.02 -3.60
CA PRO B 120 -32.36 0.81 -4.34
C PRO B 120 -33.56 -0.13 -4.37
N GLY B 121 -33.69 -0.93 -5.42
CA GLY B 121 -34.86 -1.79 -5.58
C GLY B 121 -34.66 -2.84 -6.64
N LYS B 122 -35.65 -3.72 -6.79
CA LYS B 122 -35.67 -4.70 -7.88
C LYS B 122 -37.06 -4.93 -8.44
N THR B 123 -37.11 -5.07 -9.76
CA THR B 123 -38.37 -5.32 -10.45
C THR B 123 -38.76 -6.80 -10.33
N LYS B 124 -40.03 -7.10 -10.60
CA LYS B 124 -40.52 -8.49 -10.59
C LYS B 124 -39.71 -9.32 -11.55
N LYS B 125 -39.20 -8.66 -12.59
CA LYS B 125 -38.39 -9.31 -13.62
C LYS B 125 -36.94 -9.56 -13.18
N GLY B 126 -36.52 -8.95 -12.07
CA GLY B 126 -35.19 -9.21 -11.51
C GLY B 126 -34.10 -8.18 -11.81
N GLU B 127 -34.50 -7.01 -12.33
CA GLU B 127 -33.54 -5.98 -12.69
C GLU B 127 -33.29 -4.99 -11.55
N LEU B 128 -32.02 -4.86 -11.17
CA LEU B 128 -31.62 -3.88 -10.16
C LEU B 128 -32.03 -2.49 -10.59
N SER B 129 -32.64 -1.74 -9.70
CA SER B 129 -33.18 -0.44 -10.00
C SER B 129 -32.93 0.54 -8.88
N ILE B 130 -33.09 1.82 -9.21
CA ILE B 130 -33.20 2.87 -8.23
C ILE B 130 -34.60 3.47 -8.46
N ILE B 131 -35.34 3.68 -7.38
CA ILE B 131 -36.67 4.25 -7.46
C ILE B 131 -36.59 5.70 -7.00
N PRO B 132 -36.72 6.63 -7.95
CA PRO B 132 -36.47 8.04 -7.76
C PRO B 132 -37.42 8.75 -6.81
N TYR B 133 -36.88 9.57 -5.92
CA TYR B 133 -37.65 10.56 -5.24
C TYR B 133 -37.61 11.81 -6.10
N GLU B 134 -36.44 12.04 -6.72
CA GLU B 134 -36.24 13.23 -7.55
C GLU B 134 -35.18 12.99 -8.60
N ILE B 135 -35.43 13.49 -9.80
CA ILE B 135 -34.55 13.38 -10.93
C ILE B 135 -34.22 14.80 -11.40
N THR B 136 -32.92 15.05 -11.62
CA THR B 136 -32.47 16.40 -11.92
C THR B 136 -31.77 16.37 -13.27
N LEU B 137 -32.20 17.23 -14.18
CA LEU B 137 -31.52 17.37 -15.47
C LEU B 137 -30.15 18.02 -15.23
N LEU B 138 -29.08 17.30 -15.58
CA LEU B 138 -27.70 17.84 -15.40
C LEU B 138 -27.12 18.53 -16.62
N SER B 139 -27.40 18.00 -17.80
CA SER B 139 -26.86 18.51 -19.04
C SER B 139 -27.59 17.83 -20.19
N PRO B 140 -28.47 18.57 -20.88
CA PRO B 140 -29.24 18.07 -22.02
C PRO B 140 -28.39 17.69 -23.21
N CYS B 141 -28.78 16.62 -23.88
CA CYS B 141 -28.20 16.27 -25.15
C CYS B 141 -29.07 16.92 -26.24
N LEU B 142 -28.51 17.84 -27.01
CA LEU B 142 -29.30 18.60 -27.99
C LEU B 142 -29.50 17.87 -29.32
N HIS B 143 -28.84 16.73 -29.46
CA HIS B 143 -28.84 15.99 -30.72
C HIS B 143 -29.45 14.59 -30.58
N MET B 144 -29.88 14.03 -31.71
CA MET B 144 -30.33 12.65 -31.74
C MET B 144 -29.11 11.76 -31.74
N LEU B 145 -29.06 10.81 -30.82
CA LEU B 145 -27.94 9.87 -30.79
C LEU B 145 -28.16 8.79 -31.83
N PRO B 146 -27.06 8.24 -32.37
CA PRO B 146 -27.10 7.11 -33.30
C PRO B 146 -27.38 5.77 -32.60
N LYS B 155 -16.51 3.53 -39.84
CA LYS B 155 -15.35 3.77 -38.98
C LYS B 155 -15.04 5.26 -38.80
N GLU B 156 -15.12 6.03 -39.88
CA GLU B 156 -14.65 7.41 -39.81
C GLU B 156 -15.56 8.32 -38.98
N THR B 157 -16.79 7.86 -38.71
CA THR B 157 -17.69 8.60 -37.84
C THR B 157 -17.26 8.40 -36.41
N ARG B 158 -16.82 7.19 -36.10
CA ARG B 158 -16.31 6.83 -34.78
C ARG B 158 -15.01 7.61 -34.45
N TYR B 159 -14.18 7.84 -35.46
CA TYR B 159 -12.89 8.48 -35.30
C TYR B 159 -12.98 10.00 -35.23
N ARG B 160 -13.97 10.59 -35.93
CA ARG B 160 -14.19 12.04 -35.90
C ARG B 160 -15.07 12.49 -34.72
N GLN B 161 -15.86 11.57 -34.17
CA GLN B 161 -16.64 11.88 -32.96
C GLN B 161 -16.43 10.74 -31.99
N ARG B 162 -15.23 10.72 -31.41
CA ARG B 162 -14.81 9.64 -30.54
C ARG B 162 -15.67 9.64 -29.31
N TYR B 163 -16.26 10.79 -28.97
CA TYR B 163 -17.14 10.82 -27.79
C TYR B 163 -18.46 10.06 -28.02
N LEU B 164 -18.94 10.06 -29.26
CA LEU B 164 -20.08 9.23 -29.65
C LEU B 164 -19.69 7.74 -29.60
N ASP B 165 -18.57 7.41 -30.24
CA ASP B 165 -18.04 6.06 -30.22
C ASP B 165 -17.98 5.51 -28.77
N LEU B 166 -17.53 6.35 -27.85
CA LEU B 166 -17.31 5.94 -26.48
C LEU B 166 -18.61 5.77 -25.75
N ILE B 167 -19.59 6.61 -26.10
CA ILE B 167 -20.94 6.47 -25.55
C ILE B 167 -21.59 5.13 -25.97
N LEU B 168 -21.49 4.81 -27.25
CA LEU B 168 -22.31 3.75 -27.85
C LEU B 168 -21.61 2.39 -27.96
N ASN B 169 -20.28 2.38 -28.04
CA ASN B 169 -19.53 1.15 -28.22
C ASN B 169 -18.69 0.85 -26.97
N ASP B 170 -19.12 -0.16 -26.21
CA ASP B 170 -18.49 -0.49 -24.92
C ASP B 170 -17.08 -1.04 -25.11
N PHE B 171 -16.81 -1.61 -26.28
CA PHE B 171 -15.48 -2.16 -26.56
C PHE B 171 -14.39 -1.08 -26.66
N VAL B 172 -14.78 0.17 -26.92
CA VAL B 172 -13.80 1.22 -27.22
C VAL B 172 -13.03 1.63 -25.96
N ARG B 173 -13.74 1.87 -24.86
CA ARG B 173 -13.08 2.21 -23.62
C ARG B 173 -12.22 1.08 -23.09
N GLN B 174 -12.54 -0.16 -23.43
CA GLN B 174 -11.77 -1.29 -22.94
C GLN B 174 -10.41 -1.34 -23.63
N LYS B 175 -10.36 -0.98 -24.90
CA LYS B 175 -9.09 -0.89 -25.61
C LYS B 175 -8.18 0.18 -25.04
N PHE B 176 -8.75 1.31 -24.63
CA PHE B 176 -7.99 2.40 -24.09
C PHE B 176 -7.56 2.17 -22.66
N ILE B 177 -8.35 1.36 -21.94
CA ILE B 177 -7.93 0.91 -20.63
C ILE B 177 -6.73 -0.05 -20.77
N ILE B 178 -6.77 -0.91 -21.78
CA ILE B 178 -5.63 -1.76 -22.09
C ILE B 178 -4.39 -0.94 -22.51
N ARG B 179 -4.58 0.04 -23.38
CA ARG B 179 -3.50 0.93 -23.77
C ARG B 179 -2.78 1.53 -22.55
N SER B 180 -3.55 2.04 -21.60
CA SER B 180 -2.97 2.65 -20.45
C SER B 180 -2.39 1.60 -19.48
N LYS B 181 -2.87 0.38 -19.52
CA LYS B 181 -2.29 -0.65 -18.70
C LYS B 181 -0.93 -1.06 -19.21
N ILE B 182 -0.79 -1.14 -20.54
CA ILE B 182 0.52 -1.33 -21.17
C ILE B 182 1.57 -0.35 -20.63
N ILE B 183 1.22 0.94 -20.61
CA ILE B 183 2.14 2.02 -20.22
C ILE B 183 2.50 2.03 -18.72
N THR B 184 1.50 1.83 -17.88
CA THR B 184 1.74 1.70 -16.44
C THR B 184 2.68 0.54 -16.14
N TYR B 185 2.52 -0.56 -16.89
CA TYR B 185 3.32 -1.75 -16.70
C TYR B 185 4.79 -1.52 -17.07
N ILE B 186 5.03 -0.86 -18.20
CA ILE B 186 6.37 -0.51 -18.63
C ILE B 186 7.07 0.44 -17.62
N ARG B 187 6.37 1.46 -17.13
CA ARG B 187 6.97 2.30 -16.08
C ARG B 187 7.34 1.49 -14.85
N SER B 188 6.47 0.59 -14.39
CA SER B 188 6.81 -0.16 -13.17
C SER B 188 7.92 -1.17 -13.40
N PHE B 189 7.97 -1.76 -14.58
CA PHE B 189 9.05 -2.68 -14.95
C PHE B 189 10.43 -2.00 -14.87
N LEU B 190 10.50 -0.80 -15.45
CA LEU B 190 11.74 -0.06 -15.61
C LEU B 190 12.11 0.67 -14.33
N ASP B 191 11.09 1.17 -13.63
CA ASP B 191 11.29 1.78 -12.32
C ASP B 191 11.91 0.82 -11.29
N GLU B 192 11.46 -0.42 -11.28
CA GLU B 192 12.00 -1.45 -10.40
C GLU B 192 13.45 -1.80 -10.79
N LEU B 193 13.80 -1.64 -12.06
CA LEU B 193 15.15 -1.95 -12.53
C LEU B 193 16.13 -0.78 -12.28
N GLY B 194 15.61 0.31 -11.72
CA GLY B 194 16.42 1.45 -11.32
C GLY B 194 16.54 2.54 -12.39
N PHE B 195 15.69 2.49 -13.41
CA PHE B 195 15.70 3.46 -14.48
C PHE B 195 15.05 4.74 -14.02
N LEU B 196 15.63 5.87 -14.37
CA LEU B 196 15.07 7.19 -14.06
C LEU B 196 14.20 7.71 -15.19
N GLU B 197 12.94 8.00 -14.88
CA GLU B 197 12.04 8.55 -15.86
C GLU B 197 12.34 10.03 -16.09
N ILE B 198 12.75 10.36 -17.30
CA ILE B 198 13.20 11.71 -17.64
C ILE B 198 12.35 12.34 -18.73
N GLU B 199 12.61 13.62 -19.02
CA GLU B 199 11.97 14.35 -20.12
C GLU B 199 12.98 15.17 -20.89
N THR B 200 13.05 14.96 -22.20
CA THR B 200 14.00 15.65 -23.04
C THR B 200 13.28 16.45 -24.13
N PRO B 201 13.96 17.45 -24.71
CA PRO B 201 13.28 18.42 -25.60
C PRO B 201 12.53 17.79 -26.75
N MET B 202 11.34 18.30 -27.05
CA MET B 202 10.62 17.87 -28.23
C MET B 202 10.82 18.83 -29.40
N MET B 203 11.41 19.97 -29.11
CA MET B 203 11.75 20.94 -30.16
C MET B 203 13.26 21.05 -30.22
N ASN B 204 13.82 20.86 -31.41
CA ASN B 204 15.26 20.75 -31.59
C ASN B 204 15.75 21.67 -32.70
N ILE B 205 16.93 22.25 -32.54
CA ILE B 205 17.61 22.93 -33.62
C ILE B 205 17.97 21.94 -34.74
N ILE B 206 18.51 20.79 -34.36
CA ILE B 206 18.81 19.74 -35.32
C ILE B 206 18.07 18.48 -34.87
N PRO B 207 17.15 17.96 -35.71
CA PRO B 207 16.43 16.75 -35.33
C PRO B 207 17.37 15.56 -35.51
N GLY B 208 17.18 14.49 -34.75
CA GLY B 208 18.09 13.35 -34.87
C GLY B 208 17.61 12.16 -34.08
N GLY B 209 18.34 11.05 -34.16
CA GLY B 209 18.00 9.86 -33.39
C GLY B 209 17.19 8.85 -34.16
N ALA B 210 16.86 9.16 -35.39
CA ALA B 210 16.14 8.22 -36.25
C ALA B 210 16.26 8.60 -37.71
N VAL B 211 15.90 7.66 -38.57
CA VAL B 211 15.77 7.95 -39.99
C VAL B 211 14.28 8.26 -40.24
N ALA B 212 13.98 9.54 -40.41
CA ALA B 212 12.60 9.99 -40.60
C ALA B 212 12.54 11.43 -41.07
N LYS B 213 11.43 11.83 -41.69
CA LYS B 213 11.24 13.24 -42.06
C LYS B 213 10.58 14.04 -40.93
N PRO B 214 11.21 15.15 -40.51
CA PRO B 214 10.71 15.88 -39.37
C PRO B 214 9.74 16.98 -39.76
N PHE B 215 8.94 17.42 -38.81
CA PHE B 215 8.19 18.66 -38.88
C PHE B 215 9.10 19.84 -38.54
N ILE B 216 8.91 20.95 -39.23
CA ILE B 216 9.66 22.17 -38.95
C ILE B 216 8.71 23.28 -38.52
N THR B 217 9.15 24.13 -37.62
CA THR B 217 8.34 25.22 -37.13
C THR B 217 9.28 26.40 -36.91
N TYR B 218 8.74 27.48 -36.37
CA TYR B 218 9.49 28.72 -36.21
C TYR B 218 9.21 29.32 -34.82
N HIS B 219 10.28 29.62 -34.08
CA HIS B 219 10.16 30.32 -32.81
C HIS B 219 10.37 31.81 -33.04
N ASN B 220 9.31 32.61 -32.90
CA ASN B 220 9.32 34.03 -33.27
C ASN B 220 10.33 34.88 -32.48
N GLU B 221 10.24 34.84 -31.15
CA GLU B 221 11.15 35.59 -30.28
C GLU B 221 12.61 35.42 -30.64
N LEU B 222 13.03 34.19 -30.92
CA LEU B 222 14.42 33.92 -31.21
C LEU B 222 14.76 33.91 -32.70
N ASP B 223 13.77 34.20 -33.54
CA ASP B 223 13.94 34.23 -34.99
C ASP B 223 14.77 33.02 -35.40
N MET B 224 14.15 31.85 -35.32
CA MET B 224 14.89 30.61 -35.39
C MET B 224 13.96 29.46 -35.74
N ASN B 225 14.37 28.67 -36.72
CA ASN B 225 13.67 27.45 -37.09
C ASN B 225 13.97 26.36 -36.08
N LEU B 226 12.94 25.56 -35.80
CA LEU B 226 12.99 24.49 -34.82
C LEU B 226 12.33 23.28 -35.47
N TYR B 227 12.75 22.08 -35.10
CA TYR B 227 12.14 20.85 -35.58
C TYR B 227 11.48 20.10 -34.41
N MET B 228 10.35 19.42 -34.67
CA MET B 228 9.76 18.49 -33.70
C MET B 228 10.62 17.25 -33.66
N ARG B 229 10.79 16.68 -32.46
CA ARG B 229 11.69 15.54 -32.34
C ARG B 229 11.21 14.33 -33.13
N ILE B 230 12.15 13.59 -33.69
CA ILE B 230 11.83 12.34 -34.34
C ILE B 230 12.17 11.16 -33.41
N ALA B 231 12.97 11.44 -32.38
CA ALA B 231 13.38 10.48 -31.34
C ALA B 231 14.11 11.26 -30.24
N PRO B 232 14.02 10.82 -28.99
CA PRO B 232 14.79 11.37 -27.84
C PRO B 232 16.23 10.85 -27.68
N GLU B 233 16.62 9.93 -28.56
CA GLU B 233 17.84 9.12 -28.41
C GLU B 233 19.15 9.85 -28.11
N LEU B 234 19.46 10.92 -28.84
CA LEU B 234 20.73 11.61 -28.62
C LEU B 234 20.83 12.32 -27.26
N TYR B 235 19.71 12.84 -26.75
CA TYR B 235 19.71 13.43 -25.43
C TYR B 235 19.89 12.38 -24.34
N HIS B 236 19.20 11.25 -24.48
CA HIS B 236 19.36 10.13 -23.56
C HIS B 236 20.83 9.69 -23.46
N LYS B 237 21.51 9.58 -24.58
CA LYS B 237 22.92 9.24 -24.56
C LYS B 237 23.77 10.31 -23.87
N MET B 238 23.44 11.57 -24.09
CA MET B 238 24.07 12.66 -23.35
C MET B 238 23.82 12.57 -21.83
N LEU B 239 22.67 12.02 -21.42
CA LEU B 239 22.45 11.77 -19.98
C LEU B 239 23.34 10.63 -19.44
N VAL B 240 23.58 9.60 -20.25
CA VAL B 240 24.50 8.51 -19.87
C VAL B 240 25.92 9.02 -19.73
N VAL B 241 26.37 9.84 -20.66
CA VAL B 241 27.64 10.54 -20.50
C VAL B 241 27.71 11.27 -19.17
N GLY B 242 26.59 11.91 -18.79
CA GLY B 242 26.49 12.62 -17.51
C GLY B 242 26.35 11.77 -16.26
N GLY B 243 26.41 10.45 -16.40
CA GLY B 243 26.43 9.60 -15.19
C GLY B 243 25.09 9.05 -14.73
N ILE B 244 24.04 9.26 -15.51
CA ILE B 244 22.77 8.62 -15.19
C ILE B 244 22.71 7.35 -16.02
N ASP B 245 22.99 6.21 -15.39
CA ASP B 245 23.29 4.96 -16.09
C ASP B 245 22.03 4.41 -16.76
N ARG B 246 20.87 4.72 -16.18
CA ARG B 246 19.62 4.13 -16.63
C ARG B 246 18.50 5.17 -16.67
N VAL B 247 18.08 5.51 -17.89
CA VAL B 247 17.06 6.53 -18.10
C VAL B 247 15.99 5.98 -19.02
N TYR B 248 14.75 6.42 -18.86
CA TYR B 248 13.73 6.10 -19.83
C TYR B 248 12.78 7.26 -20.01
N GLU B 249 12.06 7.24 -21.12
CA GLU B 249 11.12 8.29 -21.43
C GLU B 249 10.04 7.66 -22.27
N ILE B 250 8.79 7.86 -21.86
CA ILE B 250 7.66 7.41 -22.63
C ILE B 250 7.01 8.68 -23.16
N GLY B 251 7.16 8.97 -24.46
CA GLY B 251 6.70 10.23 -24.96
C GLY B 251 6.36 10.18 -26.41
N ARG B 252 5.88 11.31 -26.92
CA ARG B 252 5.50 11.46 -28.31
C ARG B 252 6.70 11.74 -29.22
N GLN B 253 6.65 11.20 -30.43
CA GLN B 253 7.58 11.49 -31.49
C GLN B 253 6.72 11.96 -32.67
N PHE B 254 7.31 12.72 -33.59
CA PHE B 254 6.56 13.31 -34.72
C PHE B 254 7.31 13.02 -36.00
N ARG B 255 6.62 12.47 -37.00
CA ARG B 255 7.21 12.30 -38.33
C ARG B 255 6.30 12.86 -39.39
N ASN B 256 6.88 13.67 -40.27
CA ASN B 256 6.15 14.27 -41.38
C ASN B 256 5.97 13.27 -42.52
N GLU B 257 5.01 12.36 -42.34
CA GLU B 257 4.84 11.26 -43.30
C GLU B 257 3.39 10.81 -43.37
N GLY B 258 3.11 9.93 -44.33
CA GLY B 258 1.73 9.56 -44.58
C GLY B 258 1.15 8.65 -43.53
N ILE B 259 -0.17 8.75 -43.39
CA ILE B 259 -0.97 7.89 -42.54
C ILE B 259 -1.26 6.53 -43.23
N ASP B 260 -1.35 5.46 -42.44
CA ASP B 260 -1.87 4.18 -42.91
C ASP B 260 -2.21 3.35 -41.69
N LEU B 261 -2.56 2.10 -41.90
CA LEU B 261 -3.04 1.25 -40.82
C LEU B 261 -2.10 1.18 -39.63
N THR B 262 -0.80 1.34 -39.83
CA THR B 262 0.13 1.25 -38.71
C THR B 262 0.90 2.54 -38.41
N HIS B 263 0.60 3.60 -39.15
CA HIS B 263 1.33 4.86 -39.00
C HIS B 263 0.44 6.04 -38.64
N ASN B 264 0.84 6.80 -37.62
CA ASN B 264 0.22 8.09 -37.32
C ASN B 264 1.36 9.12 -37.22
N PRO B 265 1.14 10.36 -37.70
CA PRO B 265 2.19 11.38 -37.67
C PRO B 265 2.73 11.71 -36.28
N GLU B 266 1.92 11.57 -35.24
CA GLU B 266 2.48 11.58 -33.89
C GLU B 266 2.14 10.23 -33.21
N PHE B 267 3.09 9.71 -32.47
CA PHE B 267 2.91 8.43 -31.81
C PHE B 267 3.77 8.37 -30.55
N THR B 268 3.58 7.33 -29.74
CA THR B 268 4.25 7.23 -28.47
C THR B 268 5.27 6.09 -28.45
N THR B 269 6.49 6.38 -28.02
CA THR B 269 7.47 5.34 -27.86
C THR B 269 7.96 5.33 -26.43
N CYS B 270 8.36 4.17 -25.92
CA CYS B 270 9.18 4.14 -24.74
C CYS B 270 10.61 3.99 -25.20
N GLU B 271 11.52 4.87 -24.77
CA GLU B 271 12.94 4.60 -25.01
C GLU B 271 13.66 4.49 -23.68
N PHE B 272 14.60 3.54 -23.59
CA PHE B 272 15.46 3.44 -22.42
C PHE B 272 16.89 3.17 -22.80
N TYR B 273 17.82 3.67 -21.98
CA TYR B 273 19.26 3.45 -22.18
C TYR B 273 19.88 2.86 -20.91
N MET B 274 20.63 1.78 -21.07
CA MET B 274 21.35 1.21 -19.92
C MET B 274 22.84 1.00 -20.15
N ALA B 275 23.63 1.72 -19.36
CA ALA B 275 25.09 1.61 -19.42
C ALA B 275 25.50 0.22 -19.00
N TYR B 276 26.55 -0.29 -19.66
CA TYR B 276 27.19 -1.59 -19.36
C TYR B 276 26.35 -2.77 -19.88
N ALA B 277 25.31 -2.46 -20.64
CA ALA B 277 24.54 -3.48 -21.38
C ALA B 277 24.90 -3.49 -22.86
N ASP B 278 24.69 -4.62 -23.51
CA ASP B 278 24.78 -4.71 -24.96
C ASP B 278 23.49 -5.29 -25.51
N TYR B 279 23.38 -5.41 -26.82
CA TYR B 279 22.11 -5.84 -27.41
C TYR B 279 21.67 -7.24 -27.00
N HIS B 280 22.60 -8.11 -26.57
CA HIS B 280 22.19 -9.41 -26.00
C HIS B 280 21.46 -9.29 -24.66
N ASP B 281 21.95 -8.42 -23.79
CA ASP B 281 21.25 -8.17 -22.52
C ASP B 281 19.85 -7.61 -22.76
N LEU B 282 19.73 -6.71 -23.73
CA LEU B 282 18.44 -6.12 -24.07
C LEU B 282 17.46 -7.11 -24.73
N MET B 283 17.96 -8.09 -25.48
CA MET B 283 17.08 -9.18 -25.98
C MET B 283 16.37 -9.88 -24.82
N GLU B 284 17.12 -10.20 -23.77
CA GLU B 284 16.55 -10.88 -22.61
C GLU B 284 15.56 -10.03 -21.81
N ILE B 285 15.88 -8.75 -21.59
CA ILE B 285 14.95 -7.83 -20.95
C ILE B 285 13.70 -7.65 -21.81
N THR B 286 13.87 -7.71 -23.13
CA THR B 286 12.73 -7.53 -24.03
C THR B 286 11.74 -8.70 -23.88
N GLU B 287 12.29 -9.91 -23.88
CA GLU B 287 11.51 -11.11 -23.62
C GLU B 287 10.77 -11.07 -22.29
N LYS B 288 11.47 -10.67 -21.24
CA LYS B 288 10.87 -10.61 -19.90
C LYS B 288 9.76 -9.55 -19.81
N MET B 289 9.97 -8.42 -20.48
CA MET B 289 9.00 -7.33 -20.39
C MET B 289 7.76 -7.58 -21.26
N VAL B 290 7.98 -7.97 -22.51
CA VAL B 290 6.85 -8.16 -23.43
CA VAL B 290 6.85 -8.16 -23.43
C VAL B 290 5.98 -9.35 -23.01
N SER B 291 6.63 -10.48 -22.69
CA SER B 291 5.93 -11.68 -22.27
CA SER B 291 5.93 -11.68 -22.28
C SER B 291 5.18 -11.46 -20.97
N GLY B 292 5.85 -10.85 -19.99
CA GLY B 292 5.25 -10.53 -18.70
C GLY B 292 4.08 -9.56 -18.84
N MET B 293 4.19 -8.69 -19.85
CA MET B 293 3.18 -7.68 -20.12
C MET B 293 1.94 -8.30 -20.74
N VAL B 294 2.15 -9.13 -21.77
CA VAL B 294 1.09 -9.88 -22.39
C VAL B 294 0.35 -10.76 -21.37
N LYS B 295 1.11 -11.52 -20.59
CA LYS B 295 0.53 -12.44 -19.63
C LYS B 295 -0.27 -11.67 -18.59
N HIS B 296 0.34 -10.63 -18.04
CA HIS B 296 -0.30 -9.87 -16.97
C HIS B 296 -1.58 -9.13 -17.41
N ILE B 297 -1.56 -8.51 -18.59
CA ILE B 297 -2.71 -7.74 -19.08
C ILE B 297 -3.88 -8.66 -19.46
N THR B 298 -3.67 -9.51 -20.46
CA THR B 298 -4.68 -10.44 -20.96
C THR B 298 -5.02 -11.56 -19.94
N GLY B 299 -4.13 -12.54 -19.81
CA GLY B 299 -4.25 -13.54 -18.75
C GLY B 299 -3.45 -14.76 -19.14
N SER B 300 -2.83 -14.69 -20.30
CA SER B 300 -2.18 -15.80 -20.90
C SER B 300 -1.02 -15.30 -21.75
N TYR B 301 -0.11 -16.21 -22.11
CA TYR B 301 1.00 -15.87 -23.01
C TYR B 301 0.59 -16.03 -24.46
N LYS B 302 -0.66 -16.45 -24.68
CA LYS B 302 -1.21 -16.58 -26.04
C LYS B 302 -2.22 -15.48 -26.32
N VAL B 303 -2.10 -14.91 -27.51
CA VAL B 303 -3.03 -13.89 -27.96
C VAL B 303 -3.58 -14.33 -29.30
N THR B 304 -4.89 -14.20 -29.49
CA THR B 304 -5.45 -14.49 -30.80
C THR B 304 -5.37 -13.24 -31.69
N TYR B 305 -4.99 -13.47 -32.94
CA TYR B 305 -4.67 -12.43 -33.89
C TYR B 305 -5.51 -12.66 -35.13
N HIS B 306 -6.29 -11.64 -35.50
CA HIS B 306 -7.14 -11.67 -36.70
C HIS B 306 -6.61 -10.66 -37.72
N PRO B 307 -5.76 -11.14 -38.64
CA PRO B 307 -5.12 -10.25 -39.61
C PRO B 307 -6.11 -9.68 -40.62
N ASP B 308 -7.20 -10.42 -40.87
CA ASP B 308 -8.12 -10.07 -41.94
C ASP B 308 -9.49 -9.68 -41.40
N GLY B 309 -9.50 -9.10 -40.20
CA GLY B 309 -10.75 -8.75 -39.53
C GLY B 309 -11.42 -9.97 -38.96
N PRO B 310 -12.56 -9.77 -38.28
CA PRO B 310 -13.30 -10.83 -37.57
C PRO B 310 -13.76 -11.96 -38.48
N GLU B 311 -14.04 -11.64 -39.74
CA GLU B 311 -14.52 -12.63 -40.71
C GLU B 311 -13.38 -13.26 -41.51
N GLY B 312 -12.20 -13.27 -40.91
CA GLY B 312 -11.01 -13.85 -41.51
C GLY B 312 -10.44 -14.99 -40.69
N GLN B 313 -9.22 -15.40 -41.06
CA GLN B 313 -8.53 -16.48 -40.38
C GLN B 313 -7.95 -16.01 -39.04
N ALA B 314 -7.99 -16.89 -38.05
CA ALA B 314 -7.45 -16.57 -36.74
C ALA B 314 -6.23 -17.44 -36.41
N TYR B 315 -5.09 -16.79 -36.19
CA TYR B 315 -3.88 -17.49 -35.77
C TYR B 315 -3.49 -17.06 -34.36
N ASP B 316 -3.32 -18.02 -33.46
CA ASP B 316 -2.89 -17.67 -32.14
C ASP B 316 -1.40 -17.32 -32.18
N VAL B 317 -1.00 -16.37 -31.33
CA VAL B 317 0.38 -15.89 -31.31
C VAL B 317 0.98 -16.18 -29.95
N ASP B 318 2.14 -16.83 -29.96
CA ASP B 318 2.72 -17.35 -28.75
C ASP B 318 3.83 -16.46 -28.19
N PHE B 319 3.57 -15.84 -27.05
CA PHE B 319 4.51 -14.87 -26.43
C PHE B 319 5.41 -15.52 -25.39
N THR B 320 5.42 -16.85 -25.37
CA THR B 320 6.30 -17.61 -24.49
C THR B 320 7.77 -17.42 -24.90
N PRO B 321 8.58 -16.90 -23.97
CA PRO B 321 10.01 -16.71 -24.27
C PRO B 321 10.78 -18.03 -24.20
N PRO B 322 11.88 -18.16 -24.97
CA PRO B 322 12.53 -17.11 -25.76
C PRO B 322 11.93 -16.89 -27.16
N PHE B 323 12.10 -15.66 -27.69
CA PHE B 323 11.62 -15.34 -29.02
C PHE B 323 12.60 -15.85 -30.07
N ARG B 324 12.08 -16.15 -31.25
CA ARG B 324 12.90 -16.57 -32.36
C ARG B 324 13.85 -15.45 -32.76
N ARG B 325 15.06 -15.80 -33.17
CA ARG B 325 16.03 -14.85 -33.68
C ARG B 325 16.40 -15.24 -35.10
N ILE B 326 16.41 -14.27 -36.02
CA ILE B 326 16.99 -14.50 -37.33
C ILE B 326 18.02 -13.43 -37.68
N ASN B 327 19.10 -13.83 -38.34
CA ASN B 327 20.06 -12.86 -38.81
C ASN B 327 19.60 -12.33 -40.17
N MET B 328 19.58 -11.01 -40.29
CA MET B 328 18.98 -10.35 -41.44
C MET B 328 19.54 -10.85 -42.76
N VAL B 329 20.85 -10.76 -42.92
CA VAL B 329 21.50 -11.12 -44.18
C VAL B 329 21.46 -12.64 -44.50
N GLU B 330 21.72 -13.47 -43.48
CA GLU B 330 21.68 -14.93 -43.63
C GLU B 330 20.30 -15.45 -44.03
N GLU B 331 19.26 -14.92 -43.41
CA GLU B 331 17.91 -15.34 -43.70
C GLU B 331 17.36 -14.70 -44.97
N LEU B 332 17.89 -13.53 -45.32
CA LEU B 332 17.53 -12.86 -46.55
C LEU B 332 18.04 -13.67 -47.73
N GLU B 333 19.27 -14.17 -47.60
CA GLU B 333 19.87 -14.99 -48.63
C GLU B 333 19.08 -16.26 -48.85
N LYS B 334 18.56 -16.84 -47.77
CA LYS B 334 17.78 -18.07 -47.86
C LYS B 334 16.37 -17.84 -48.39
N ALA B 335 15.72 -16.77 -47.95
CA ALA B 335 14.37 -16.46 -48.45
C ALA B 335 14.40 -16.03 -49.91
N LEU B 336 15.55 -15.51 -50.36
CA LEU B 336 15.77 -15.19 -51.77
C LEU B 336 16.23 -16.41 -52.58
N GLY B 337 16.84 -17.38 -51.91
CA GLY B 337 17.46 -18.52 -52.57
C GLY B 337 18.68 -18.12 -53.37
N MET B 338 19.44 -17.14 -52.88
CA MET B 338 20.63 -16.67 -53.57
C MET B 338 21.66 -16.04 -52.62
N LYS B 339 22.94 -16.18 -52.95
CA LYS B 339 23.99 -15.51 -52.18
C LYS B 339 24.00 -13.99 -52.44
N LEU B 340 24.20 -13.22 -51.37
CA LEU B 340 24.33 -11.77 -51.50
C LEU B 340 25.79 -11.40 -51.41
N PRO B 341 26.13 -10.15 -51.74
CA PRO B 341 27.49 -9.72 -51.48
C PRO B 341 27.93 -10.02 -50.04
N GLU B 342 29.23 -10.26 -49.88
CA GLU B 342 29.84 -10.36 -48.56
C GLU B 342 29.49 -9.08 -47.78
N THR B 343 29.16 -9.23 -46.51
CA THR B 343 28.73 -8.10 -45.67
C THR B 343 29.73 -6.94 -45.58
N ASN B 344 31.00 -7.21 -45.88
CA ASN B 344 32.02 -6.16 -45.90
C ASN B 344 32.11 -5.41 -47.23
N LEU B 345 31.23 -5.73 -48.18
CA LEU B 345 31.16 -5.01 -49.44
C LEU B 345 29.90 -4.14 -49.56
N PHE B 346 29.22 -3.88 -48.46
CA PHE B 346 27.90 -3.24 -48.54
C PHE B 346 27.89 -1.75 -48.90
N GLU B 347 29.06 -1.13 -48.94
N GLU B 347 29.07 -1.15 -48.95
CA GLU B 347 29.14 0.30 -49.26
CA GLU B 347 29.22 0.28 -49.25
C GLU B 347 29.49 0.57 -50.72
C GLU B 347 29.43 0.55 -50.73
N THR B 348 29.80 -0.49 -51.47
CA THR B 348 30.14 -0.33 -52.89
C THR B 348 28.95 -0.06 -53.83
N GLU B 349 29.23 0.54 -54.97
CA GLU B 349 28.22 0.75 -55.99
C GLU B 349 27.81 -0.57 -56.64
N GLU B 350 28.75 -1.52 -56.71
CA GLU B 350 28.43 -2.85 -57.26
C GLU B 350 27.28 -3.51 -56.53
N THR B 351 27.36 -3.53 -55.20
CA THR B 351 26.34 -4.19 -54.39
C THR B 351 24.98 -3.46 -54.40
N ARG B 352 24.97 -2.15 -54.53
CA ARG B 352 23.73 -1.41 -54.70
C ARG B 352 23.01 -1.88 -55.98
N LYS B 353 23.76 -1.99 -57.07
CA LYS B 353 23.22 -2.49 -58.33
C LYS B 353 22.73 -3.93 -58.21
N ILE B 354 23.54 -4.80 -57.59
CA ILE B 354 23.08 -6.16 -57.28
C ILE B 354 21.71 -6.10 -56.59
N LEU B 355 21.61 -5.32 -55.52
CA LEU B 355 20.36 -5.20 -54.76
C LEU B 355 19.25 -4.57 -55.58
N ASP B 356 19.61 -3.61 -56.44
CA ASP B 356 18.63 -2.92 -57.28
C ASP B 356 18.05 -3.98 -58.22
N ASP B 357 18.93 -4.66 -58.97
CA ASP B 357 18.52 -5.75 -59.86
C ASP B 357 17.59 -6.76 -59.18
N ILE B 358 17.88 -7.13 -57.92
CA ILE B 358 17.06 -8.12 -57.19
C ILE B 358 15.64 -7.62 -56.89
N CYS B 359 15.51 -6.34 -56.56
CA CYS B 359 14.20 -5.74 -56.35
C CYS B 359 13.39 -5.67 -57.65
N VAL B 360 14.08 -5.45 -58.76
CA VAL B 360 13.38 -5.46 -60.04
C VAL B 360 12.89 -6.88 -60.38
N ALA B 361 13.77 -7.87 -60.22
CA ALA B 361 13.45 -9.27 -60.50
C ALA B 361 12.35 -9.85 -59.62
N LYS B 362 12.12 -9.25 -58.45
CA LYS B 362 11.21 -9.80 -57.45
C LYS B 362 10.02 -8.88 -57.31
N ALA B 363 9.94 -7.91 -58.20
CA ALA B 363 8.85 -6.93 -58.18
C ALA B 363 8.65 -6.31 -56.78
N VAL B 364 9.75 -5.95 -56.13
CA VAL B 364 9.71 -5.22 -54.87
C VAL B 364 9.86 -3.72 -55.15
N GLU B 365 8.82 -2.95 -54.83
CA GLU B 365 8.85 -1.52 -55.07
C GLU B 365 9.87 -0.87 -54.15
N CYS B 366 10.53 0.17 -54.66
CA CYS B 366 11.37 1.04 -53.85
C CYS B 366 11.41 2.41 -54.47
N PRO B 367 10.57 3.35 -53.99
CA PRO B 367 10.60 4.74 -54.47
C PRO B 367 12.00 5.35 -54.23
N PRO B 368 12.38 6.35 -55.03
CA PRO B 368 13.71 6.96 -54.92
C PRO B 368 13.91 7.71 -53.59
N PRO B 369 15.15 7.82 -53.12
CA PRO B 369 16.35 7.26 -53.76
C PRO B 369 16.48 5.74 -53.57
N ARG B 370 16.92 5.06 -54.61
CA ARG B 370 17.12 3.63 -54.51
C ARG B 370 18.52 3.36 -53.96
N THR B 371 18.73 3.71 -52.70
CA THR B 371 20.01 3.51 -52.02
C THR B 371 20.10 2.09 -51.45
N THR B 372 21.31 1.61 -51.19
CA THR B 372 21.49 0.29 -50.57
C THR B 372 20.62 0.08 -49.33
N ALA B 373 20.66 1.03 -48.41
CA ALA B 373 19.87 0.94 -47.17
C ALA B 373 18.36 0.82 -47.41
N ARG B 374 17.86 1.48 -48.45
CA ARG B 374 16.41 1.47 -48.75
C ARG B 374 16.03 0.26 -49.57
N LEU B 375 16.88 -0.13 -50.51
CA LEU B 375 16.66 -1.37 -51.28
C LEU B 375 16.66 -2.57 -50.34
N LEU B 376 17.58 -2.57 -49.40
CA LEU B 376 17.70 -3.64 -48.42
C LEU B 376 16.48 -3.70 -47.49
N ASP B 377 16.07 -2.55 -46.97
CA ASP B 377 14.93 -2.51 -46.08
C ASP B 377 13.64 -3.01 -46.76
N LYS B 378 13.44 -2.62 -48.02
CA LYS B 378 12.31 -3.13 -48.82
C LYS B 378 12.30 -4.66 -48.93
N LEU B 379 13.44 -5.23 -49.35
CA LEU B 379 13.65 -6.67 -49.41
C LEU B 379 13.37 -7.41 -48.08
N VAL B 380 13.84 -6.85 -46.97
CA VAL B 380 13.55 -7.43 -45.66
C VAL B 380 12.09 -7.30 -45.32
N GLY B 381 11.48 -6.19 -45.74
CA GLY B 381 10.05 -6.00 -45.49
C GLY B 381 9.22 -7.11 -46.12
N GLU B 382 9.59 -7.50 -47.33
CA GLU B 382 8.79 -8.42 -48.11
C GLU B 382 9.14 -9.88 -47.88
N PHE B 383 10.42 -10.19 -47.65
CA PHE B 383 10.84 -11.59 -47.50
C PHE B 383 10.97 -12.05 -46.05
N LEU B 384 11.43 -11.16 -45.17
CA LEU B 384 11.63 -11.56 -43.78
C LEU B 384 10.51 -11.13 -42.88
N GLU B 385 10.09 -9.88 -42.98
CA GLU B 385 9.17 -9.34 -41.99
C GLU B 385 7.80 -9.96 -42.02
N VAL B 386 7.40 -10.47 -43.19
CA VAL B 386 6.08 -11.06 -43.36
C VAL B 386 5.96 -12.41 -42.66
N THR B 387 7.08 -13.12 -42.57
CA THR B 387 7.11 -14.38 -41.83
C THR B 387 7.05 -14.19 -40.31
N CYS B 388 7.14 -12.95 -39.82
CA CYS B 388 7.23 -12.73 -38.37
C CYS B 388 5.86 -12.50 -37.74
N ILE B 389 5.26 -13.55 -37.24
CA ILE B 389 3.93 -13.51 -36.65
C ILE B 389 4.07 -13.62 -35.16
N ASN B 390 4.68 -14.74 -34.74
CA ASN B 390 5.22 -14.86 -33.41
C ASN B 390 6.27 -13.76 -33.19
N PRO B 391 6.39 -13.26 -31.95
CA PRO B 391 7.45 -12.31 -31.62
C PRO B 391 8.81 -12.81 -32.15
N THR B 392 9.42 -12.05 -33.05
CA THR B 392 10.66 -12.47 -33.68
C THR B 392 11.66 -11.32 -33.72
N PHE B 393 12.88 -11.57 -33.23
CA PHE B 393 14.00 -10.65 -33.37
C PHE B 393 14.69 -10.81 -34.74
N ILE B 394 14.78 -9.73 -35.50
CA ILE B 394 15.67 -9.68 -36.65
C ILE B 394 16.95 -8.92 -36.27
N CYS B 395 18.09 -9.62 -36.34
CA CYS B 395 19.37 -9.15 -35.81
C CYS B 395 20.46 -8.80 -36.85
N ASP B 396 21.43 -8.01 -36.41
CA ASP B 396 22.72 -7.88 -37.10
C ASP B 396 22.66 -7.08 -38.38
N HIS B 397 21.82 -6.05 -38.36
CA HIS B 397 21.63 -5.15 -39.49
C HIS B 397 22.96 -4.64 -40.01
N PRO B 398 23.13 -4.56 -41.34
CA PRO B 398 24.26 -3.84 -41.91
C PRO B 398 24.47 -2.44 -41.32
N GLN B 399 25.72 -1.96 -41.33
CA GLN B 399 26.07 -0.66 -40.77
C GLN B 399 25.49 0.47 -41.62
N ILE B 400 25.30 0.19 -42.89
CA ILE B 400 24.79 1.19 -43.85
C ILE B 400 23.32 1.60 -43.56
N MET B 401 22.59 0.78 -42.83
CA MET B 401 21.25 1.18 -42.36
C MET B 401 21.17 1.47 -40.86
N SER B 402 22.32 1.47 -40.18
CA SER B 402 22.36 1.65 -38.73
C SER B 402 23.41 2.67 -38.22
N PRO B 403 23.25 3.96 -38.56
CA PRO B 403 24.21 5.04 -38.30
C PRO B 403 24.57 5.32 -36.82
N LEU B 404 23.81 4.82 -35.86
CA LEU B 404 24.04 5.13 -34.47
C LEU B 404 24.36 3.88 -33.66
N ALA B 405 24.47 2.77 -34.36
CA ALA B 405 24.66 1.46 -33.73
C ALA B 405 26.13 1.09 -33.73
N LYS B 406 26.60 0.43 -32.67
CA LYS B 406 27.99 -0.02 -32.64
C LYS B 406 28.24 -1.20 -33.58
N TRP B 407 29.38 -1.18 -34.25
CA TRP B 407 29.78 -2.22 -35.18
C TRP B 407 29.75 -3.62 -34.52
N HIS B 408 29.45 -4.65 -35.32
CA HIS B 408 29.40 -6.00 -34.78
C HIS B 408 30.83 -6.42 -34.51
N ARG B 409 31.07 -7.07 -33.37
CA ARG B 409 32.46 -7.45 -33.05
C ARG B 409 33.04 -8.68 -33.74
N SER B 410 32.26 -9.37 -34.58
CA SER B 410 32.75 -10.53 -35.34
C SER B 410 32.46 -10.40 -36.83
N LYS B 411 31.29 -9.86 -37.17
CA LYS B 411 30.89 -9.79 -38.58
C LYS B 411 31.08 -8.39 -39.15
N GLU B 412 32.11 -8.24 -39.97
CA GLU B 412 32.43 -6.94 -40.54
C GLU B 412 31.33 -6.46 -41.48
N GLY B 413 30.98 -5.17 -41.37
CA GLY B 413 29.88 -4.60 -42.13
C GLY B 413 28.56 -4.58 -41.37
N LEU B 414 28.42 -5.41 -40.34
CA LEU B 414 27.18 -5.50 -39.58
C LEU B 414 27.28 -4.75 -38.23
N THR B 415 26.18 -4.69 -37.51
CA THR B 415 26.15 -3.97 -36.23
C THR B 415 25.46 -4.82 -35.19
N GLU B 416 25.57 -4.41 -33.93
CA GLU B 416 24.91 -5.10 -32.87
C GLU B 416 23.52 -4.52 -32.66
N ARG B 417 22.61 -5.00 -33.48
CA ARG B 417 21.29 -4.43 -33.54
C ARG B 417 20.23 -5.51 -33.65
N PHE B 418 19.04 -5.23 -33.14
CA PHE B 418 17.86 -6.06 -33.43
C PHE B 418 16.56 -5.25 -33.54
N GLU B 419 15.60 -5.81 -34.26
CA GLU B 419 14.25 -5.29 -34.22
C GLU B 419 13.31 -6.44 -33.87
N LEU B 420 12.38 -6.17 -32.94
CA LEU B 420 11.31 -7.09 -32.61
C LEU B 420 10.15 -6.95 -33.58
N PHE B 421 9.69 -8.08 -34.11
CA PHE B 421 8.51 -8.08 -34.97
C PHE B 421 7.43 -8.98 -34.39
N VAL B 422 6.20 -8.49 -34.38
CA VAL B 422 5.08 -9.19 -33.77
C VAL B 422 3.83 -9.02 -34.63
N MET B 423 3.40 -10.09 -35.31
CA MET B 423 2.22 -10.05 -36.16
C MET B 423 2.49 -9.19 -37.40
N LYS B 424 3.68 -9.40 -37.97
CA LYS B 424 4.07 -8.79 -39.23
C LYS B 424 4.57 -7.34 -39.13
N LYS B 425 4.51 -6.75 -37.94
CA LYS B 425 4.91 -5.35 -37.83
C LYS B 425 6.02 -5.06 -36.80
N GLU B 426 6.81 -4.03 -37.10
CA GLU B 426 7.93 -3.61 -36.25
C GLU B 426 7.45 -3.02 -34.95
N ILE B 427 7.93 -3.59 -33.84
CA ILE B 427 7.52 -3.19 -32.51
C ILE B 427 8.66 -2.48 -31.78
N CYS B 428 9.86 -3.05 -31.86
CA CYS B 428 11.04 -2.51 -31.15
C CYS B 428 12.21 -2.33 -32.08
N ASN B 429 13.11 -1.41 -31.70
CA ASN B 429 14.36 -1.17 -32.40
C ASN B 429 15.38 -0.90 -31.27
N ALA B 430 16.44 -1.69 -31.23
CA ALA B 430 17.38 -1.64 -30.14
C ALA B 430 18.79 -1.94 -30.62
N TYR B 431 19.77 -1.41 -29.91
CA TYR B 431 21.13 -1.80 -30.21
C TYR B 431 22.16 -1.42 -29.16
N THR B 432 23.32 -2.06 -29.23
CA THR B 432 24.52 -1.55 -28.58
C THR B 432 24.83 -0.20 -29.26
N GLU B 433 24.96 0.83 -28.44
CA GLU B 433 25.14 2.20 -28.92
C GLU B 433 26.55 2.45 -29.39
N LEU B 434 26.68 3.08 -30.56
CA LEU B 434 27.96 3.60 -30.99
C LEU B 434 28.46 4.68 -30.03
N ASN B 435 29.65 4.48 -29.47
CA ASN B 435 30.22 5.42 -28.47
C ASN B 435 31.63 5.95 -28.82
N ASP B 436 32.07 5.68 -30.04
CA ASP B 436 33.30 6.21 -30.58
C ASP B 436 32.93 7.45 -31.40
N PRO B 437 33.38 8.64 -30.94
CA PRO B 437 32.97 9.92 -31.57
C PRO B 437 33.47 10.15 -33.01
N MET B 438 34.69 9.71 -33.29
CA MET B 438 35.24 9.81 -34.63
C MET B 438 34.46 8.90 -35.61
N ARG B 439 34.17 7.66 -35.20
CA ARG B 439 33.37 6.80 -36.07
C ARG B 439 31.95 7.34 -36.22
N GLN B 440 31.35 7.85 -35.15
CA GLN B 440 30.03 8.46 -35.22
C GLN B 440 29.99 9.65 -36.21
N ARG B 441 31.00 10.50 -36.16
CA ARG B 441 31.15 11.63 -37.10
C ARG B 441 31.16 11.18 -38.54
N GLN B 442 32.03 10.23 -38.85
CA GLN B 442 32.05 9.55 -40.14
C GLN B 442 30.66 9.14 -40.60
N LEU B 443 29.90 8.48 -39.72
CA LEU B 443 28.58 7.99 -40.09
C LEU B 443 27.59 9.14 -40.27
N PHE B 444 27.72 10.21 -39.49
CA PHE B 444 26.93 11.41 -39.74
C PHE B 444 27.27 12.04 -41.09
N GLU B 445 28.56 12.06 -41.43
CA GLU B 445 28.97 12.68 -42.67
C GLU B 445 28.35 11.96 -43.88
N GLU B 446 28.15 10.67 -43.71
CA GLU B 446 27.59 9.85 -44.77
C GLU B 446 26.07 9.96 -44.79
N GLN B 447 25.47 10.15 -43.63
CA GLN B 447 24.06 10.51 -43.60
C GLN B 447 23.78 11.80 -44.37
N ALA B 448 24.66 12.80 -44.21
CA ALA B 448 24.49 14.10 -44.86
C ALA B 448 24.66 14.03 -46.39
N LYS B 449 25.50 13.12 -46.86
CA LYS B 449 25.63 12.87 -48.29
C LYS B 449 24.36 12.21 -48.85
N ALA B 450 23.82 11.25 -48.10
CA ALA B 450 22.54 10.64 -48.45
C ALA B 450 21.42 11.67 -48.53
N LYS B 451 21.38 12.59 -47.57
CA LYS B 451 20.42 13.67 -47.60
C LYS B 451 20.57 14.50 -48.86
N ALA B 452 21.80 14.91 -49.16
CA ALA B 452 22.11 15.69 -50.35
C ALA B 452 21.79 14.94 -51.62
N ALA B 453 21.77 13.61 -51.55
CA ALA B 453 21.44 12.78 -52.69
C ALA B 453 20.02 12.19 -52.62
N GLY B 454 19.03 12.99 -52.24
CA GLY B 454 17.64 12.57 -52.37
C GLY B 454 16.90 12.01 -51.16
N ASP B 455 17.59 11.68 -50.09
CA ASP B 455 16.92 10.96 -48.99
C ASP B 455 16.46 11.92 -47.89
N ASP B 456 15.15 12.17 -47.86
CA ASP B 456 14.53 13.12 -46.92
C ASP B 456 14.59 12.64 -45.48
N GLU B 457 14.70 11.33 -45.29
CA GLU B 457 14.80 10.74 -43.97
C GLU B 457 16.25 10.74 -43.40
N ALA B 458 17.26 11.00 -44.23
CA ALA B 458 18.65 10.88 -43.77
C ALA B 458 18.97 11.91 -42.68
N MET B 459 19.92 11.57 -41.81
CA MET B 459 20.20 12.37 -40.64
C MET B 459 21.01 13.64 -40.91
N PHE B 460 20.80 14.64 -40.07
CA PHE B 460 21.66 15.82 -39.99
C PHE B 460 22.89 15.51 -39.15
N ILE B 461 24.02 16.11 -39.49
CA ILE B 461 25.20 16.09 -38.64
C ILE B 461 24.94 16.84 -37.33
N ASP B 462 24.99 16.13 -36.21
CA ASP B 462 24.80 16.75 -34.89
C ASP B 462 26.13 16.83 -34.17
N GLU B 463 26.79 17.99 -34.24
CA GLU B 463 28.14 18.12 -33.73
C GLU B 463 28.22 18.28 -32.21
N ASN B 464 27.20 18.78 -31.54
CA ASN B 464 27.36 18.72 -30.09
C ASN B 464 27.04 17.41 -29.44
N PHE B 465 26.44 16.49 -30.21
CA PHE B 465 26.31 15.12 -29.78
C PHE B 465 27.65 14.40 -29.92
N CYS B 466 28.34 14.63 -31.03
CA CYS B 466 29.67 14.06 -31.20
C CYS B 466 30.63 14.63 -30.17
N THR B 467 30.48 15.92 -29.84
CA THR B 467 31.21 16.51 -28.72
C THR B 467 30.94 15.83 -27.37
N ALA B 468 29.68 15.52 -27.07
CA ALA B 468 29.37 14.73 -25.87
C ALA B 468 30.03 13.36 -25.87
N LEU B 469 30.01 12.67 -27.01
CA LEU B 469 30.71 11.38 -27.13
C LEU B 469 32.22 11.45 -26.89
N GLU B 470 32.80 12.62 -27.15
CA GLU B 470 34.19 12.86 -26.86
C GLU B 470 34.50 12.93 -25.36
N TYR B 471 33.49 13.09 -24.52
CA TYR B 471 33.69 13.03 -23.08
C TYR B 471 33.66 11.61 -22.51
N GLY B 472 33.17 10.66 -23.29
CA GLY B 472 33.14 9.29 -22.82
C GLY B 472 31.73 8.85 -22.49
N LEU B 473 31.06 8.26 -23.48
CA LEU B 473 29.85 7.48 -23.23
C LEU B 473 30.28 6.06 -22.83
N PRO B 474 29.89 5.58 -21.67
CA PRO B 474 30.21 4.18 -21.34
C PRO B 474 29.60 3.19 -22.35
N PRO B 475 30.15 1.96 -22.42
CA PRO B 475 29.48 0.98 -23.29
C PRO B 475 28.01 0.86 -22.86
N THR B 476 27.10 1.00 -23.80
CA THR B 476 25.71 1.13 -23.42
C THR B 476 24.79 0.54 -24.47
N ALA B 477 23.60 0.14 -24.07
CA ALA B 477 22.67 -0.39 -25.03
C ALA B 477 21.35 0.34 -24.89
N GLY B 478 20.77 0.69 -26.02
CA GLY B 478 19.53 1.46 -26.06
C GLY B 478 18.42 0.70 -26.74
N TRP B 479 17.19 1.17 -26.53
CA TRP B 479 15.99 0.44 -26.89
C TRP B 479 14.81 1.40 -27.01
N GLY B 480 13.94 1.12 -27.98
CA GLY B 480 12.76 1.94 -28.19
C GLY B 480 11.65 1.09 -28.75
N MET B 481 10.45 1.24 -28.18
CA MET B 481 9.30 0.43 -28.53
C MET B 481 8.12 1.31 -28.89
N GLY B 482 7.48 1.02 -30.02
CA GLY B 482 6.25 1.72 -30.41
C GLY B 482 5.08 1.29 -29.56
N ILE B 483 4.64 2.14 -28.64
CA ILE B 483 3.55 1.81 -27.70
C ILE B 483 2.22 1.58 -28.43
N ASP B 484 1.96 2.39 -29.45
CA ASP B 484 0.68 2.29 -30.19
C ASP B 484 0.56 0.91 -30.85
N ARG B 485 1.69 0.38 -31.33
CA ARG B 485 1.75 -0.89 -32.01
C ARG B 485 1.63 -2.08 -31.07
N VAL B 486 2.15 -1.92 -29.85
CA VAL B 486 1.90 -2.87 -28.79
C VAL B 486 0.40 -2.90 -28.46
N ALA B 487 -0.21 -1.74 -28.34
CA ALA B 487 -1.63 -1.66 -28.09
C ALA B 487 -2.44 -2.31 -29.23
N MET B 488 -1.99 -2.15 -30.46
CA MET B 488 -2.65 -2.78 -31.58
C MET B 488 -2.67 -4.31 -31.44
N PHE B 489 -1.56 -4.91 -31.04
CA PHE B 489 -1.53 -6.37 -31.04
C PHE B 489 -2.08 -6.96 -29.76
N LEU B 490 -2.31 -6.13 -28.75
CA LEU B 490 -2.91 -6.55 -27.51
C LEU B 490 -4.42 -6.28 -27.47
N THR B 491 -4.94 -5.69 -28.54
CA THR B 491 -6.37 -5.39 -28.63
C THR B 491 -6.92 -6.00 -29.91
N ASP B 492 -6.09 -6.81 -30.58
CA ASP B 492 -6.45 -7.39 -31.88
C ASP B 492 -6.99 -6.30 -32.81
N SER B 493 -6.32 -5.16 -32.83
CA SER B 493 -6.63 -4.10 -33.78
C SER B 493 -5.61 -4.11 -34.91
N ASN B 494 -6.10 -4.15 -36.14
CA ASN B 494 -5.22 -4.04 -37.29
C ASN B 494 -5.13 -2.60 -37.80
N ASN B 495 -5.91 -1.71 -37.20
CA ASN B 495 -5.86 -0.30 -37.59
C ASN B 495 -5.44 0.52 -36.38
N ILE B 496 -4.36 1.29 -36.53
CA ILE B 496 -3.84 2.10 -35.45
C ILE B 496 -4.82 3.19 -34.99
N LYS B 497 -5.79 3.55 -35.83
CA LYS B 497 -6.81 4.52 -35.42
C LYS B 497 -7.66 3.96 -34.29
N GLU B 498 -7.58 2.65 -34.10
CA GLU B 498 -8.35 1.97 -33.08
C GLU B 498 -7.78 2.24 -31.67
N VAL B 499 -6.49 2.55 -31.59
CA VAL B 499 -5.80 2.70 -30.30
C VAL B 499 -5.22 4.10 -30.03
N LEU B 500 -5.70 5.07 -30.79
CA LEU B 500 -5.44 6.49 -30.57
C LEU B 500 -6.79 7.14 -30.35
N LEU B 501 -6.96 7.84 -29.25
CA LEU B 501 -8.24 8.47 -28.95
C LEU B 501 -8.69 9.40 -30.08
N PHE B 502 -7.76 10.22 -30.55
CA PHE B 502 -8.06 11.19 -31.59
C PHE B 502 -7.06 11.05 -32.71
N PRO B 503 -7.28 10.08 -33.60
CA PRO B 503 -6.25 9.81 -34.59
C PRO B 503 -6.28 10.86 -35.68
N ALA B 504 -5.16 11.04 -36.37
CA ALA B 504 -5.10 11.99 -37.46
C ALA B 504 -6.00 11.54 -38.62
N MET B 505 -6.92 12.41 -39.01
CA MET B 505 -7.89 12.14 -40.08
C MET B 505 -7.66 13.10 -41.24
N LYS B 506 -7.61 12.57 -42.45
CA LYS B 506 -7.57 13.42 -43.65
C LYS B 506 -8.58 14.58 -43.56
N ASP C 4 -5.45 17.56 53.41
CA ASP C 4 -5.30 16.10 53.80
C ASP C 4 -6.19 15.19 52.92
N PRO C 5 -5.56 14.32 52.12
CA PRO C 5 -6.24 13.42 51.16
C PRO C 5 -7.48 12.68 51.67
N ASN C 6 -7.40 12.03 52.82
CA ASN C 6 -8.56 11.29 53.37
C ASN C 6 -9.74 12.22 53.74
N GLN C 7 -9.43 13.38 54.30
CA GLN C 7 -10.44 14.37 54.65
C GLN C 7 -11.05 14.97 53.37
N TYR C 8 -10.19 15.30 52.41
CA TYR C 8 -10.65 15.70 51.08
C TYR C 8 -11.70 14.71 50.52
N TYR C 9 -11.33 13.43 50.47
CA TYR C 9 -12.25 12.37 50.04
C TYR C 9 -13.58 12.34 50.80
N LYS C 10 -13.52 12.42 52.12
CA LYS C 10 -14.75 12.49 52.94
C LYS C 10 -15.61 13.70 52.60
N ILE C 11 -14.98 14.87 52.48
CA ILE C 11 -15.68 16.10 52.17
C ILE C 11 -16.32 16.09 50.78
N ARG C 12 -15.52 15.74 49.77
CA ARG C 12 -15.97 15.73 48.39
C ARG C 12 -17.04 14.64 48.18
N SER C 13 -16.88 13.49 48.82
CA SER C 13 -17.90 12.43 48.79
C SER C 13 -19.26 12.83 49.38
N GLN C 14 -19.23 13.61 50.46
CA GLN C 14 -20.43 14.06 51.13
C GLN C 14 -21.15 15.12 50.31
N ALA C 15 -20.35 15.95 49.63
CA ALA C 15 -20.91 16.99 48.78
C ALA C 15 -21.63 16.38 47.57
N ILE C 16 -21.00 15.46 46.87
CA ILE C 16 -21.70 14.89 45.73
C ILE C 16 -22.83 13.92 46.14
N HIS C 17 -22.69 13.29 47.31
CA HIS C 17 -23.84 12.60 47.86
C HIS C 17 -25.05 13.53 48.05
N GLN C 18 -24.80 14.77 48.50
CA GLN C 18 -25.85 15.76 48.70
C GLN C 18 -26.48 16.13 47.35
N LEU C 19 -25.66 16.34 46.32
CA LEU C 19 -26.16 16.59 44.97
C LEU C 19 -27.15 15.50 44.51
N LYS C 20 -26.78 14.23 44.70
CA LYS C 20 -27.65 13.07 44.48
C LYS C 20 -29.02 13.07 45.17
N VAL C 21 -29.06 13.12 46.50
CA VAL C 21 -30.32 13.06 47.22
C VAL C 21 -31.24 14.24 46.91
N ASN C 22 -30.67 15.38 46.54
CA ASN C 22 -31.42 16.55 46.14
C ASN C 22 -31.80 16.50 44.67
N GLY C 23 -31.37 15.43 43.98
CA GLY C 23 -31.66 15.22 42.57
C GLY C 23 -30.82 15.98 41.56
N GLU C 24 -29.57 16.30 41.90
CA GLU C 24 -28.72 17.14 41.00
C GLU C 24 -27.90 16.43 39.89
N ASP C 25 -27.93 15.10 39.85
CA ASP C 25 -27.31 14.36 38.73
C ASP C 25 -25.82 14.65 38.46
N PRO C 26 -24.95 14.40 39.44
CA PRO C 26 -23.53 14.59 39.19
C PRO C 26 -22.89 13.56 38.23
N TYR C 27 -23.62 12.48 37.88
CA TYR C 27 -23.15 11.50 36.91
C TYR C 27 -24.14 11.42 35.77
N PRO C 28 -24.20 12.48 34.95
CA PRO C 28 -25.18 12.49 33.87
C PRO C 28 -24.94 11.34 32.87
N HIS C 29 -26.02 10.90 32.21
CA HIS C 29 -25.94 9.75 31.30
C HIS C 29 -25.18 10.03 29.99
N LYS C 30 -25.35 11.23 29.45
CA LYS C 30 -24.91 11.49 28.09
C LYS C 30 -24.56 12.96 27.88
N PHE C 31 -23.34 13.20 27.40
CA PHE C 31 -22.94 14.51 26.91
C PHE C 31 -22.47 14.37 25.46
N HIS C 32 -23.12 15.10 24.56
CA HIS C 32 -22.76 15.08 23.14
C HIS C 32 -21.52 15.91 22.83
N VAL C 33 -20.43 15.23 22.48
CA VAL C 33 -19.20 15.91 22.13
C VAL C 33 -19.23 16.13 20.63
N ASP C 34 -18.96 17.37 20.22
CA ASP C 34 -19.04 17.82 18.81
C ASP C 34 -17.73 17.58 18.11
N ILE C 35 -16.65 17.71 18.87
CA ILE C 35 -15.32 17.71 18.31
C ILE C 35 -14.37 17.30 19.41
N SER C 36 -13.32 16.56 19.03
CA SER C 36 -12.34 16.13 20.00
C SER C 36 -11.40 17.28 20.26
N LEU C 37 -10.60 17.17 21.32
CA LEU C 37 -9.69 18.23 21.66
C LEU C 37 -8.62 18.34 20.58
N THR C 38 -8.14 17.19 20.09
CA THR C 38 -7.18 17.10 19.00
C THR C 38 -7.67 17.79 17.73
N ASP C 39 -8.92 17.53 17.32
CA ASP C 39 -9.45 18.16 16.13
C ASP C 39 -9.69 19.66 16.33
N PHE C 40 -9.95 20.06 17.57
CA PHE C 40 -10.23 21.46 17.91
C PHE C 40 -8.96 22.27 17.70
N ILE C 41 -7.85 21.71 18.17
CA ILE C 41 -6.55 22.37 18.10
C ILE C 41 -6.05 22.45 16.67
N GLN C 42 -6.33 21.41 15.89
CA GLN C 42 -5.99 21.37 14.47
C GLN C 42 -6.79 22.42 13.69
N LYS C 43 -8.05 22.57 14.07
CA LYS C 43 -8.96 23.46 13.34
C LYS C 43 -8.85 24.93 13.77
N TYR C 44 -8.36 25.22 14.97
CA TYR C 44 -8.38 26.61 15.46
C TYR C 44 -7.04 27.20 15.89
N SER C 45 -5.96 26.43 15.72
CA SER C 45 -4.65 26.90 16.15
C SER C 45 -4.24 28.16 15.41
N HIS C 46 -4.83 28.36 14.22
CA HIS C 46 -4.53 29.50 13.35
C HIS C 46 -5.07 30.85 13.81
N LEU C 47 -5.86 30.87 14.88
CA LEU C 47 -6.44 32.10 15.35
C LEU C 47 -5.34 33.05 15.83
N GLN C 48 -5.64 34.34 15.82
CA GLN C 48 -4.71 35.33 16.33
C GLN C 48 -5.01 35.60 17.80
N PRO C 49 -3.98 35.94 18.58
CA PRO C 49 -4.20 36.30 19.98
C PRO C 49 -5.28 37.38 20.09
N GLY C 50 -6.21 37.21 21.03
CA GLY C 50 -7.27 38.18 21.25
C GLY C 50 -8.55 37.85 20.51
N ASP C 51 -8.46 36.91 19.56
CA ASP C 51 -9.60 36.46 18.78
C ASP C 51 -10.66 35.78 19.65
N HIS C 52 -11.91 35.84 19.20
CA HIS C 52 -13.02 35.28 19.94
C HIS C 52 -14.17 35.10 18.96
N LEU C 53 -14.37 33.87 18.49
CA LEU C 53 -15.34 33.61 17.43
C LEU C 53 -16.79 33.71 17.89
N THR C 54 -17.60 34.40 17.08
CA THR C 54 -18.99 34.65 17.44
C THR C 54 -19.89 33.73 16.64
N ASP C 55 -19.34 33.16 15.58
CA ASP C 55 -20.11 32.29 14.69
C ASP C 55 -19.81 30.79 14.82
N ILE C 56 -19.11 30.37 15.87
CA ILE C 56 -18.88 28.93 16.06
C ILE C 56 -19.05 28.54 17.53
N THR C 57 -20.01 27.68 17.84
CA THR C 57 -20.07 27.14 19.19
C THR C 57 -20.00 25.61 19.19
N LEU C 58 -19.20 25.07 20.09
CA LEU C 58 -18.88 23.65 20.11
C LEU C 58 -18.91 23.05 21.50
N LYS C 59 -19.15 21.74 21.54
CA LYS C 59 -19.04 20.95 22.75
C LYS C 59 -17.81 20.06 22.72
N VAL C 60 -16.96 20.25 23.74
CA VAL C 60 -15.77 19.42 23.98
C VAL C 60 -15.89 18.87 25.40
N ALA C 61 -15.01 17.95 25.76
CA ALA C 61 -15.01 17.35 27.07
C ALA C 61 -13.59 16.94 27.45
N GLY C 62 -13.33 16.83 28.74
CA GLY C 62 -12.02 16.38 29.17
C GLY C 62 -11.97 16.39 30.68
N ARG C 63 -10.77 16.20 31.21
CA ARG C 63 -10.55 16.23 32.65
C ARG C 63 -9.85 17.53 33.06
N ILE C 64 -10.32 18.13 34.14
CA ILE C 64 -9.65 19.34 34.69
C ILE C 64 -8.30 18.98 35.29
N HIS C 65 -7.22 19.46 34.66
CA HIS C 65 -5.88 19.33 35.24
C HIS C 65 -5.53 20.50 36.19
N ALA C 66 -6.07 21.68 35.93
CA ALA C 66 -5.75 22.82 36.80
C ALA C 66 -6.89 23.80 36.83
N LYS C 67 -7.06 24.48 37.95
CA LYS C 67 -8.11 25.49 38.08
C LYS C 67 -7.50 26.75 38.67
N ARG C 68 -7.35 27.78 37.84
CA ARG C 68 -6.69 29.03 38.26
C ARG C 68 -7.64 30.24 38.25
N ALA C 69 -7.94 30.77 39.43
CA ALA C 69 -8.85 31.90 39.56
C ALA C 69 -8.11 33.18 39.25
N SER C 70 -8.81 34.09 38.57
CA SER C 70 -8.29 35.41 38.24
C SER C 70 -9.38 36.40 38.66
N GLY C 71 -9.44 36.68 39.95
CA GLY C 71 -10.54 37.46 40.47
C GLY C 71 -11.78 36.61 40.47
N GLY C 72 -12.88 37.17 40.98
CA GLY C 72 -14.15 36.44 41.06
C GLY C 72 -14.84 36.27 39.72
N LYS C 73 -14.42 37.02 38.71
CA LYS C 73 -15.17 37.08 37.46
C LYS C 73 -14.61 36.20 36.33
N LEU C 74 -13.46 35.60 36.59
CA LEU C 74 -12.69 34.96 35.54
C LEU C 74 -11.92 33.77 36.08
N ILE C 75 -12.16 32.58 35.50
CA ILE C 75 -11.43 31.37 35.87
C ILE C 75 -10.85 30.68 34.63
N PHE C 76 -9.64 30.13 34.79
CA PHE C 76 -9.00 29.38 33.73
C PHE C 76 -8.97 27.88 34.09
N TYR C 77 -9.53 27.05 33.24
CA TYR C 77 -9.44 25.60 33.40
C TYR C 77 -8.48 25.02 32.36
N ASP C 78 -7.45 24.33 32.84
CA ASP C 78 -6.58 23.52 32.00
C ASP C 78 -7.26 22.19 31.73
N LEU C 79 -7.75 22.00 30.51
CA LEU C 79 -8.55 20.82 30.19
C LEU C 79 -7.75 19.81 29.37
N ARG C 80 -7.69 18.57 29.84
CA ARG C 80 -6.85 17.59 29.16
C ARG C 80 -7.57 16.36 28.68
N GLY C 81 -7.09 15.85 27.55
CA GLY C 81 -7.63 14.66 26.94
C GLY C 81 -6.81 14.32 25.71
N GLU C 82 -6.84 13.04 25.32
CA GLU C 82 -6.22 12.59 24.08
C GLU C 82 -4.70 12.89 24.00
N GLY C 83 -4.07 13.08 25.16
CA GLY C 83 -2.65 13.42 25.24
C GLY C 83 -2.37 14.89 24.95
N VAL C 84 -3.44 15.69 24.95
CA VAL C 84 -3.40 17.05 24.46
C VAL C 84 -4.00 17.97 25.51
N LYS C 85 -3.95 19.28 25.32
CA LYS C 85 -4.59 20.16 26.29
C LYS C 85 -5.32 21.34 25.64
N LEU C 86 -6.35 21.85 26.30
CA LEU C 86 -7.09 22.99 25.80
C LEU C 86 -7.49 23.85 26.98
N GLN C 87 -7.23 25.14 26.87
CA GLN C 87 -7.61 26.05 27.93
C GLN C 87 -9.07 26.47 27.84
N VAL C 88 -9.76 26.39 28.96
CA VAL C 88 -11.10 26.92 29.07
C VAL C 88 -11.02 28.29 29.76
N MET C 89 -11.25 29.36 29.01
CA MET C 89 -11.33 30.71 29.60
C MET C 89 -12.76 31.04 30.06
N ALA C 90 -13.08 30.72 31.29
CA ALA C 90 -14.41 30.96 31.82
C ALA C 90 -14.53 32.40 32.33
N ASN C 91 -15.13 33.26 31.51
CA ASN C 91 -15.39 34.65 31.84
C ASN C 91 -16.87 34.80 32.20
N SER C 92 -17.13 35.48 33.31
CA SER C 92 -18.50 35.66 33.83
C SER C 92 -19.44 36.27 32.79
N ARG C 93 -18.90 37.19 32.00
CA ARG C 93 -19.69 37.93 31.03
C ARG C 93 -20.17 37.10 29.85
N ASN C 94 -19.49 35.98 29.59
CA ASN C 94 -19.82 35.12 28.46
C ASN C 94 -20.63 33.90 28.85
N TYR C 95 -20.73 33.64 30.15
CA TYR C 95 -21.47 32.51 30.66
C TYR C 95 -22.98 32.79 30.53
N LYS C 96 -23.80 31.75 30.52
CA LYS C 96 -25.24 31.91 30.41
C LYS C 96 -25.83 32.88 31.41
N SER C 97 -25.22 32.99 32.58
CA SER C 97 -25.63 34.02 33.53
C SER C 97 -24.58 34.11 34.61
N GLU C 98 -24.52 35.25 35.29
CA GLU C 98 -23.50 35.47 36.30
C GLU C 98 -23.72 34.60 37.55
N GLU C 99 -24.98 34.28 37.83
CA GLU C 99 -25.32 33.48 38.99
C GLU C 99 -25.02 31.98 38.76
N GLU C 100 -25.27 31.51 37.54
CA GLU C 100 -24.92 30.16 37.18
C GLU C 100 -23.39 29.99 37.06
N PHE C 101 -22.70 31.08 36.74
CA PHE C 101 -21.25 31.09 36.66
C PHE C 101 -20.63 30.78 38.03
N ILE C 102 -21.10 31.53 39.03
CA ILE C 102 -20.69 31.32 40.41
C ILE C 102 -21.04 29.88 40.84
N HIS C 103 -22.27 29.47 40.63
CA HIS C 103 -22.75 28.16 41.06
C HIS C 103 -21.92 27.01 40.50
N ILE C 104 -21.60 27.09 39.20
CA ILE C 104 -20.92 26.02 38.51
C ILE C 104 -19.45 25.93 38.92
N ASN C 105 -18.76 27.07 38.90
CA ASN C 105 -17.36 27.14 39.31
C ASN C 105 -17.10 26.86 40.78
N ASN C 106 -18.09 27.11 41.64
CA ASN C 106 -17.97 26.72 43.05
C ASN C 106 -18.06 25.21 43.27
N LYS C 107 -18.60 24.46 42.30
CA LYS C 107 -18.69 23.00 42.42
C LYS C 107 -17.44 22.31 41.94
N LEU C 108 -16.84 22.87 40.89
CA LEU C 108 -15.80 22.19 40.13
C LEU C 108 -14.49 22.14 40.91
N ARG C 109 -13.79 21.01 40.77
CA ARG C 109 -12.48 20.84 41.37
C ARG C 109 -11.52 20.25 40.37
N ARG C 110 -10.23 20.36 40.63
CA ARG C 110 -9.23 19.68 39.82
C ARG C 110 -9.56 18.20 39.80
N GLY C 111 -9.39 17.56 38.64
CA GLY C 111 -9.70 16.15 38.53
C GLY C 111 -11.03 15.87 37.85
N ASP C 112 -11.99 16.78 37.98
CA ASP C 112 -13.33 16.56 37.49
C ASP C 112 -13.37 16.40 35.96
N ILE C 113 -14.16 15.45 35.50
CA ILE C 113 -14.51 15.37 34.08
C ILE C 113 -15.65 16.35 33.80
N ILE C 114 -15.47 17.20 32.78
CA ILE C 114 -16.52 18.16 32.42
C ILE C 114 -16.80 18.21 30.94
N GLY C 115 -17.98 18.73 30.61
CA GLY C 115 -18.37 19.08 29.26
C GLY C 115 -18.44 20.60 29.18
N VAL C 116 -18.02 21.14 28.03
CA VAL C 116 -17.92 22.58 27.85
C VAL C 116 -18.54 22.96 26.52
N GLN C 117 -19.55 23.82 26.56
CA GLN C 117 -20.14 24.35 25.33
C GLN C 117 -19.71 25.78 25.17
N GLY C 118 -19.01 26.09 24.10
CA GLY C 118 -18.48 27.42 23.96
C GLY C 118 -17.95 27.79 22.61
N ASN C 119 -17.31 28.94 22.57
CA ASN C 119 -16.77 29.50 21.34
C ASN C 119 -15.26 29.40 21.32
N PRO C 120 -14.69 29.08 20.15
CA PRO C 120 -13.24 29.18 20.09
C PRO C 120 -12.71 30.62 20.28
N GLY C 121 -11.52 30.73 20.87
CA GLY C 121 -10.92 32.02 21.13
C GLY C 121 -9.44 31.79 21.31
N LYS C 122 -8.68 32.85 21.49
CA LYS C 122 -7.27 32.78 21.85
C LYS C 122 -7.00 33.97 22.74
N THR C 123 -6.23 33.78 23.80
CA THR C 123 -5.92 34.86 24.73
C THR C 123 -4.88 35.81 24.15
N LYS C 124 -4.73 36.98 24.77
CA LYS C 124 -3.71 37.94 24.35
C LYS C 124 -2.32 37.27 24.27
N LYS C 125 -2.01 36.45 25.27
CA LYS C 125 -0.77 35.68 25.26
C LYS C 125 -0.66 34.80 24.03
N GLY C 126 -1.79 34.39 23.49
CA GLY C 126 -1.78 33.49 22.34
C GLY C 126 -2.13 32.06 22.69
N GLU C 127 -2.82 31.85 23.80
CA GLU C 127 -3.29 30.50 24.16
C GLU C 127 -4.66 30.18 23.61
N LEU C 128 -4.71 29.17 22.75
CA LEU C 128 -5.97 28.71 22.19
C LEU C 128 -6.87 28.33 23.36
N SER C 129 -8.13 28.76 23.28
CA SER C 129 -9.07 28.56 24.38
C SER C 129 -10.46 28.27 23.85
N ILE C 130 -11.32 27.78 24.73
CA ILE C 130 -12.72 27.80 24.46
C ILE C 130 -13.35 28.67 25.56
N ILE C 131 -14.19 29.61 25.15
CA ILE C 131 -14.88 30.49 26.09
C ILE C 131 -16.29 29.96 26.25
N PRO C 132 -16.57 29.36 27.42
CA PRO C 132 -17.80 28.63 27.66
C PRO C 132 -19.03 29.48 27.91
N TYR C 133 -20.12 29.08 27.26
CA TYR C 133 -21.44 29.55 27.59
C TYR C 133 -22.00 28.68 28.72
N GLU C 134 -21.64 27.40 28.69
CA GLU C 134 -22.07 26.46 29.69
C GLU C 134 -21.03 25.38 29.97
N ILE C 135 -20.83 25.07 31.26
CA ILE C 135 -19.94 23.99 31.69
C ILE C 135 -20.79 22.99 32.47
N THR C 136 -20.66 21.70 32.18
CA THR C 136 -21.47 20.66 32.84
C THR C 136 -20.52 19.70 33.52
N LEU C 137 -20.79 19.35 34.78
CA LEU C 137 -20.02 18.29 35.44
C LEU C 137 -20.49 16.94 34.95
N LEU C 138 -19.57 16.13 34.42
CA LEU C 138 -19.92 14.81 33.91
C LEU C 138 -19.53 13.68 34.87
N SER C 139 -18.42 13.85 35.58
CA SER C 139 -18.00 12.89 36.57
C SER C 139 -17.05 13.53 37.60
N PRO C 140 -17.47 13.62 38.85
CA PRO C 140 -16.54 14.23 39.80
C PRO C 140 -15.36 13.30 40.21
N CYS C 141 -14.24 13.91 40.55
CA CYS C 141 -13.10 13.21 41.11
C CYS C 141 -13.14 13.42 42.62
N LEU C 142 -13.35 12.34 43.38
CA LEU C 142 -13.58 12.43 44.81
C LEU C 142 -12.26 12.49 45.60
N HIS C 143 -11.16 12.30 44.90
CA HIS C 143 -9.84 12.22 45.53
C HIS C 143 -8.96 13.37 45.11
N MET C 144 -8.08 13.76 46.02
CA MET C 144 -7.07 14.75 45.73
C MET C 144 -5.99 14.11 44.84
N LEU C 145 -5.77 14.67 43.66
CA LEU C 145 -4.73 14.12 42.79
C LEU C 145 -3.34 14.53 43.26
N PRO C 146 -2.35 13.63 43.06
CA PRO C 146 -0.96 13.93 43.39
C PRO C 146 -0.54 15.28 42.82
N HIS C 147 0.06 16.10 43.67
CA HIS C 147 0.45 17.47 43.32
C HIS C 147 1.31 17.48 42.05
N GLY C 151 0.74 8.37 42.37
CA GLY C 151 0.80 7.98 40.98
C GLY C 151 1.60 8.98 40.19
N LEU C 152 2.57 9.62 40.86
CA LEU C 152 3.36 10.71 40.29
C LEU C 152 4.79 10.26 39.90
N LYS C 153 5.61 9.96 40.91
CA LYS C 153 6.95 9.44 40.66
C LYS C 153 7.19 8.07 41.28
N ASP C 154 6.51 7.78 42.39
CA ASP C 154 6.72 6.51 43.10
C ASP C 154 6.29 5.31 42.27
N LYS C 155 7.28 4.51 41.87
CA LYS C 155 7.10 3.41 40.92
C LYS C 155 5.93 2.53 41.32
N GLU C 156 5.93 2.12 42.58
CA GLU C 156 4.91 1.26 43.15
C GLU C 156 3.50 1.83 42.92
N THR C 157 3.28 3.09 43.26
CA THR C 157 1.97 3.74 43.06
C THR C 157 1.59 3.84 41.58
N ARG C 158 2.52 4.29 40.74
CA ARG C 158 2.31 4.29 39.30
C ARG C 158 1.84 2.91 38.76
N TYR C 159 2.43 1.80 39.22
CA TYR C 159 2.09 0.48 38.66
C TYR C 159 0.85 -0.18 39.26
N ARG C 160 0.52 0.15 40.51
CA ARG C 160 -0.70 -0.34 41.15
C ARG C 160 -1.92 0.52 40.80
N GLN C 161 -1.68 1.75 40.37
CA GLN C 161 -2.75 2.63 39.92
C GLN C 161 -2.40 3.28 38.61
N ARG C 162 -2.40 2.45 37.58
CA ARG C 162 -2.02 2.84 36.24
C ARG C 162 -2.86 4.02 35.75
N TYR C 163 -4.15 4.04 36.11
CA TYR C 163 -5.06 5.14 35.72
C TYR C 163 -4.55 6.53 36.19
N LEU C 164 -3.99 6.59 37.39
CA LEU C 164 -3.35 7.83 37.89
C LEU C 164 -2.08 8.15 37.12
N ASP C 165 -1.24 7.13 36.92
CA ASP C 165 -0.07 7.24 36.06
C ASP C 165 -0.42 7.82 34.67
N LEU C 166 -1.43 7.27 34.03
CA LEU C 166 -1.84 7.70 32.68
C LEU C 166 -2.38 9.14 32.64
N ILE C 167 -3.16 9.50 33.67
CA ILE C 167 -3.62 10.87 33.87
C ILE C 167 -2.45 11.86 34.06
N LEU C 168 -1.52 11.54 34.94
CA LEU C 168 -0.50 12.51 35.34
C LEU C 168 0.78 12.52 34.50
N ASN C 169 1.00 11.49 33.68
CA ASN C 169 2.30 11.35 33.01
C ASN C 169 2.13 10.97 31.56
N ASP C 170 2.30 11.93 30.65
CA ASP C 170 2.06 11.64 29.26
C ASP C 170 3.08 10.71 28.62
N PHE C 171 4.27 10.58 29.20
CA PHE C 171 5.26 9.64 28.63
C PHE C 171 4.75 8.21 28.70
N VAL C 172 3.85 7.96 29.65
CA VAL C 172 3.35 6.61 29.88
C VAL C 172 2.40 6.23 28.76
N ARG C 173 1.50 7.14 28.41
CA ARG C 173 0.58 6.94 27.29
C ARG C 173 1.34 6.66 25.99
N GLN C 174 2.48 7.32 25.83
CA GLN C 174 3.29 7.18 24.62
C GLN C 174 3.94 5.80 24.48
N LYS C 175 4.35 5.21 25.59
CA LYS C 175 4.89 3.84 25.56
C LYS C 175 3.85 2.81 25.16
N PHE C 176 2.58 3.06 25.47
CA PHE C 176 1.55 2.08 25.18
C PHE C 176 1.04 2.20 23.76
N ILE C 177 1.13 3.41 23.21
CA ILE C 177 0.89 3.63 21.80
C ILE C 177 1.91 2.87 20.94
N ILE C 178 3.18 3.02 21.27
CA ILE C 178 4.20 2.32 20.50
CA ILE C 178 4.28 2.31 20.60
C ILE C 178 4.12 0.80 20.67
N ARG C 179 3.67 0.31 21.81
CA ARG C 179 3.44 -1.11 22.01
C ARG C 179 2.40 -1.63 21.01
N SER C 180 1.27 -0.94 20.88
CA SER C 180 0.23 -1.22 19.90
C SER C 180 0.73 -1.21 18.45
N LYS C 181 1.59 -0.25 18.14
CA LYS C 181 2.20 -0.16 16.81
C LYS C 181 3.15 -1.31 16.47
N ILE C 182 3.83 -1.84 17.49
CA ILE C 182 4.69 -3.00 17.34
C ILE C 182 3.86 -4.19 16.87
N ILE C 183 2.86 -4.56 17.67
CA ILE C 183 1.94 -5.64 17.35
C ILE C 183 1.22 -5.48 16.00
N THR C 184 0.70 -4.28 15.75
CA THR C 184 0.07 -3.97 14.46
C THR C 184 1.03 -4.14 13.29
N TYR C 185 2.24 -3.61 13.43
CA TYR C 185 3.28 -3.79 12.41
C TYR C 185 3.55 -5.26 12.12
N ILE C 186 3.69 -6.07 13.18
CA ILE C 186 3.97 -7.50 13.01
C ILE C 186 2.87 -8.23 12.24
N ARG C 187 1.63 -7.95 12.58
CA ARG C 187 0.50 -8.54 11.88
C ARG C 187 0.48 -8.24 10.38
N SER C 188 0.62 -6.97 10.00
CA SER C 188 0.66 -6.67 8.58
C SER C 188 1.89 -7.28 7.92
N PHE C 189 3.02 -7.29 8.62
CA PHE C 189 4.20 -7.94 8.07
C PHE C 189 3.92 -9.40 7.70
N LEU C 190 3.38 -10.17 8.65
CA LEU C 190 3.11 -11.59 8.45
C LEU C 190 1.88 -11.83 7.54
N ASP C 191 0.85 -11.00 7.68
CA ASP C 191 -0.33 -11.13 6.82
C ASP C 191 0.05 -10.99 5.35
N GLU C 192 0.94 -10.02 5.07
CA GLU C 192 1.35 -9.76 3.70
C GLU C 192 2.14 -10.95 3.11
N LEU C 193 2.76 -11.75 3.99
CA LEU C 193 3.58 -12.88 3.56
C LEU C 193 2.76 -14.15 3.43
N GLY C 194 1.46 -14.01 3.70
CA GLY C 194 0.52 -15.11 3.58
C GLY C 194 0.33 -15.95 4.82
N PHE C 195 0.77 -15.46 5.98
CA PHE C 195 0.56 -16.21 7.22
C PHE C 195 -0.91 -16.05 7.65
N LEU C 196 -1.51 -17.18 8.03
CA LEU C 196 -2.87 -17.18 8.54
C LEU C 196 -2.78 -16.98 10.05
N GLU C 197 -3.58 -16.03 10.56
CA GLU C 197 -3.57 -15.72 11.98
C GLU C 197 -4.54 -16.65 12.70
N ILE C 198 -4.05 -17.36 13.73
CA ILE C 198 -4.83 -18.41 14.37
C ILE C 198 -4.87 -18.36 15.88
N GLU C 199 -5.73 -19.20 16.43
CA GLU C 199 -5.90 -19.26 17.87
C GLU C 199 -5.89 -20.69 18.31
N THR C 200 -4.96 -21.03 19.19
CA THR C 200 -4.84 -22.39 19.71
C THR C 200 -5.07 -22.40 21.21
N PRO C 201 -5.29 -23.60 21.80
CA PRO C 201 -5.73 -23.64 23.19
C PRO C 201 -4.74 -23.06 24.21
N MET C 202 -5.25 -22.27 25.15
CA MET C 202 -4.43 -21.78 26.23
C MET C 202 -4.52 -22.67 27.47
N MET C 203 -5.36 -23.70 27.41
CA MET C 203 -5.49 -24.63 28.50
C MET C 203 -5.24 -26.00 27.95
N ASN C 204 -4.25 -26.69 28.51
CA ASN C 204 -3.77 -27.92 27.94
C ASN C 204 -3.84 -29.04 28.98
N ILE C 205 -4.15 -30.26 28.56
CA ILE C 205 -4.08 -31.38 29.47
C ILE C 205 -2.61 -31.67 29.81
N ILE C 206 -1.73 -31.33 28.89
CA ILE C 206 -0.28 -31.52 28.99
C ILE C 206 0.33 -30.24 28.39
N PRO C 207 1.09 -29.46 29.17
CA PRO C 207 1.60 -28.22 28.58
C PRO C 207 2.85 -28.52 27.76
N GLY C 208 3.24 -27.62 26.88
CA GLY C 208 4.37 -27.94 26.03
C GLY C 208 4.93 -26.76 25.28
N GLY C 209 6.02 -26.99 24.56
CA GLY C 209 6.58 -26.01 23.65
C GLY C 209 7.72 -25.24 24.26
N ALA C 210 8.06 -25.53 25.52
CA ALA C 210 9.16 -24.81 26.18
C ALA C 210 9.56 -25.44 27.48
N VAL C 211 10.72 -25.05 27.98
CA VAL C 211 11.14 -25.48 29.31
C VAL C 211 10.67 -24.37 30.29
N ALA C 212 9.69 -24.70 31.11
CA ALA C 212 9.10 -23.73 32.02
C ALA C 212 8.15 -24.43 32.97
N LYS C 213 7.90 -23.82 34.12
CA LYS C 213 6.96 -24.34 35.10
C LYS C 213 5.57 -23.74 34.87
N PRO C 214 4.57 -24.57 34.60
CA PRO C 214 3.25 -24.06 34.28
C PRO C 214 2.33 -23.81 35.48
N PHE C 215 1.26 -23.07 35.24
CA PHE C 215 0.16 -22.93 36.19
C PHE C 215 -0.79 -24.10 36.00
N ILE C 216 -1.37 -24.59 37.08
CA ILE C 216 -2.30 -25.69 37.02
C ILE C 216 -3.69 -25.25 37.47
N THR C 217 -4.71 -25.64 36.72
CA THR C 217 -6.10 -25.43 37.14
C THR C 217 -6.89 -26.73 37.13
N TYR C 218 -8.17 -26.61 37.42
CA TYR C 218 -9.03 -27.76 37.39
C TYR C 218 -10.36 -27.40 36.69
N HIS C 219 -10.82 -28.28 35.80
CA HIS C 219 -12.13 -28.14 35.20
C HIS C 219 -13.14 -29.08 35.83
N ASN C 220 -14.17 -28.52 36.46
CA ASN C 220 -15.13 -29.28 37.25
C ASN C 220 -15.98 -30.25 36.45
N GLU C 221 -16.61 -29.77 35.38
CA GLU C 221 -17.52 -30.60 34.59
C GLU C 221 -16.82 -31.77 33.95
N LEU C 222 -15.61 -31.55 33.45
CA LEU C 222 -14.87 -32.63 32.82
C LEU C 222 -13.96 -33.34 33.81
N ASP C 223 -13.86 -32.83 35.03
CA ASP C 223 -13.14 -33.50 36.10
C ASP C 223 -11.70 -33.69 35.68
N MET C 224 -11.06 -32.62 35.22
CA MET C 224 -9.67 -32.77 34.89
C MET C 224 -8.82 -31.58 35.25
N ASN C 225 -7.56 -31.85 35.52
CA ASN C 225 -6.58 -30.81 35.70
C ASN C 225 -6.10 -30.31 34.34
N LEU C 226 -5.91 -29.01 34.25
CA LEU C 226 -5.45 -28.42 33.02
C LEU C 226 -4.26 -27.58 33.38
N TYR C 227 -3.39 -27.34 32.42
CA TYR C 227 -2.29 -26.43 32.59
C TYR C 227 -2.52 -25.22 31.70
N MET C 228 -2.07 -24.05 32.16
CA MET C 228 -2.08 -22.88 31.28
C MET C 228 -0.89 -23.03 30.36
N ARG C 229 -1.02 -22.60 29.11
CA ARG C 229 0.02 -22.84 28.14
C ARG C 229 1.31 -22.11 28.43
N ILE C 230 2.39 -22.81 28.11
CA ILE C 230 3.75 -22.29 28.13
C ILE C 230 4.15 -21.72 26.75
N ALA C 231 3.58 -22.30 25.70
CA ALA C 231 3.84 -21.94 24.32
C ALA C 231 2.82 -22.64 23.43
N PRO C 232 2.46 -22.04 22.28
CA PRO C 232 1.56 -22.66 21.33
C PRO C 232 2.26 -23.55 20.31
N GLU C 233 3.57 -23.68 20.46
CA GLU C 233 4.43 -24.34 19.50
C GLU C 233 3.91 -25.67 18.91
N LEU C 234 3.54 -26.61 19.78
CA LEU C 234 3.09 -27.91 19.30
C LEU C 234 1.79 -27.86 18.52
N TYR C 235 0.85 -27.01 18.93
CA TYR C 235 -0.39 -26.85 18.17
C TYR C 235 -0.15 -26.28 16.78
N HIS C 236 0.70 -25.27 16.67
CA HIS C 236 1.14 -24.72 15.41
C HIS C 236 1.77 -25.72 14.43
N LYS C 237 2.66 -26.58 14.92
CA LYS C 237 3.28 -27.59 14.07
C LYS C 237 2.26 -28.62 13.61
N MET C 238 1.27 -28.92 14.45
CA MET C 238 0.22 -29.82 14.02
C MET C 238 -0.64 -29.20 12.93
N LEU C 239 -0.70 -27.87 12.86
CA LEU C 239 -1.47 -27.22 11.80
C LEU C 239 -0.69 -27.28 10.49
N VAL C 240 0.64 -27.25 10.60
CA VAL C 240 1.48 -27.38 9.42
C VAL C 240 1.44 -28.82 8.83
N VAL C 241 1.38 -29.82 9.70
CA VAL C 241 1.09 -31.19 9.28
C VAL C 241 -0.28 -31.18 8.57
N GLY C 242 -1.22 -30.42 9.13
CA GLY C 242 -2.56 -30.25 8.57
C GLY C 242 -2.54 -29.59 7.21
N GLY C 243 -1.43 -28.97 6.83
CA GLY C 243 -1.27 -28.40 5.51
C GLY C 243 -1.51 -26.90 5.45
N ILE C 244 -1.58 -26.27 6.63
CA ILE C 244 -1.59 -24.82 6.70
C ILE C 244 -0.15 -24.39 6.91
N ASP C 245 0.50 -24.00 5.81
CA ASP C 245 1.94 -23.87 5.73
C ASP C 245 2.52 -22.65 6.45
N ARG C 246 1.69 -21.63 6.60
CA ARG C 246 2.11 -20.39 7.26
C ARG C 246 1.05 -19.95 8.26
N VAL C 247 1.39 -20.10 9.54
CA VAL C 247 0.51 -19.72 10.63
C VAL C 247 1.26 -18.83 11.61
N TYR C 248 0.53 -17.91 12.24
CA TYR C 248 1.08 -17.20 13.39
C TYR C 248 0.02 -16.93 14.43
N GLU C 249 0.49 -16.72 15.66
CA GLU C 249 -0.36 -16.36 16.77
C GLU C 249 0.32 -15.34 17.66
N ILE C 250 -0.31 -14.20 17.90
CA ILE C 250 0.16 -13.27 18.93
C ILE C 250 -0.71 -13.42 20.15
N GLY C 251 -0.18 -13.98 21.23
CA GLY C 251 -1.02 -14.33 22.34
C GLY C 251 -0.32 -14.39 23.68
N ARG C 252 -1.10 -14.57 24.75
CA ARG C 252 -0.54 -14.73 26.10
C ARG C 252 0.04 -16.11 26.38
N GLN C 253 1.21 -16.10 27.00
CA GLN C 253 1.85 -17.29 27.59
C GLN C 253 1.97 -17.10 29.10
N PHE C 254 1.97 -18.20 29.83
CA PHE C 254 1.96 -18.15 31.30
C PHE C 254 3.10 -19.00 31.86
N ARG C 255 3.87 -18.39 32.77
CA ARG C 255 4.90 -19.12 33.44
C ARG C 255 4.85 -18.90 34.94
N ASN C 256 4.82 -20.02 35.66
CA ASN C 256 4.71 -20.02 37.09
C ASN C 256 6.10 -19.82 37.73
N GLU C 257 6.57 -18.58 37.65
CA GLU C 257 7.92 -18.21 38.07
C GLU C 257 7.89 -16.78 38.60
N GLY C 258 9.00 -16.29 39.12
CA GLY C 258 9.00 -14.99 39.80
C GLY C 258 9.12 -13.79 38.89
N ILE C 259 8.63 -12.65 39.35
CA ILE C 259 8.75 -11.42 38.59
C ILE C 259 10.10 -10.74 38.87
N ASP C 260 10.64 -10.08 37.86
CA ASP C 260 11.78 -9.19 37.99
C ASP C 260 11.79 -8.21 36.81
N LEU C 261 12.89 -7.51 36.58
CA LEU C 261 12.92 -6.42 35.62
C LEU C 261 12.56 -6.79 34.17
N THR C 262 12.63 -8.07 33.85
CA THR C 262 12.39 -8.54 32.48
C THR C 262 11.35 -9.67 32.43
N HIS C 263 10.76 -10.03 33.56
CA HIS C 263 9.81 -11.16 33.63
C HIS C 263 8.48 -10.84 34.29
N ASN C 264 7.41 -11.15 33.58
CA ASN C 264 6.07 -11.11 34.17
C ASN C 264 5.50 -12.53 34.00
N PRO C 265 4.67 -12.99 34.95
CA PRO C 265 4.13 -14.36 34.94
C PRO C 265 3.17 -14.64 33.75
N GLU C 266 2.58 -13.60 33.19
CA GLU C 266 1.88 -13.70 31.91
C GLU C 266 2.51 -12.66 30.99
N PHE C 267 2.77 -13.06 29.75
CA PHE C 267 3.45 -12.17 28.84
C PHE C 267 3.03 -12.54 27.42
N THR C 268 3.33 -11.66 26.49
CA THR C 268 2.86 -11.85 25.14
C THR C 268 4.01 -12.20 24.21
N THR C 269 3.78 -13.15 23.31
CA THR C 269 4.75 -13.49 22.28
C THR C 269 4.05 -13.57 20.91
N CYS C 270 4.84 -13.41 19.85
CA CYS C 270 4.39 -13.79 18.52
C CYS C 270 5.13 -15.08 18.13
N GLU C 271 4.41 -16.16 17.86
CA GLU C 271 5.06 -17.35 17.27
C GLU C 271 4.56 -17.50 15.84
N PHE C 272 5.46 -17.91 14.95
CA PHE C 272 5.03 -18.26 13.60
C PHE C 272 5.79 -19.47 13.06
N TYR C 273 5.11 -20.28 12.26
CA TYR C 273 5.73 -21.43 11.62
C TYR C 273 5.56 -21.34 10.09
N MET C 274 6.67 -21.58 9.39
CA MET C 274 6.73 -21.41 7.94
C MET C 274 7.28 -22.70 7.32
N ALA C 275 6.42 -23.41 6.60
CA ALA C 275 6.83 -24.66 5.98
C ALA C 275 7.83 -24.36 4.87
N TYR C 276 8.80 -25.27 4.70
CA TYR C 276 9.82 -25.20 3.66
C TYR C 276 10.85 -24.11 3.91
N ALA C 277 10.83 -23.57 5.12
CA ALA C 277 11.86 -22.64 5.57
C ALA C 277 12.82 -23.35 6.52
N ASP C 278 14.06 -22.86 6.61
CA ASP C 278 14.98 -23.27 7.68
C ASP C 278 15.35 -22.05 8.54
N TYR C 279 16.21 -22.23 9.53
CA TYR C 279 16.55 -21.12 10.38
C TYR C 279 17.35 -20.01 9.73
N HIS C 280 18.12 -20.32 8.68
CA HIS C 280 18.75 -19.26 7.92
C HIS C 280 17.75 -18.31 7.27
N ASP C 281 16.67 -18.84 6.73
CA ASP C 281 15.61 -18.01 6.16
C ASP C 281 15.00 -17.11 7.24
N LEU C 282 14.76 -17.67 8.41
CA LEU C 282 14.19 -16.91 9.53
C LEU C 282 15.12 -15.79 10.05
N MET C 283 16.43 -16.02 9.97
CA MET C 283 17.36 -14.97 10.30
C MET C 283 17.18 -13.72 9.43
N GLU C 284 16.86 -13.92 8.14
CA GLU C 284 16.68 -12.82 7.21
C GLU C 284 15.32 -12.14 7.40
N ILE C 285 14.27 -12.96 7.59
CA ILE C 285 12.95 -12.46 7.94
C ILE C 285 13.04 -11.63 9.23
N THR C 286 13.62 -12.21 10.27
CA THR C 286 13.90 -11.50 11.53
C THR C 286 14.61 -10.13 11.35
N GLU C 287 15.73 -10.10 10.63
CA GLU C 287 16.42 -8.82 10.39
C GLU C 287 15.52 -7.84 9.69
N LYS C 288 14.71 -8.36 8.76
CA LYS C 288 13.87 -7.52 7.96
C LYS C 288 12.75 -6.96 8.82
N MET C 289 12.11 -7.81 9.60
CA MET C 289 10.99 -7.41 10.42
C MET C 289 11.42 -6.43 11.49
N VAL C 290 12.45 -6.79 12.26
CA VAL C 290 12.90 -5.98 13.37
C VAL C 290 13.41 -4.61 12.92
N SER C 291 14.24 -4.56 11.89
CA SER C 291 14.80 -3.29 11.43
C SER C 291 13.74 -2.42 10.79
N GLY C 292 12.83 -3.03 10.02
CA GLY C 292 11.76 -2.30 9.37
C GLY C 292 10.84 -1.72 10.43
N MET C 293 10.66 -2.48 11.51
CA MET C 293 9.79 -2.11 12.62
C MET C 293 10.33 -0.91 13.38
N VAL C 294 11.63 -0.93 13.68
CA VAL C 294 12.29 0.15 14.41
C VAL C 294 12.22 1.47 13.62
N LYS C 295 12.49 1.38 12.32
CA LYS C 295 12.46 2.49 11.40
C LYS C 295 11.07 3.07 11.26
N HIS C 296 10.11 2.19 10.97
CA HIS C 296 8.73 2.58 10.85
C HIS C 296 8.25 3.41 12.04
N ILE C 297 8.46 2.92 13.26
CA ILE C 297 7.87 3.61 14.41
C ILE C 297 8.74 4.75 14.97
N THR C 298 10.05 4.64 14.92
CA THR C 298 10.93 5.66 15.51
C THR C 298 11.56 6.63 14.52
N GLY C 299 11.50 6.35 13.22
CA GLY C 299 12.08 7.24 12.22
C GLY C 299 13.44 6.84 11.67
N SER C 300 14.24 6.13 12.47
CA SER C 300 15.55 5.65 12.02
C SER C 300 15.92 4.26 12.60
N TYR C 301 17.04 3.72 12.14
CA TYR C 301 17.54 2.45 12.65
C TYR C 301 18.26 2.58 13.98
N LYS C 302 18.48 3.80 14.45
CA LYS C 302 19.22 4.00 15.69
C LYS C 302 18.32 4.43 16.84
N VAL C 303 18.40 3.71 17.96
CA VAL C 303 17.73 4.12 19.17
C VAL C 303 18.75 4.29 20.29
N THR C 304 18.41 5.10 21.29
CA THR C 304 19.30 5.35 22.42
C THR C 304 19.01 4.39 23.55
N TYR C 305 20.06 3.97 24.23
CA TYR C 305 19.92 2.97 25.25
C TYR C 305 20.58 3.47 26.55
N HIS C 306 19.81 3.52 27.63
CA HIS C 306 20.32 3.92 28.93
C HIS C 306 20.30 2.73 29.87
N PRO C 307 21.35 1.90 29.85
CA PRO C 307 21.38 0.74 30.73
C PRO C 307 21.22 1.15 32.19
N ASP C 308 21.57 2.40 32.50
CA ASP C 308 21.61 2.87 33.89
C ASP C 308 20.77 4.10 34.12
N GLY C 309 19.60 4.14 33.50
CA GLY C 309 18.67 5.23 33.72
C GLY C 309 19.14 6.50 33.06
N PRO C 310 18.35 7.57 33.17
CA PRO C 310 18.56 8.81 32.42
C PRO C 310 19.85 9.55 32.81
N GLU C 311 20.33 9.31 34.02
CA GLU C 311 21.55 9.98 34.49
C GLU C 311 22.80 9.12 34.29
N GLY C 312 22.74 8.18 33.37
CA GLY C 312 23.90 7.31 33.12
C GLY C 312 24.38 7.40 31.69
N GLN C 313 25.27 6.50 31.32
CA GLN C 313 25.79 6.47 29.95
C GLN C 313 24.69 6.14 28.95
N ALA C 314 24.79 6.72 27.75
CA ALA C 314 23.82 6.51 26.68
C ALA C 314 24.45 5.79 25.50
N TYR C 315 23.83 4.70 25.07
CA TYR C 315 24.33 3.94 23.92
C TYR C 315 23.41 4.10 22.72
N ASP C 316 24.02 4.19 21.55
CA ASP C 316 23.25 4.21 20.31
C ASP C 316 23.26 2.79 19.74
N VAL C 317 22.07 2.20 19.64
CA VAL C 317 21.96 0.82 19.20
C VAL C 317 21.52 0.87 17.76
N ASP C 318 22.29 0.20 16.90
CA ASP C 318 22.11 0.29 15.46
C ASP C 318 21.42 -0.96 14.94
N PHE C 319 20.21 -0.78 14.43
CA PHE C 319 19.38 -1.88 13.95
C PHE C 319 19.54 -2.15 12.45
N THR C 320 20.43 -1.42 11.80
CA THR C 320 20.74 -1.64 10.38
C THR C 320 21.17 -3.09 10.14
N PRO C 321 20.47 -3.80 9.24
CA PRO C 321 20.87 -5.16 8.89
C PRO C 321 22.19 -5.17 8.11
N PRO C 322 22.93 -6.29 8.15
CA PRO C 322 22.56 -7.50 8.86
C PRO C 322 23.03 -7.47 10.30
N PHE C 323 22.33 -8.21 11.14
CA PHE C 323 22.65 -8.28 12.55
C PHE C 323 23.86 -9.17 12.74
N ARG C 324 24.66 -8.87 13.76
CA ARG C 324 25.80 -9.71 14.08
C ARG C 324 25.38 -11.13 14.42
N ARG C 325 26.22 -12.08 14.05
CA ARG C 325 25.99 -13.49 14.36
C ARG C 325 27.19 -14.05 15.12
N ILE C 326 26.94 -14.68 16.27
CA ILE C 326 27.98 -15.47 16.94
C ILE C 326 27.53 -16.90 17.12
N ASN C 327 28.47 -17.85 17.07
CA ASN C 327 28.17 -19.25 17.42
C ASN C 327 28.36 -19.44 18.91
N MET C 328 27.33 -19.98 19.54
CA MET C 328 27.31 -20.09 20.97
C MET C 328 28.55 -20.78 21.55
N VAL C 329 28.82 -22.01 21.13
CA VAL C 329 29.95 -22.79 21.75
C VAL C 329 31.33 -22.20 21.46
N GLU C 330 31.53 -21.77 20.23
CA GLU C 330 32.79 -21.12 19.88
C GLU C 330 33.02 -19.81 20.65
N GLU C 331 32.03 -18.93 20.67
CA GLU C 331 32.21 -17.64 21.36
C GLU C 331 32.41 -17.82 22.85
N LEU C 332 31.74 -18.81 23.44
CA LEU C 332 31.88 -19.08 24.87
C LEU C 332 33.29 -19.53 25.21
N GLU C 333 33.83 -20.43 24.37
CA GLU C 333 35.22 -20.86 24.52
C GLU C 333 36.14 -19.66 24.44
N LYS C 334 35.85 -18.74 23.54
CA LYS C 334 36.68 -17.56 23.44
C LYS C 334 36.58 -16.71 24.71
N ALA C 335 35.37 -16.55 25.21
CA ALA C 335 35.14 -15.72 26.39
C ALA C 335 35.78 -16.37 27.61
N LEU C 336 35.71 -17.70 27.65
CA LEU C 336 36.33 -18.47 28.72
C LEU C 336 37.86 -18.52 28.60
N GLY C 337 38.40 -18.29 27.41
CA GLY C 337 39.81 -18.57 27.15
C GLY C 337 40.14 -20.04 27.37
N MET C 338 39.18 -20.92 27.13
CA MET C 338 39.42 -22.33 27.33
C MET C 338 38.52 -23.21 26.45
N LYS C 339 39.01 -24.39 26.12
CA LYS C 339 38.34 -25.27 25.19
C LYS C 339 37.36 -26.18 25.92
N LEU C 340 36.17 -26.30 25.38
CA LEU C 340 35.15 -27.16 25.93
C LEU C 340 35.24 -28.51 25.23
N PRO C 341 34.60 -29.55 25.79
CA PRO C 341 34.56 -30.82 25.04
C PRO C 341 33.95 -30.69 23.64
N GLU C 342 34.28 -31.66 22.79
CA GLU C 342 33.75 -31.78 21.43
C GLU C 342 32.23 -31.71 21.56
N THR C 343 31.52 -31.09 20.62
CA THR C 343 30.07 -30.95 20.75
C THR C 343 29.30 -32.26 20.71
N ASN C 344 29.91 -33.33 20.21
CA ASN C 344 29.22 -34.63 20.26
C ASN C 344 29.25 -35.26 21.64
N LEU C 345 29.97 -34.62 22.56
CA LEU C 345 30.10 -35.13 23.92
C LEU C 345 29.29 -34.31 24.91
N PHE C 346 28.45 -33.39 24.41
CA PHE C 346 27.71 -32.46 25.28
C PHE C 346 26.58 -33.11 26.05
N GLU C 347 26.30 -34.37 25.75
CA GLU C 347 25.30 -35.10 26.51
C GLU C 347 25.86 -36.07 27.59
N THR C 348 27.18 -36.12 27.76
CA THR C 348 27.76 -37.03 28.73
C THR C 348 27.77 -36.41 30.13
N GLU C 349 27.69 -37.26 31.14
CA GLU C 349 27.87 -36.84 32.53
C GLU C 349 29.21 -36.12 32.74
N GLU C 350 30.25 -36.61 32.09
CA GLU C 350 31.57 -36.02 32.26
C GLU C 350 31.66 -34.56 31.75
N THR C 351 30.94 -34.26 30.68
CA THR C 351 30.86 -32.87 30.21
C THR C 351 30.10 -32.03 31.22
N ARG C 352 29.11 -32.65 31.85
CA ARG C 352 28.30 -31.98 32.83
C ARG C 352 29.19 -31.53 33.98
N LYS C 353 29.98 -32.49 34.50
CA LYS C 353 30.97 -32.27 35.56
C LYS C 353 31.92 -31.17 35.17
N ILE C 354 32.39 -31.19 33.93
CA ILE C 354 33.30 -30.16 33.45
C ILE C 354 32.65 -28.74 33.46
N LEU C 355 31.40 -28.63 33.00
CA LEU C 355 30.71 -27.34 33.00
C LEU C 355 30.39 -26.92 34.42
N ASP C 356 30.16 -27.89 35.31
CA ASP C 356 29.87 -27.63 36.71
C ASP C 356 31.12 -27.01 37.38
N ASP C 357 32.27 -27.63 37.15
CA ASP C 357 33.54 -27.11 37.65
C ASP C 357 33.85 -25.74 37.11
N ILE C 358 33.59 -25.54 35.82
CA ILE C 358 33.82 -24.23 35.21
C ILE C 358 32.98 -23.12 35.85
N CYS C 359 31.72 -23.43 36.16
CA CYS C 359 30.83 -22.48 36.80
C CYS C 359 31.28 -22.09 38.24
N VAL C 360 31.68 -23.07 39.03
CA VAL C 360 32.25 -22.79 40.34
C VAL C 360 33.46 -21.88 40.19
N ALA C 361 34.43 -22.29 39.39
CA ALA C 361 35.64 -21.50 39.15
C ALA C 361 35.42 -20.06 38.64
N LYS C 362 34.36 -19.85 37.86
CA LYS C 362 34.11 -18.53 37.26
C LYS C 362 33.11 -17.71 38.07
N ALA C 363 32.69 -18.28 39.20
CA ALA C 363 31.67 -17.70 40.10
C ALA C 363 30.32 -17.47 39.42
N VAL C 364 29.87 -18.46 38.66
CA VAL C 364 28.61 -18.36 37.93
C VAL C 364 27.64 -19.25 38.66
N GLU C 365 26.66 -18.66 39.31
CA GLU C 365 25.73 -19.46 40.09
C GLU C 365 24.67 -20.15 39.22
N CYS C 366 24.24 -21.31 39.69
CA CYS C 366 23.23 -22.10 39.04
C CYS C 366 22.49 -22.90 40.10
N PRO C 367 21.25 -22.49 40.44
CA PRO C 367 20.47 -23.20 41.44
C PRO C 367 20.13 -24.58 40.90
N PRO C 368 19.95 -25.56 41.79
CA PRO C 368 19.69 -26.94 41.39
C PRO C 368 18.39 -27.05 40.56
N PRO C 369 18.34 -27.97 39.57
CA PRO C 369 19.35 -28.96 39.21
C PRO C 369 20.51 -28.37 38.37
N ARG C 370 21.73 -28.79 38.66
CA ARG C 370 22.86 -28.34 37.87
C ARG C 370 23.04 -29.28 36.68
N THR C 371 22.12 -29.15 35.71
CA THR C 371 22.14 -29.98 34.50
C THR C 371 22.95 -29.26 33.47
N THR C 372 23.39 -29.97 32.45
CA THR C 372 24.25 -29.41 31.42
C THR C 372 23.56 -28.20 30.77
N ALA C 373 22.28 -28.39 30.47
CA ALA C 373 21.44 -27.36 29.85
C ALA C 373 21.41 -26.06 30.68
N ARG C 374 21.20 -26.17 32.00
CA ARG C 374 21.12 -24.99 32.87
C ARG C 374 22.48 -24.36 33.17
N LEU C 375 23.53 -25.18 33.24
CA LEU C 375 24.88 -24.69 33.54
C LEU C 375 25.38 -23.94 32.32
N LEU C 376 25.14 -24.53 31.16
CA LEU C 376 25.42 -23.92 29.86
C LEU C 376 24.73 -22.58 29.65
N ASP C 377 23.45 -22.53 29.94
CA ASP C 377 22.71 -21.29 29.82
C ASP C 377 23.22 -20.19 30.77
N LYS C 378 23.56 -20.56 32.00
CA LYS C 378 24.14 -19.60 32.95
C LYS C 378 25.46 -19.04 32.48
N LEU C 379 26.33 -19.90 31.94
CA LEU C 379 27.59 -19.47 31.37
C LEU C 379 27.41 -18.57 30.15
N VAL C 380 26.45 -18.92 29.30
CA VAL C 380 26.17 -18.09 28.14
C VAL C 380 25.58 -16.74 28.60
N GLY C 381 24.76 -16.76 29.65
CA GLY C 381 24.17 -15.52 30.16
C GLY C 381 25.22 -14.55 30.66
N GLU C 382 26.27 -15.08 31.29
CA GLU C 382 27.35 -14.33 31.90
C GLU C 382 28.39 -13.83 30.88
N PHE C 383 28.75 -14.64 29.89
CA PHE C 383 29.84 -14.28 29.00
C PHE C 383 29.45 -13.72 27.63
N LEU C 384 28.25 -14.04 27.15
CA LEU C 384 27.88 -13.66 25.79
C LEU C 384 26.69 -12.72 25.77
N GLU C 385 25.64 -13.07 26.52
CA GLU C 385 24.40 -12.30 26.48
C GLU C 385 24.59 -10.85 26.92
N VAL C 386 25.40 -10.62 27.94
CA VAL C 386 25.57 -9.26 28.47
C VAL C 386 26.31 -8.33 27.51
N THR C 387 27.03 -8.91 26.54
CA THR C 387 27.74 -8.14 25.54
C THR C 387 26.90 -7.88 24.31
N CYS C 388 25.68 -8.40 24.27
CA CYS C 388 24.77 -8.19 23.14
C CYS C 388 23.93 -6.91 23.34
N ILE C 389 24.50 -5.79 22.90
CA ILE C 389 23.86 -4.47 22.94
C ILE C 389 23.10 -4.25 21.63
N ASN C 390 23.83 -4.23 20.54
CA ASN C 390 23.20 -4.27 19.24
C ASN C 390 22.51 -5.62 19.02
N PRO C 391 21.50 -5.64 18.14
CA PRO C 391 20.84 -6.89 17.79
C PRO C 391 21.87 -7.93 17.33
N THR C 392 21.85 -9.10 17.99
CA THR C 392 22.84 -10.14 17.77
C THR C 392 22.12 -11.49 17.85
N PHE C 393 22.36 -12.33 16.83
CA PHE C 393 21.89 -13.70 16.85
C PHE C 393 22.96 -14.57 17.52
N ILE C 394 22.53 -15.33 18.52
CA ILE C 394 23.39 -16.33 19.10
C ILE C 394 22.87 -17.66 18.53
N CYS C 395 23.75 -18.36 17.82
CA CYS C 395 23.36 -19.50 17.00
C CYS C 395 23.93 -20.82 17.42
N ASP C 396 23.27 -21.87 16.89
CA ASP C 396 23.72 -23.26 16.94
C ASP C 396 23.74 -23.88 18.34
N HIS C 397 22.63 -23.75 19.05
CA HIS C 397 22.54 -24.27 20.41
C HIS C 397 22.74 -25.79 20.44
N PRO C 398 23.55 -26.28 21.40
CA PRO C 398 23.66 -27.72 21.63
C PRO C 398 22.30 -28.38 21.75
N GLN C 399 22.18 -29.62 21.25
CA GLN C 399 20.91 -30.33 21.24
C GLN C 399 20.31 -30.52 22.64
N ILE C 400 21.19 -30.70 23.63
CA ILE C 400 20.82 -30.94 25.02
C ILE C 400 20.03 -29.76 25.64
N MET C 401 20.26 -28.56 25.13
CA MET C 401 19.39 -27.44 25.53
C MET C 401 18.21 -27.12 24.59
N SER C 402 17.98 -27.99 23.60
CA SER C 402 17.04 -27.68 22.51
C SER C 402 16.20 -28.88 22.08
N PRO C 403 15.26 -29.31 22.93
CA PRO C 403 14.55 -30.57 22.70
C PRO C 403 13.59 -30.62 21.52
N LEU C 404 13.31 -29.49 20.87
CA LEU C 404 12.37 -29.50 19.74
C LEU C 404 12.99 -28.92 18.47
N ALA C 405 14.27 -28.56 18.52
CA ALA C 405 14.97 -28.10 17.34
C ALA C 405 15.61 -29.26 16.58
N LYS C 406 15.74 -29.11 15.26
CA LYS C 406 16.36 -30.12 14.41
C LYS C 406 17.87 -30.11 14.53
N TRP C 407 18.46 -31.30 14.62
CA TRP C 407 19.91 -31.45 14.58
C TRP C 407 20.53 -30.63 13.46
N HIS C 408 21.71 -30.08 13.72
CA HIS C 408 22.42 -29.24 12.76
C HIS C 408 22.97 -30.17 11.68
N ARG C 409 22.99 -29.71 10.44
CA ARG C 409 23.25 -30.60 9.30
C ARG C 409 24.73 -30.89 9.03
N SER C 410 25.63 -30.13 9.66
CA SER C 410 27.07 -30.39 9.55
C SER C 410 27.81 -30.50 10.90
N LYS C 411 27.21 -30.02 11.98
CA LYS C 411 27.89 -29.98 13.27
C LYS C 411 27.21 -30.90 14.29
N GLU C 412 27.79 -32.08 14.51
CA GLU C 412 27.22 -33.06 15.43
C GLU C 412 27.09 -32.52 16.84
N GLY C 413 25.93 -32.76 17.44
CA GLY C 413 25.66 -32.33 18.82
C GLY C 413 24.97 -30.98 18.91
N LEU C 414 25.01 -30.21 17.82
CA LEU C 414 24.36 -28.88 17.76
C LEU C 414 23.02 -28.90 17.00
N THR C 415 22.34 -27.75 16.99
CA THR C 415 21.03 -27.64 16.33
C THR C 415 21.00 -26.39 15.45
N GLU C 416 19.95 -26.30 14.66
CA GLU C 416 19.71 -25.17 13.77
C GLU C 416 18.77 -24.24 14.51
N ARG C 417 19.35 -23.47 15.42
CA ARG C 417 18.61 -22.70 16.36
C ARG C 417 19.33 -21.37 16.50
N PHE C 418 18.55 -20.30 16.66
CA PHE C 418 19.14 -19.02 17.03
C PHE C 418 18.28 -18.31 18.08
N GLU C 419 18.89 -17.35 18.75
CA GLU C 419 18.18 -16.43 19.63
C GLU C 419 18.68 -15.02 19.35
N LEU C 420 17.75 -14.08 19.22
CA LEU C 420 18.10 -12.68 19.00
C LEU C 420 18.22 -12.00 20.37
N PHE C 421 19.33 -11.29 20.57
CA PHE C 421 19.54 -10.50 21.77
C PHE C 421 19.67 -9.03 21.41
N VAL C 422 19.01 -8.19 22.20
CA VAL C 422 19.01 -6.74 21.98
C VAL C 422 19.12 -6.11 23.34
N MET C 423 20.11 -5.25 23.53
CA MET C 423 20.26 -4.52 24.78
C MET C 423 20.27 -5.46 25.99
N LYS C 424 21.00 -6.57 25.85
CA LYS C 424 21.26 -7.55 26.93
C LYS C 424 20.10 -8.48 27.27
N LYS C 425 19.04 -8.45 26.46
CA LYS C 425 17.80 -9.17 26.72
C LYS C 425 17.50 -10.08 25.56
N GLU C 426 17.03 -11.29 25.86
CA GLU C 426 16.55 -12.18 24.82
C GLU C 426 15.26 -11.66 24.18
N ILE C 427 15.20 -11.63 22.85
CA ILE C 427 14.03 -11.15 22.13
C ILE C 427 13.28 -12.29 21.40
N CYS C 428 14.01 -13.05 20.58
CA CYS C 428 13.41 -14.11 19.75
C CYS C 428 14.12 -15.42 20.01
N ASN C 429 13.40 -16.51 19.77
CA ASN C 429 13.93 -17.85 19.83
C ASN C 429 13.37 -18.61 18.63
N ALA C 430 14.25 -19.19 17.83
CA ALA C 430 13.84 -19.79 16.56
C ALA C 430 14.75 -20.94 16.17
N TYR C 431 14.21 -21.84 15.36
CA TYR C 431 14.96 -22.94 14.85
C TYR C 431 14.27 -23.62 13.67
N THR C 432 15.05 -24.35 12.86
CA THR C 432 14.39 -25.29 11.99
C THR C 432 13.86 -26.39 12.91
N GLU C 433 12.62 -26.79 12.65
CA GLU C 433 11.86 -27.65 13.56
C GLU C 433 12.21 -29.13 13.42
N LEU C 434 12.31 -29.80 14.56
CA LEU C 434 12.52 -31.23 14.56
C LEU C 434 11.26 -31.92 14.04
N ASN C 435 11.42 -32.67 12.95
CA ASN C 435 10.26 -33.28 12.32
C ASN C 435 10.34 -34.80 12.18
N ASP C 436 11.38 -35.38 12.76
CA ASP C 436 11.52 -36.83 12.86
C ASP C 436 10.85 -37.28 14.15
N PRO C 437 9.76 -38.05 14.05
CA PRO C 437 8.99 -38.45 15.24
C PRO C 437 9.73 -39.33 16.23
N MET C 438 10.64 -40.16 15.72
CA MET C 438 11.41 -41.10 16.56
C MET C 438 12.39 -40.34 17.45
N ARG C 439 13.04 -39.35 16.85
CA ARG C 439 13.99 -38.51 17.57
C ARG C 439 13.29 -37.55 18.51
N GLN C 440 12.12 -37.05 18.12
CA GLN C 440 11.34 -36.17 18.98
C GLN C 440 10.94 -36.93 20.21
N ARG C 441 10.52 -38.18 20.02
CA ARG C 441 10.11 -39.03 21.12
C ARG C 441 11.26 -39.31 22.08
N GLN C 442 12.41 -39.66 21.54
CA GLN C 442 13.57 -39.90 22.39
C GLN C 442 13.94 -38.63 23.18
N LEU C 443 13.85 -37.48 22.54
CA LEU C 443 14.08 -36.20 23.24
C LEU C 443 13.04 -35.89 24.30
N PHE C 444 11.78 -36.25 24.07
CA PHE C 444 10.75 -36.06 25.08
C PHE C 444 11.03 -36.93 26.29
N GLU C 445 11.46 -38.17 26.04
CA GLU C 445 11.78 -39.12 27.11
C GLU C 445 12.90 -38.65 28.04
N GLU C 446 13.96 -38.07 27.47
CA GLU C 446 15.00 -37.46 28.28
C GLU C 446 14.43 -36.35 29.18
N GLN C 447 13.54 -35.53 28.61
CA GLN C 447 12.84 -34.48 29.36
C GLN C 447 12.06 -35.08 30.52
N ALA C 448 11.40 -36.22 30.26
CA ALA C 448 10.58 -36.88 31.28
C ALA C 448 11.41 -37.45 32.41
N LYS C 449 12.58 -37.98 32.08
CA LYS C 449 13.45 -38.48 33.14
C LYS C 449 14.10 -37.34 33.94
N ALA C 450 14.47 -36.24 33.28
CA ALA C 450 14.88 -35.04 34.03
C ALA C 450 13.77 -34.58 35.00
N LYS C 451 12.53 -34.57 34.52
CA LYS C 451 11.37 -34.21 35.31
C LYS C 451 11.26 -35.10 36.54
N ALA C 452 11.32 -36.41 36.33
CA ALA C 452 11.19 -37.35 37.44
C ALA C 452 12.37 -37.24 38.43
N ALA C 453 13.48 -36.65 37.98
CA ALA C 453 14.65 -36.46 38.80
C ALA C 453 14.74 -35.07 39.46
N GLY C 454 13.61 -34.36 39.53
CA GLY C 454 13.56 -33.09 40.28
C GLY C 454 13.68 -31.80 39.49
N ASP C 455 13.26 -31.80 38.24
CA ASP C 455 13.31 -30.58 37.43
C ASP C 455 11.89 -30.11 37.10
N ASP C 456 11.47 -29.02 37.74
CA ASP C 456 10.09 -28.50 37.65
C ASP C 456 9.75 -28.04 36.25
N GLU C 457 10.77 -27.61 35.51
CA GLU C 457 10.59 -26.97 34.23
C GLU C 457 10.62 -27.96 33.06
N ALA C 458 11.12 -29.16 33.29
CA ALA C 458 11.24 -30.16 32.22
C ALA C 458 9.92 -30.47 31.50
N MET C 459 10.01 -30.72 30.20
CA MET C 459 8.84 -31.07 29.39
C MET C 459 8.20 -32.42 29.70
N PHE C 460 6.89 -32.47 29.55
CA PHE C 460 6.10 -33.68 29.57
C PHE C 460 6.21 -34.34 28.21
N ILE C 461 6.27 -35.67 28.17
CA ILE C 461 6.16 -36.38 26.90
C ILE C 461 4.75 -36.17 26.33
N ASP C 462 4.68 -35.62 25.11
CA ASP C 462 3.40 -35.45 24.43
C ASP C 462 3.24 -36.49 23.31
N GLU C 463 2.75 -37.67 23.65
CA GLU C 463 2.47 -38.71 22.64
C GLU C 463 1.55 -38.26 21.47
N ASN C 464 0.52 -37.46 21.75
CA ASN C 464 -0.35 -36.98 20.67
C ASN C 464 0.38 -36.12 19.65
N PHE C 465 1.36 -35.34 20.11
CA PHE C 465 2.15 -34.59 19.18
C PHE C 465 3.10 -35.48 18.39
N CYS C 466 3.69 -36.49 19.04
CA CYS C 466 4.55 -37.42 18.31
C CYS C 466 3.76 -38.18 17.26
N THR C 467 2.51 -38.48 17.57
CA THR C 467 1.64 -39.12 16.61
C THR C 467 1.46 -38.20 15.39
N ALA C 468 1.28 -36.90 15.60
CA ALA C 468 1.10 -35.97 14.48
C ALA C 468 2.33 -35.93 13.57
N LEU C 469 3.52 -35.90 14.16
CA LEU C 469 4.78 -35.99 13.41
C LEU C 469 4.89 -37.27 12.57
N GLU C 470 4.22 -38.34 12.99
CA GLU C 470 4.22 -39.60 12.23
C GLU C 470 3.38 -39.53 10.95
N TYR C 471 2.62 -38.45 10.79
CA TYR C 471 1.82 -38.25 9.59
C TYR C 471 2.56 -37.41 8.57
N GLY C 472 3.66 -36.80 9.01
CA GLY C 472 4.53 -36.06 8.10
C GLY C 472 4.42 -34.56 8.31
N LEU C 473 5.35 -34.01 9.07
CA LEU C 473 5.56 -32.57 9.16
C LEU C 473 6.63 -32.18 8.15
N PRO C 474 6.26 -31.40 7.13
CA PRO C 474 7.23 -30.95 6.14
C PRO C 474 8.36 -30.19 6.78
N PRO C 475 9.51 -30.13 6.10
CA PRO C 475 10.56 -29.36 6.71
C PRO C 475 10.02 -27.94 6.97
N THR C 476 10.26 -27.44 8.18
CA THR C 476 9.64 -26.21 8.65
C THR C 476 10.61 -25.45 9.54
N ALA C 477 10.45 -24.12 9.59
CA ALA C 477 11.16 -23.31 10.57
C ALA C 477 10.17 -22.42 11.30
N GLY C 478 10.30 -22.35 12.61
CA GLY C 478 9.37 -21.58 13.43
C GLY C 478 10.11 -20.61 14.33
N TRP C 479 9.36 -19.71 14.96
CA TRP C 479 9.97 -18.51 15.53
C TRP C 479 9.08 -18.03 16.67
N GLY C 480 9.69 -17.46 17.69
CA GLY C 480 8.94 -16.90 18.83
C GLY C 480 9.56 -15.62 19.33
N MET C 481 8.75 -14.57 19.42
CA MET C 481 9.26 -13.26 19.86
C MET C 481 8.44 -12.71 21.02
N GLY C 482 9.11 -12.30 22.09
CA GLY C 482 8.44 -11.64 23.19
C GLY C 482 8.13 -10.19 22.85
N ILE C 483 6.83 -9.90 22.66
CA ILE C 483 6.33 -8.52 22.43
C ILE C 483 6.72 -7.54 23.54
N ASP C 484 6.56 -7.93 24.79
CA ASP C 484 6.93 -7.07 25.90
C ASP C 484 8.39 -6.66 25.88
N ARG C 485 9.27 -7.58 25.53
CA ARG C 485 10.72 -7.33 25.42
C ARG C 485 11.04 -6.34 24.33
N VAL C 486 10.41 -6.48 23.18
CA VAL C 486 10.59 -5.51 22.07
C VAL C 486 10.10 -4.10 22.48
N ALA C 487 8.91 -4.03 23.10
CA ALA C 487 8.38 -2.74 23.58
C ALA C 487 9.33 -2.12 24.64
N MET C 488 9.93 -2.95 25.49
CA MET C 488 10.96 -2.47 26.40
C MET C 488 12.04 -1.70 25.65
N PHE C 489 12.67 -2.36 24.67
CA PHE C 489 13.81 -1.76 23.99
C PHE C 489 13.47 -0.62 23.01
N LEU C 490 12.24 -0.62 22.49
CA LEU C 490 11.76 0.48 21.63
C LEU C 490 11.31 1.70 22.44
N THR C 491 11.15 1.50 23.74
CA THR C 491 10.80 2.59 24.65
C THR C 491 11.92 2.90 25.65
N ASP C 492 13.08 2.26 25.49
CA ASP C 492 14.23 2.47 26.39
C ASP C 492 13.80 2.28 27.83
N SER C 493 13.03 1.24 28.08
CA SER C 493 12.61 0.88 29.44
C SER C 493 13.45 -0.28 29.92
N ASN C 494 13.94 -0.17 31.15
CA ASN C 494 14.76 -1.22 31.73
C ASN C 494 13.92 -2.15 32.58
N ASN C 495 12.68 -1.74 32.88
CA ASN C 495 11.74 -2.52 33.69
C ASN C 495 10.53 -2.90 32.83
N ILE C 496 10.16 -4.18 32.83
CA ILE C 496 9.00 -4.64 32.06
C ILE C 496 7.66 -4.00 32.49
N LYS C 497 7.59 -3.57 33.75
CA LYS C 497 6.42 -2.91 34.32
C LYS C 497 6.04 -1.60 33.62
N GLU C 498 7.02 -1.00 32.94
CA GLU C 498 6.80 0.15 32.08
C GLU C 498 5.94 -0.14 30.84
N VAL C 499 5.91 -1.39 30.38
CA VAL C 499 5.25 -1.72 29.13
C VAL C 499 4.08 -2.69 29.27
N LEU C 500 3.68 -2.98 30.50
CA LEU C 500 2.46 -3.72 30.74
C LEU C 500 1.53 -2.76 31.42
N LEU C 501 0.27 -2.76 30.99
CA LEU C 501 -0.69 -1.82 31.54
C LEU C 501 -0.92 -2.12 33.02
N PHE C 502 -1.11 -3.40 33.34
CA PHE C 502 -1.33 -3.83 34.71
C PHE C 502 -0.37 -4.96 35.14
N PRO C 503 0.89 -4.60 35.43
CA PRO C 503 1.89 -5.63 35.68
C PRO C 503 1.58 -6.37 36.96
N ALA C 504 2.02 -7.63 37.02
CA ALA C 504 1.92 -8.45 38.22
C ALA C 504 2.82 -7.88 39.32
N MET C 505 2.32 -7.96 40.54
CA MET C 505 2.82 -7.16 41.64
C MET C 505 2.82 -8.00 42.92
N LYS C 506 3.82 -7.80 43.78
CA LYS C 506 3.86 -8.51 45.07
C LYS C 506 2.69 -8.01 45.90
N PRO C 507 2.01 -8.94 46.59
CA PRO C 507 0.95 -8.43 47.46
C PRO C 507 1.51 -8.04 48.83
N VAL D 3 -5.55 -54.29 4.97
CA VAL D 3 -4.25 -53.99 5.67
C VAL D 3 -4.46 -53.40 7.06
N ASP D 4 -3.98 -54.12 8.05
CA ASP D 4 -4.01 -53.66 9.41
C ASP D 4 -3.15 -52.39 9.49
N PRO D 5 -3.76 -51.26 9.88
CA PRO D 5 -3.04 -50.01 10.08
C PRO D 5 -1.84 -50.15 11.01
N ASN D 6 -2.01 -50.90 12.10
CA ASN D 6 -0.91 -51.24 13.01
C ASN D 6 0.25 -51.87 12.25
N GLN D 7 -0.12 -52.74 11.31
CA GLN D 7 0.82 -53.50 10.51
C GLN D 7 1.53 -52.57 9.53
N TYR D 8 0.75 -51.77 8.81
CA TYR D 8 1.30 -50.74 7.92
C TYR D 8 2.30 -49.79 8.63
N TYR D 9 1.89 -49.25 9.77
CA TYR D 9 2.76 -48.41 10.59
C TYR D 9 4.09 -49.06 10.93
N LYS D 10 4.01 -50.28 11.43
CA LYS D 10 5.18 -51.07 11.82
C LYS D 10 6.08 -51.32 10.62
N ILE D 11 5.49 -51.62 9.47
CA ILE D 11 6.26 -51.82 8.23
C ILE D 11 6.94 -50.55 7.69
N ARG D 12 6.19 -49.45 7.65
CA ARG D 12 6.77 -48.19 7.16
C ARG D 12 7.80 -47.62 8.09
N SER D 13 7.57 -47.76 9.40
CA SER D 13 8.54 -47.31 10.39
C SER D 13 9.88 -47.99 10.13
N GLN D 14 9.83 -49.29 9.86
CA GLN D 14 11.04 -50.06 9.51
C GLN D 14 11.68 -49.57 8.21
N ALA D 15 10.85 -49.42 7.17
CA ALA D 15 11.31 -48.93 5.87
C ALA D 15 12.06 -47.62 6.03
N ILE D 16 11.52 -46.72 6.85
CA ILE D 16 12.15 -45.42 7.04
C ILE D 16 13.37 -45.44 7.98
N HIS D 17 13.35 -46.32 8.97
CA HIS D 17 14.55 -46.54 9.77
C HIS D 17 15.72 -46.99 8.87
N GLN D 18 15.42 -47.92 7.96
CA GLN D 18 16.38 -48.42 6.98
C GLN D 18 16.97 -47.34 6.07
N LEU D 19 16.14 -46.39 5.64
CA LEU D 19 16.63 -45.26 4.85
C LEU D 19 17.62 -44.40 5.64
N LYS D 20 17.39 -44.24 6.94
CA LYS D 20 18.34 -43.53 7.79
C LYS D 20 19.65 -44.32 7.90
N VAL D 21 19.57 -45.63 8.13
CA VAL D 21 20.77 -46.44 8.21
C VAL D 21 21.43 -46.63 6.83
N ASN D 22 20.72 -46.34 5.75
CA ASN D 22 21.34 -46.32 4.42
C ASN D 22 21.93 -44.97 3.99
N GLY D 23 21.80 -43.95 4.82
CA GLY D 23 22.30 -42.63 4.48
C GLY D 23 21.44 -41.91 3.46
N GLU D 24 20.17 -42.28 3.40
CA GLU D 24 19.20 -41.69 2.47
C GLU D 24 18.24 -40.85 3.28
N ASP D 25 18.77 -39.94 4.09
CA ASP D 25 17.99 -39.11 5.03
C ASP D 25 16.55 -38.74 4.60
N PRO D 26 15.55 -39.46 5.15
CA PRO D 26 14.11 -39.30 4.84
C PRO D 26 13.49 -37.99 5.32
N TYR D 27 14.20 -37.25 6.19
CA TYR D 27 13.76 -35.92 6.67
C TYR D 27 14.87 -34.90 6.43
N PRO D 28 15.04 -34.49 5.18
CA PRO D 28 16.08 -33.53 4.80
C PRO D 28 15.79 -32.13 5.35
N HIS D 29 16.85 -31.31 5.44
CA HIS D 29 16.79 -30.05 6.16
C HIS D 29 16.10 -28.94 5.38
N LYS D 30 16.44 -28.85 4.10
CA LYS D 30 16.00 -27.74 3.28
C LYS D 30 15.67 -28.17 1.84
N PHE D 31 14.44 -27.94 1.41
CA PHE D 31 14.07 -28.09 0.01
C PHE D 31 13.63 -26.71 -0.45
N HIS D 32 14.25 -26.19 -1.50
CA HIS D 32 13.93 -24.84 -1.94
C HIS D 32 12.76 -24.80 -2.92
N VAL D 33 11.58 -24.41 -2.43
CA VAL D 33 10.38 -24.31 -3.26
C VAL D 33 10.42 -23.04 -4.09
N ASP D 34 10.37 -23.18 -5.42
CA ASP D 34 10.44 -22.01 -6.31
C ASP D 34 9.09 -21.29 -6.41
N ILE D 35 8.00 -22.04 -6.32
CA ILE D 35 6.68 -21.49 -6.58
C ILE D 35 5.62 -22.31 -5.85
N SER D 36 4.62 -21.63 -5.27
CA SER D 36 3.53 -22.33 -4.64
C SER D 36 2.67 -23.03 -5.68
N LEU D 37 1.86 -24.00 -5.24
CA LEU D 37 0.99 -24.75 -6.17
C LEU D 37 -0.04 -23.81 -6.75
N THR D 38 -0.62 -22.99 -5.87
CA THR D 38 -1.57 -21.94 -6.25
C THR D 38 -1.06 -21.03 -7.39
N ASP D 39 0.15 -20.53 -7.23
CA ASP D 39 0.77 -19.70 -8.25
C ASP D 39 1.25 -20.48 -9.46
N PHE D 40 1.56 -21.76 -9.27
CA PHE D 40 1.93 -22.59 -10.40
C PHE D 40 0.71 -22.79 -11.31
N ILE D 41 -0.43 -23.08 -10.68
CA ILE D 41 -1.70 -23.26 -11.36
C ILE D 41 -2.12 -22.00 -12.11
N GLN D 42 -1.90 -20.84 -11.52
CA GLN D 42 -2.43 -19.65 -12.12
C GLN D 42 -1.50 -19.17 -13.23
N LYS D 43 -0.23 -19.54 -13.14
CA LYS D 43 0.74 -19.13 -14.13
C LYS D 43 0.67 -19.97 -15.39
N TYR D 44 0.41 -21.27 -15.24
CA TYR D 44 0.43 -22.19 -16.37
C TYR D 44 -0.96 -22.67 -16.74
N SER D 45 -1.98 -21.97 -16.23
CA SER D 45 -3.37 -22.36 -16.39
C SER D 45 -3.89 -22.25 -17.83
N HIS D 46 -3.10 -21.65 -18.72
CA HIS D 46 -3.52 -21.58 -20.11
C HIS D 46 -2.70 -22.45 -21.08
N LEU D 47 -2.03 -23.49 -20.56
CA LEU D 47 -1.35 -24.44 -21.43
C LEU D 47 -2.37 -25.31 -22.19
N GLN D 48 -1.93 -25.96 -23.26
CA GLN D 48 -2.81 -26.87 -24.01
C GLN D 48 -2.46 -28.34 -23.80
N PRO D 49 -3.48 -29.22 -23.92
CA PRO D 49 -3.32 -30.67 -23.79
C PRO D 49 -2.16 -31.18 -24.63
N GLY D 50 -1.19 -31.82 -23.99
CA GLY D 50 -0.05 -32.40 -24.71
C GLY D 50 1.23 -31.59 -24.60
N ASP D 51 1.11 -30.35 -24.14
CA ASP D 51 2.28 -29.49 -23.90
C ASP D 51 3.29 -30.05 -22.90
N HIS D 52 4.55 -29.69 -23.08
CA HIS D 52 5.60 -30.04 -22.15
C HIS D 52 6.75 -29.05 -22.28
N LEU D 53 6.74 -28.02 -21.42
CA LEU D 53 7.74 -26.95 -21.47
C LEU D 53 9.09 -27.40 -20.95
N THR D 54 9.86 -28.07 -21.80
CA THR D 54 11.15 -28.63 -21.42
C THR D 54 12.18 -27.56 -21.07
N ASP D 55 11.88 -26.32 -21.43
CA ASP D 55 12.88 -25.26 -21.25
C ASP D 55 12.80 -24.58 -19.88
N ILE D 56 11.69 -24.78 -19.16
CA ILE D 56 11.56 -24.19 -17.84
C ILE D 56 11.42 -25.25 -16.73
N THR D 57 12.18 -25.07 -15.65
CA THR D 57 12.29 -26.05 -14.59
C THR D 57 12.02 -25.40 -13.24
N LEU D 58 11.08 -25.96 -12.49
CA LEU D 58 10.62 -25.39 -11.25
C LEU D 58 10.61 -26.43 -10.13
N LYS D 59 10.68 -25.95 -8.90
CA LYS D 59 10.58 -26.80 -7.73
C LYS D 59 9.28 -26.45 -7.03
N VAL D 60 8.46 -27.47 -6.80
CA VAL D 60 7.23 -27.35 -6.01
C VAL D 60 7.28 -28.40 -4.92
N ALA D 61 6.40 -28.27 -3.93
CA ALA D 61 6.26 -29.30 -2.92
C ALA D 61 4.82 -29.47 -2.45
N GLY D 62 4.54 -30.57 -1.78
CA GLY D 62 3.23 -30.82 -1.25
C GLY D 62 3.09 -32.25 -0.73
N ARG D 63 1.87 -32.61 -0.36
CA ARG D 63 1.58 -33.93 0.14
C ARG D 63 0.93 -34.81 -0.94
N ILE D 64 1.38 -36.06 -1.05
CA ILE D 64 0.79 -37.04 -1.97
C ILE D 64 -0.58 -37.49 -1.49
N HIS D 65 -1.62 -37.24 -2.28
CA HIS D 65 -2.93 -37.69 -1.87
CA HIS D 65 -2.99 -37.63 -1.95
C HIS D 65 -3.36 -38.99 -2.54
N ALA D 66 -2.70 -39.33 -3.66
CA ALA D 66 -2.95 -40.58 -4.37
C ALA D 66 -1.74 -40.92 -5.24
N LYS D 67 -1.41 -42.21 -5.30
CA LYS D 67 -0.32 -42.71 -6.13
C LYS D 67 -0.87 -43.79 -7.06
N ARG D 68 -0.66 -43.63 -8.36
CA ARG D 68 -1.30 -44.52 -9.35
C ARG D 68 -0.33 -44.90 -10.44
N ALA D 69 0.12 -46.15 -10.43
CA ALA D 69 1.07 -46.59 -11.45
C ALA D 69 0.32 -46.90 -12.72
N SER D 70 1.03 -46.85 -13.84
CA SER D 70 0.44 -47.11 -15.13
C SER D 70 1.49 -47.73 -16.03
N GLY D 71 1.87 -48.98 -15.72
CA GLY D 71 2.82 -49.72 -16.53
C GLY D 71 4.31 -49.52 -16.27
N GLY D 72 4.70 -49.40 -15.00
CA GLY D 72 6.13 -49.42 -14.64
C GLY D 72 7.06 -48.37 -15.24
N LYS D 73 6.51 -47.48 -16.05
CA LYS D 73 7.29 -46.42 -16.67
C LYS D 73 6.51 -45.11 -16.66
N LEU D 74 5.45 -45.09 -15.86
CA LEU D 74 4.52 -43.99 -15.84
C LEU D 74 3.70 -44.06 -14.57
N ILE D 75 3.94 -43.09 -13.70
CA ILE D 75 3.21 -43.02 -12.46
C ILE D 75 2.69 -41.59 -12.24
N PHE D 76 1.47 -41.51 -11.74
CA PHE D 76 0.83 -40.26 -11.44
C PHE D 76 0.71 -40.11 -9.94
N TYR D 77 1.19 -38.99 -9.41
CA TYR D 77 0.94 -38.64 -8.02
C TYR D 77 0.00 -37.43 -7.98
N ASP D 78 -1.10 -37.54 -7.23
CA ASP D 78 -1.98 -36.41 -6.94
C ASP D 78 -1.37 -35.56 -5.80
N LEU D 79 -0.67 -34.49 -6.17
CA LEU D 79 0.03 -33.62 -5.22
C LEU D 79 -0.93 -32.57 -4.73
N ARG D 80 -1.06 -32.43 -3.42
CA ARG D 80 -1.94 -31.40 -2.88
C ARG D 80 -1.25 -30.41 -1.95
N GLY D 81 -1.91 -29.28 -1.74
CA GLY D 81 -1.37 -28.21 -0.92
C GLY D 81 -2.22 -26.97 -1.04
N GLU D 82 -2.21 -26.16 0.01
CA GLU D 82 -2.87 -24.86 0.01
C GLU D 82 -4.31 -24.91 -0.47
N GLY D 83 -4.96 -26.06 -0.33
CA GLY D 83 -6.37 -26.21 -0.72
C GLY D 83 -6.55 -26.53 -2.21
N VAL D 84 -5.47 -26.95 -2.84
CA VAL D 84 -5.34 -26.97 -4.30
C VAL D 84 -4.61 -28.26 -4.72
N LYS D 85 -4.67 -28.63 -6.01
CA LYS D 85 -3.97 -29.83 -6.46
C LYS D 85 -3.19 -29.64 -7.75
N LEU D 86 -2.19 -30.50 -7.96
CA LEU D 86 -1.40 -30.55 -9.17
C LEU D 86 -0.97 -31.99 -9.42
N GLN D 87 -1.17 -32.47 -10.64
CA GLN D 87 -0.80 -33.84 -11.00
C GLN D 87 0.69 -33.92 -11.32
N VAL D 88 1.38 -34.88 -10.72
CA VAL D 88 2.73 -35.16 -11.10
C VAL D 88 2.72 -36.37 -12.03
N MET D 89 3.11 -36.15 -13.28
CA MET D 89 3.18 -37.23 -14.26
C MET D 89 4.62 -37.64 -14.43
N ALA D 90 5.00 -38.76 -13.82
CA ALA D 90 6.38 -39.18 -13.92
C ALA D 90 6.54 -40.38 -14.86
N ASN D 91 7.27 -40.16 -15.96
CA ASN D 91 7.79 -41.28 -16.74
C ASN D 91 9.29 -41.31 -16.61
N SER D 92 9.88 -42.46 -16.89
CA SER D 92 11.30 -42.72 -16.64
C SER D 92 12.21 -42.08 -17.67
N ARG D 93 11.65 -41.79 -18.84
CA ARG D 93 12.40 -41.14 -19.93
C ARG D 93 12.79 -39.74 -19.52
N ASN D 94 11.87 -39.06 -18.85
CA ASN D 94 12.07 -37.68 -18.39
C ASN D 94 12.78 -37.52 -17.05
N TYR D 95 12.81 -38.61 -16.29
CA TYR D 95 13.47 -38.60 -14.99
C TYR D 95 15.00 -38.55 -15.12
N LYS D 96 15.65 -38.17 -14.02
CA LYS D 96 17.11 -38.11 -13.92
C LYS D 96 17.78 -39.42 -14.39
N SER D 97 17.21 -40.56 -13.98
CA SER D 97 17.72 -41.90 -14.32
C SER D 97 16.58 -42.89 -14.27
N GLU D 98 16.70 -43.97 -15.03
CA GLU D 98 15.74 -45.05 -14.97
C GLU D 98 15.86 -45.78 -13.65
N GLU D 99 17.10 -45.98 -13.19
CA GLU D 99 17.39 -46.63 -11.92
C GLU D 99 16.92 -45.79 -10.73
N GLU D 100 17.15 -44.48 -10.80
CA GLU D 100 16.68 -43.54 -9.78
C GLU D 100 15.15 -43.43 -9.82
N PHE D 101 14.59 -43.51 -11.02
CA PHE D 101 13.16 -43.49 -11.22
C PHE D 101 12.47 -44.65 -10.51
N ILE D 102 12.96 -45.88 -10.71
CA ILE D 102 12.42 -47.04 -10.00
C ILE D 102 12.57 -46.87 -8.48
N HIS D 103 13.75 -46.44 -8.07
CA HIS D 103 14.06 -46.27 -6.67
C HIS D 103 13.13 -45.32 -5.92
N ILE D 104 12.83 -44.16 -6.50
CA ILE D 104 11.93 -43.21 -5.85
C ILE D 104 10.48 -43.72 -5.75
N ASN D 105 10.00 -44.35 -6.83
CA ASN D 105 8.64 -44.84 -6.85
C ASN D 105 8.43 -45.97 -5.86
N ASN D 106 9.49 -46.73 -5.61
CA ASN D 106 9.40 -47.86 -4.72
C ASN D 106 9.37 -47.34 -3.29
N LYS D 107 9.94 -46.16 -3.11
CA LYS D 107 10.10 -45.54 -1.82
C LYS D 107 8.83 -44.81 -1.37
N LEU D 108 8.16 -44.11 -2.29
CA LEU D 108 7.07 -43.22 -1.95
C LEU D 108 5.75 -43.89 -1.64
N ARG D 109 4.93 -43.23 -0.81
CA ARG D 109 3.58 -43.71 -0.52
C ARG D 109 2.59 -42.55 -0.38
N ARG D 110 1.31 -42.86 -0.55
CA ARG D 110 0.24 -41.93 -0.28
C ARG D 110 0.48 -41.32 1.10
N GLY D 111 0.33 -40.00 1.22
CA GLY D 111 0.53 -39.33 2.49
C GLY D 111 1.90 -38.70 2.65
N ASP D 112 2.88 -39.13 1.86
CA ASP D 112 4.23 -38.57 1.94
C ASP D 112 4.29 -37.12 1.45
N ILE D 113 5.12 -36.30 2.08
CA ILE D 113 5.40 -34.96 1.61
C ILE D 113 6.61 -35.04 0.70
N ILE D 114 6.54 -34.42 -0.47
CA ILE D 114 7.61 -34.54 -1.42
C ILE D 114 7.98 -33.22 -2.08
N GLY D 115 9.19 -33.17 -2.61
CA GLY D 115 9.59 -32.06 -3.41
C GLY D 115 9.70 -32.54 -4.84
N VAL D 116 9.21 -31.74 -5.77
CA VAL D 116 9.31 -32.09 -7.19
C VAL D 116 10.06 -31.01 -7.93
N GLN D 117 11.15 -31.37 -8.60
CA GLN D 117 11.77 -30.52 -9.58
C GLN D 117 11.42 -31.00 -10.99
N GLY D 118 10.85 -30.13 -11.81
CA GLY D 118 10.36 -30.56 -13.12
C GLY D 118 9.84 -29.47 -14.03
N ASN D 119 9.30 -29.87 -15.19
CA ASN D 119 8.79 -28.95 -16.21
C ASN D 119 7.28 -28.90 -16.20
N PRO D 120 6.71 -27.70 -16.39
CA PRO D 120 5.26 -27.60 -16.55
C PRO D 120 4.77 -28.37 -17.79
N GLY D 121 3.53 -28.83 -17.77
CA GLY D 121 3.07 -29.70 -18.84
C GLY D 121 1.58 -29.90 -18.70
N LYS D 122 0.98 -30.50 -19.73
CA LYS D 122 -0.41 -30.90 -19.65
C LYS D 122 -0.65 -32.26 -20.32
N THR D 123 -1.50 -33.08 -19.71
CA THR D 123 -1.85 -34.38 -20.27
C THR D 123 -2.77 -34.21 -21.48
N LYS D 124 -2.78 -35.21 -22.36
CA LYS D 124 -3.70 -35.22 -23.52
C LYS D 124 -5.15 -35.09 -23.05
N LYS D 125 -5.41 -35.46 -21.81
CA LYS D 125 -6.73 -35.26 -21.22
C LYS D 125 -6.97 -33.83 -20.74
N GLY D 126 -5.94 -32.98 -20.77
CA GLY D 126 -6.11 -31.58 -20.38
C GLY D 126 -5.97 -31.32 -18.88
N GLU D 127 -5.14 -32.13 -18.22
CA GLU D 127 -4.84 -32.00 -16.80
C GLU D 127 -3.47 -31.33 -16.64
N LEU D 128 -3.47 -30.16 -16.02
CA LEU D 128 -2.20 -29.47 -15.72
C LEU D 128 -1.28 -30.34 -14.85
N SER D 129 -0.01 -30.39 -15.19
CA SER D 129 0.91 -31.32 -14.59
C SER D 129 2.29 -30.73 -14.50
N ILE D 130 3.13 -31.34 -13.68
CA ILE D 130 4.56 -31.10 -13.71
C ILE D 130 5.22 -32.44 -14.03
N ILE D 131 6.21 -32.41 -14.93
CA ILE D 131 6.91 -33.63 -15.34
C ILE D 131 8.31 -33.66 -14.70
N PRO D 132 8.51 -34.57 -13.75
CA PRO D 132 9.64 -34.58 -12.83
C PRO D 132 10.96 -34.96 -13.47
N TYR D 133 12.00 -34.22 -13.14
CA TYR D 133 13.36 -34.66 -13.40
C TYR D 133 13.81 -35.37 -12.13
N GLU D 134 13.28 -34.90 -10.99
CA GLU D 134 13.68 -35.45 -9.69
C GLU D 134 12.65 -35.21 -8.61
N ILE D 135 12.31 -36.28 -7.91
CA ILE D 135 11.43 -36.23 -6.76
C ILE D 135 12.23 -36.54 -5.49
N THR D 136 11.97 -35.77 -4.44
CA THR D 136 12.68 -35.90 -3.16
C THR D 136 11.66 -36.16 -2.03
N LEU D 137 11.85 -37.25 -1.28
CA LEU D 137 11.05 -37.46 -0.07
C LEU D 137 11.47 -36.44 0.98
N LEU D 138 10.52 -35.63 1.45
CA LEU D 138 10.78 -34.55 2.44
C LEU D 138 10.36 -34.95 3.85
N SER D 139 9.26 -35.71 3.94
CA SER D 139 8.76 -36.18 5.21
C SER D 139 7.75 -37.31 4.98
N PRO D 140 8.11 -38.55 5.37
CA PRO D 140 7.21 -39.69 5.18
C PRO D 140 6.00 -39.71 6.11
N CYS D 141 4.86 -40.14 5.59
CA CYS D 141 3.70 -40.42 6.41
C CYS D 141 3.71 -41.89 6.87
N LEU D 142 3.91 -42.13 8.17
CA LEU D 142 4.03 -43.52 8.67
C LEU D 142 2.72 -44.31 8.85
N HIS D 143 1.59 -43.63 8.72
CA HIS D 143 0.29 -44.23 8.92
C HIS D 143 -0.51 -44.21 7.63
N MET D 144 -1.47 -45.11 7.50
CA MET D 144 -2.35 -45.02 6.35
C MET D 144 -3.48 -44.06 6.67
N LEU D 145 -3.78 -43.20 5.70
CA LEU D 145 -4.74 -42.13 5.88
C LEU D 145 -6.14 -42.59 5.52
N PRO D 146 -7.16 -42.06 6.23
CA PRO D 146 -8.57 -42.34 5.97
C PRO D 146 -9.07 -41.65 4.71
N LYS D 153 -14.78 -37.57 8.18
CA LYS D 153 -15.80 -38.56 8.55
C LYS D 153 -16.59 -38.19 9.81
N ASP D 154 -16.30 -38.85 10.93
CA ASP D 154 -17.10 -38.63 12.14
C ASP D 154 -16.46 -37.61 13.08
N LYS D 155 -17.32 -36.81 13.72
CA LYS D 155 -16.90 -35.61 14.42
C LYS D 155 -15.74 -35.83 15.37
N GLU D 156 -15.92 -36.74 16.34
CA GLU D 156 -14.87 -37.14 17.27
C GLU D 156 -13.48 -37.13 16.64
N THR D 157 -13.33 -37.81 15.51
CA THR D 157 -12.04 -38.06 14.91
C THR D 157 -11.44 -36.80 14.33
N ARG D 158 -12.30 -36.01 13.70
CA ARG D 158 -11.92 -34.74 13.11
C ARG D 158 -11.43 -33.73 14.18
N TYR D 159 -12.06 -33.74 15.35
CA TYR D 159 -11.76 -32.76 16.39
C TYR D 159 -10.54 -33.12 17.24
N ARG D 160 -10.30 -34.42 17.41
CA ARG D 160 -9.15 -34.95 18.15
C ARG D 160 -7.86 -35.01 17.35
N GLN D 161 -7.99 -35.06 16.02
CA GLN D 161 -6.83 -34.98 15.12
C GLN D 161 -7.17 -34.00 14.03
N ARG D 162 -7.16 -32.72 14.40
CA ARG D 162 -7.54 -31.64 13.51
C ARG D 162 -6.65 -31.61 12.25
N TYR D 163 -5.40 -32.06 12.37
CA TYR D 163 -4.51 -32.17 11.19
C TYR D 163 -5.03 -33.16 10.11
N LEU D 164 -5.59 -34.29 10.53
CA LEU D 164 -6.25 -35.20 9.59
C LEU D 164 -7.43 -34.53 8.90
N ASP D 165 -8.28 -33.87 9.69
CA ASP D 165 -9.45 -33.12 9.21
C ASP D 165 -9.04 -32.10 8.16
N LEU D 166 -7.99 -31.34 8.45
CA LEU D 166 -7.46 -30.35 7.54
C LEU D 166 -6.90 -30.94 6.25
N ILE D 167 -6.24 -32.10 6.35
CA ILE D 167 -5.68 -32.75 5.17
C ILE D 167 -6.77 -33.26 4.21
N LEU D 168 -7.80 -33.91 4.75
CA LEU D 168 -8.83 -34.58 3.95
C LEU D 168 -10.10 -33.76 3.67
N ASN D 169 -10.46 -32.83 4.56
CA ASN D 169 -11.69 -32.02 4.38
C ASN D 169 -11.38 -30.55 4.05
N ASP D 170 -11.55 -30.18 2.78
CA ASP D 170 -11.17 -28.84 2.29
C ASP D 170 -12.05 -27.72 2.84
N PHE D 171 -13.30 -28.04 3.18
CA PHE D 171 -14.18 -27.05 3.80
C PHE D 171 -13.66 -26.56 5.17
N VAL D 172 -12.81 -27.37 5.82
CA VAL D 172 -12.32 -27.05 7.16
C VAL D 172 -11.41 -25.80 7.14
N ARG D 173 -10.44 -25.79 6.25
CA ARG D 173 -9.56 -24.64 6.08
C ARG D 173 -10.39 -23.39 5.82
N GLN D 174 -11.48 -23.54 5.07
CA GLN D 174 -12.24 -22.39 4.64
C GLN D 174 -12.93 -21.71 5.82
N LYS D 175 -13.49 -22.52 6.73
CA LYS D 175 -14.10 -22.02 7.94
C LYS D 175 -13.11 -21.21 8.77
N PHE D 176 -11.86 -21.63 8.78
CA PHE D 176 -10.87 -20.98 9.62
C PHE D 176 -10.29 -19.73 8.99
N ILE D 177 -10.27 -19.68 7.67
CA ILE D 177 -10.01 -18.44 6.97
C ILE D 177 -11.15 -17.39 7.18
N ILE D 178 -12.42 -17.82 7.18
CA ILE D 178 -13.54 -16.94 7.53
C ILE D 178 -13.30 -16.36 8.93
N ARG D 179 -12.91 -17.19 9.88
CA ARG D 179 -12.72 -16.76 11.27
C ARG D 179 -11.65 -15.68 11.42
N SER D 180 -10.55 -15.84 10.70
CA SER D 180 -9.47 -14.89 10.80
C SER D 180 -9.82 -13.58 10.09
N LYS D 181 -10.68 -13.66 9.07
CA LYS D 181 -11.16 -12.45 8.40
C LYS D 181 -12.16 -11.66 9.24
N ILE D 182 -12.94 -12.36 10.07
CA ILE D 182 -13.83 -11.74 11.03
C ILE D 182 -13.02 -10.82 11.93
N ILE D 183 -11.91 -11.35 12.44
CA ILE D 183 -11.06 -10.68 13.42
C ILE D 183 -10.28 -9.52 12.82
N THR D 184 -9.72 -9.74 11.65
CA THR D 184 -9.02 -8.69 10.92
C THR D 184 -9.97 -7.53 10.56
N TYR D 185 -11.21 -7.87 10.21
CA TYR D 185 -12.23 -6.86 10.00
C TYR D 185 -12.51 -5.99 11.25
N ILE D 186 -12.78 -6.62 12.39
CA ILE D 186 -13.04 -5.92 13.64
C ILE D 186 -11.89 -5.00 14.05
N ARG D 187 -10.65 -5.49 14.01
CA ARG D 187 -9.50 -4.62 14.29
C ARG D 187 -9.45 -3.42 13.38
N SER D 188 -9.67 -3.68 12.10
CA SER D 188 -9.66 -2.63 11.10
C SER D 188 -10.80 -1.64 11.34
N PHE D 189 -12.01 -2.14 11.60
CA PHE D 189 -13.16 -1.28 11.93
C PHE D 189 -12.90 -0.37 13.13
N LEU D 190 -12.38 -0.95 14.21
CA LEU D 190 -12.11 -0.22 15.46
C LEU D 190 -10.92 0.73 15.38
N ASP D 191 -9.83 0.28 14.74
CA ASP D 191 -8.62 1.10 14.57
C ASP D 191 -8.93 2.40 13.78
N GLU D 192 -9.75 2.26 12.74
CA GLU D 192 -10.20 3.39 11.94
C GLU D 192 -10.98 4.42 12.79
N LEU D 193 -11.66 3.95 13.82
CA LEU D 193 -12.43 4.79 14.72
C LEU D 193 -11.56 5.33 15.87
N GLY D 194 -10.27 5.01 15.86
CA GLY D 194 -9.30 5.61 16.78
C GLY D 194 -9.20 4.86 18.10
N PHE D 195 -9.74 3.65 18.15
CA PHE D 195 -9.61 2.78 19.31
C PHE D 195 -8.19 2.22 19.42
N LEU D 196 -7.68 2.17 20.64
CA LEU D 196 -6.35 1.64 20.89
C LEU D 196 -6.40 0.17 21.33
N GLU D 197 -5.78 -0.71 20.55
CA GLU D 197 -5.76 -2.11 20.89
C GLU D 197 -4.82 -2.35 22.07
N ILE D 198 -5.37 -2.90 23.14
CA ILE D 198 -4.60 -3.09 24.37
C ILE D 198 -4.62 -4.53 24.92
N GLU D 199 -3.80 -4.78 25.95
CA GLU D 199 -3.73 -6.08 26.61
C GLU D 199 -3.80 -5.93 28.11
N THR D 200 -4.82 -6.53 28.70
CA THR D 200 -4.95 -6.48 30.15
C THR D 200 -4.83 -7.89 30.74
N PRO D 201 -4.58 -7.98 32.06
CA PRO D 201 -4.27 -9.26 32.72
C PRO D 201 -5.27 -10.39 32.53
N MET D 202 -4.76 -11.59 32.23
CA MET D 202 -5.58 -12.77 32.18
C MET D 202 -5.59 -13.55 33.49
N MET D 203 -4.79 -13.09 34.44
CA MET D 203 -4.74 -13.64 35.77
C MET D 203 -5.00 -12.52 36.76
N ASN D 204 -5.95 -12.72 37.66
CA ASN D 204 -6.43 -11.65 38.54
C ASN D 204 -6.47 -12.13 39.99
N ILE D 205 -6.11 -11.28 40.94
CA ILE D 205 -6.34 -11.65 42.34
C ILE D 205 -7.85 -11.81 42.56
N ILE D 206 -8.62 -11.03 41.82
CA ILE D 206 -10.08 -11.07 41.90
C ILE D 206 -10.66 -10.97 40.49
N PRO D 207 -11.37 -12.03 40.06
CA PRO D 207 -11.93 -12.06 38.72
C PRO D 207 -13.20 -11.19 38.72
N GLY D 208 -13.51 -10.54 37.61
CA GLY D 208 -14.71 -9.72 37.56
C GLY D 208 -15.14 -9.43 36.14
N GLY D 209 -16.22 -8.67 35.98
CA GLY D 209 -16.57 -8.13 34.67
C GLY D 209 -17.64 -8.94 33.97
N ALA D 210 -17.97 -10.09 34.55
CA ALA D 210 -19.04 -10.94 34.02
C ALA D 210 -19.65 -11.78 35.13
N VAL D 211 -20.79 -12.36 34.82
CA VAL D 211 -21.38 -13.36 35.70
C VAL D 211 -20.95 -14.74 35.21
N ALA D 212 -20.04 -15.38 35.96
CA ALA D 212 -19.43 -16.62 35.49
C ALA D 212 -18.55 -17.26 36.55
N LYS D 213 -18.43 -18.57 36.46
CA LYS D 213 -17.64 -19.37 37.37
C LYS D 213 -16.20 -19.34 36.88
N PRO D 214 -15.25 -18.84 37.69
CA PRO D 214 -13.88 -18.78 37.23
C PRO D 214 -13.03 -20.04 37.52
N PHE D 215 -11.96 -20.18 36.74
CA PHE D 215 -10.88 -21.12 37.00
C PHE D 215 -9.94 -20.49 38.02
N ILE D 216 -9.41 -21.30 38.93
CA ILE D 216 -8.48 -20.78 39.90
C ILE D 216 -7.16 -21.53 39.81
N THR D 217 -6.06 -20.81 40.00
CA THR D 217 -4.75 -21.42 39.90
C THR D 217 -3.92 -20.88 41.05
N TYR D 218 -2.63 -21.20 41.07
CA TYR D 218 -1.78 -20.86 42.19
C TYR D 218 -0.42 -20.42 41.71
N HIS D 219 0.02 -19.25 42.17
CA HIS D 219 1.34 -18.72 41.86
C HIS D 219 2.20 -18.95 43.09
N ASN D 220 3.09 -19.95 43.04
CA ASN D 220 3.83 -20.32 44.26
C ASN D 220 4.98 -19.41 44.70
N GLU D 221 5.63 -18.71 43.78
CA GLU D 221 6.68 -17.78 44.16
C GLU D 221 6.12 -16.65 45.01
N LEU D 222 4.89 -16.26 44.71
CA LEU D 222 4.23 -15.20 45.47
C LEU D 222 3.27 -15.80 46.49
N ASP D 223 3.21 -17.13 46.52
CA ASP D 223 2.32 -17.84 47.44
C ASP D 223 0.94 -17.21 47.44
N MET D 224 0.20 -17.34 46.34
CA MET D 224 -1.13 -16.76 46.26
C MET D 224 -2.01 -17.32 45.13
N ASN D 225 -3.32 -17.35 45.39
CA ASN D 225 -4.27 -17.82 44.41
C ASN D 225 -4.53 -16.74 43.38
N LEU D 226 -4.76 -17.19 42.15
CA LEU D 226 -5.04 -16.32 41.02
C LEU D 226 -6.20 -16.93 40.28
N TYR D 227 -7.06 -16.08 39.76
CA TYR D 227 -8.15 -16.56 38.93
C TYR D 227 -7.83 -16.23 37.47
N MET D 228 -8.19 -17.12 36.55
CA MET D 228 -8.16 -16.79 35.11
C MET D 228 -9.31 -15.84 34.85
N ARG D 229 -9.08 -14.85 33.99
CA ARG D 229 -10.08 -13.81 33.82
C ARG D 229 -11.40 -14.30 33.22
N ILE D 230 -12.50 -13.68 33.59
CA ILE D 230 -13.77 -14.01 32.97
C ILE D 230 -14.15 -12.92 31.97
N ALA D 231 -13.53 -11.76 32.10
CA ALA D 231 -13.73 -10.61 31.20
C ALA D 231 -12.64 -9.59 31.52
N PRO D 232 -12.25 -8.76 30.55
CA PRO D 232 -11.30 -7.68 30.81
C PRO D 232 -11.95 -6.33 31.21
N GLU D 233 -13.27 -6.33 31.37
CA GLU D 233 -14.10 -5.14 31.50
C GLU D 233 -13.66 -4.10 32.54
N LEU D 234 -13.33 -4.55 33.75
CA LEU D 234 -12.91 -3.62 34.80
C LEU D 234 -11.58 -2.95 34.47
N TYR D 235 -10.68 -3.70 33.84
CA TYR D 235 -9.41 -3.14 33.43
C TYR D 235 -9.60 -2.07 32.36
N HIS D 236 -10.47 -2.37 31.39
CA HIS D 236 -10.75 -1.40 30.33
C HIS D 236 -11.33 -0.09 30.87
N LYS D 237 -12.28 -0.19 31.79
CA LYS D 237 -12.81 1.01 32.40
C LYS D 237 -11.77 1.79 33.20
N MET D 238 -10.87 1.11 33.90
CA MET D 238 -9.76 1.82 34.55
C MET D 238 -8.87 2.58 33.55
N LEU D 239 -8.81 2.09 32.30
CA LEU D 239 -8.01 2.77 31.28
C LEU D 239 -8.74 4.01 30.77
N VAL D 240 -10.07 3.99 30.79
CA VAL D 240 -10.87 5.15 30.40
C VAL D 240 -10.73 6.22 31.45
N VAL D 241 -10.76 5.83 32.71
CA VAL D 241 -10.48 6.76 33.81
C VAL D 241 -9.13 7.43 33.58
N GLY D 242 -8.16 6.65 33.10
CA GLY D 242 -6.83 7.17 32.81
C GLY D 242 -6.73 7.96 31.53
N GLY D 243 -7.83 8.15 30.80
CA GLY D 243 -7.81 9.07 29.65
C GLY D 243 -7.57 8.44 28.31
N ILE D 244 -7.62 7.12 28.24
CA ILE D 244 -7.66 6.48 26.93
C ILE D 244 -9.13 6.26 26.60
N ASP D 245 -9.66 7.14 25.77
CA ASP D 245 -11.10 7.28 25.58
C ASP D 245 -11.69 6.06 24.87
N ARG D 246 -10.92 5.46 23.97
CA ARG D 246 -11.38 4.32 23.20
C ARG D 246 -10.34 3.19 23.24
N VAL D 247 -10.72 2.07 23.84
CA VAL D 247 -9.84 0.91 23.89
C VAL D 247 -10.61 -0.34 23.49
N TYR D 248 -9.90 -1.30 22.94
CA TYR D 248 -10.47 -2.60 22.68
C TYR D 248 -9.44 -3.69 22.84
N GLU D 249 -9.92 -4.92 23.00
CA GLU D 249 -9.05 -6.04 23.20
C GLU D 249 -9.81 -7.23 22.65
N ILE D 250 -9.16 -7.96 21.72
CA ILE D 250 -9.68 -9.21 21.21
C ILE D 250 -8.84 -10.32 21.83
N GLY D 251 -9.44 -11.09 22.74
CA GLY D 251 -8.65 -11.91 23.63
C GLY D 251 -9.45 -13.04 24.21
N ARG D 252 -8.74 -14.02 24.73
CA ARG D 252 -9.34 -15.20 25.31
C ARG D 252 -9.91 -14.91 26.69
N GLN D 253 -11.04 -15.51 26.99
CA GLN D 253 -11.55 -15.55 28.35
C GLN D 253 -11.82 -16.99 28.75
N PHE D 254 -12.00 -17.22 30.04
CA PHE D 254 -12.02 -18.57 30.60
C PHE D 254 -13.18 -18.71 31.56
N ARG D 255 -13.93 -19.80 31.42
CA ARG D 255 -15.11 -20.02 32.25
C ARG D 255 -15.14 -21.48 32.69
N ASN D 256 -15.25 -21.70 33.98
CA ASN D 256 -15.24 -23.05 34.50
C ASN D 256 -16.63 -23.64 34.47
N GLU D 257 -17.06 -24.06 33.29
CA GLU D 257 -18.44 -24.50 33.11
C GLU D 257 -18.54 -25.55 32.02
N GLY D 258 -19.75 -26.04 31.78
CA GLY D 258 -19.96 -27.09 30.81
C GLY D 258 -19.77 -26.73 29.36
N ILE D 259 -19.33 -27.72 28.59
CA ILE D 259 -19.19 -27.62 27.16
C ILE D 259 -20.53 -27.98 26.49
N ASP D 260 -20.90 -27.28 25.43
CA ASP D 260 -22.01 -27.71 24.59
C ASP D 260 -21.90 -27.12 23.18
N LEU D 261 -22.99 -27.15 22.42
CA LEU D 261 -22.91 -26.75 21.03
C LEU D 261 -22.48 -25.30 20.85
N THR D 262 -22.67 -24.48 21.90
CA THR D 262 -22.31 -23.08 21.82
C THR D 262 -21.30 -22.61 22.86
N HIS D 263 -20.81 -23.52 23.72
CA HIS D 263 -19.92 -23.13 24.80
C HIS D 263 -18.63 -23.92 24.79
N ASN D 264 -17.50 -23.20 24.79
CA ASN D 264 -16.19 -23.80 25.04
C ASN D 264 -15.64 -23.12 26.31
N PRO D 265 -14.91 -23.85 27.16
CA PRO D 265 -14.42 -23.26 28.43
C PRO D 265 -13.47 -22.07 28.24
N GLU D 266 -12.74 -22.03 27.13
CA GLU D 266 -12.02 -20.84 26.69
C GLU D 266 -12.55 -20.42 25.31
N PHE D 267 -12.67 -19.11 25.13
CA PHE D 267 -13.28 -18.52 23.96
C PHE D 267 -12.82 -17.06 23.77
N THR D 268 -12.99 -16.56 22.57
CA THR D 268 -12.47 -15.26 22.20
C THR D 268 -13.57 -14.19 22.17
N THR D 269 -13.36 -13.07 22.83
CA THR D 269 -14.29 -11.95 22.70
C THR D 269 -13.54 -10.72 22.21
N CYS D 270 -14.26 -9.83 21.54
CA CYS D 270 -13.79 -8.46 21.39
C CYS D 270 -14.56 -7.66 22.42
N GLU D 271 -13.85 -6.95 23.30
CA GLU D 271 -14.52 -5.92 24.10
C GLU D 271 -13.97 -4.56 23.72
N PHE D 272 -14.84 -3.55 23.61
CA PHE D 272 -14.39 -2.17 23.44
C PHE D 272 -15.14 -1.20 24.37
N TYR D 273 -14.50 -0.07 24.68
CA TYR D 273 -15.06 0.93 25.57
C TYR D 273 -14.85 2.28 24.95
N MET D 274 -15.93 3.03 24.77
CA MET D 274 -15.79 4.39 24.25
C MET D 274 -16.43 5.45 25.15
N ALA D 275 -15.59 6.37 25.60
CA ALA D 275 -16.07 7.48 26.42
C ALA D 275 -17.01 8.39 25.61
N TYR D 276 -18.01 8.90 26.31
CA TYR D 276 -18.96 9.89 25.79
C TYR D 276 -20.01 9.25 24.89
N ALA D 277 -19.95 7.93 24.77
CA ALA D 277 -21.02 7.19 24.10
C ALA D 277 -22.01 6.57 25.08
N ASP D 278 -23.25 6.35 24.63
CA ASP D 278 -24.17 5.57 25.46
C ASP D 278 -24.65 4.35 24.66
N TYR D 279 -25.50 3.51 25.25
CA TYR D 279 -25.89 2.27 24.56
C TYR D 279 -26.61 2.47 23.25
N HIS D 280 -27.26 3.60 23.05
CA HIS D 280 -27.94 3.87 21.76
C HIS D 280 -26.90 4.02 20.68
N ASP D 281 -25.84 4.76 21.00
CA ASP D 281 -24.71 4.94 20.11
C ASP D 281 -24.08 3.60 19.72
N LEU D 282 -23.99 2.69 20.69
CA LEU D 282 -23.40 1.39 20.44
C LEU D 282 -24.29 0.52 19.57
N MET D 283 -25.61 0.73 19.66
CA MET D 283 -26.54 -0.02 18.81
C MET D 283 -26.24 0.29 17.36
N GLU D 284 -25.97 1.57 17.09
CA GLU D 284 -25.62 2.03 15.75
C GLU D 284 -24.28 1.51 15.25
N ILE D 285 -23.20 1.65 16.02
CA ILE D 285 -21.93 1.07 15.57
C ILE D 285 -22.03 -0.45 15.41
N THR D 286 -22.86 -1.11 16.22
CA THR D 286 -23.03 -2.57 16.10
C THR D 286 -23.64 -2.98 14.76
N GLU D 287 -24.71 -2.29 14.36
CA GLU D 287 -25.33 -2.54 13.07
C GLU D 287 -24.36 -2.33 11.93
N LYS D 288 -23.58 -1.26 11.97
CA LYS D 288 -22.64 -0.98 10.90
C LYS D 288 -21.51 -2.00 10.86
N MET D 289 -21.07 -2.47 12.03
CA MET D 289 -19.92 -3.39 12.11
C MET D 289 -20.37 -4.78 11.66
N VAL D 290 -21.46 -5.28 12.26
CA VAL D 290 -21.93 -6.62 11.96
C VAL D 290 -22.42 -6.71 10.51
N SER D 291 -23.31 -5.80 10.13
CA SER D 291 -23.80 -5.75 8.75
C SER D 291 -22.67 -5.66 7.74
N GLY D 292 -21.74 -4.72 7.94
CA GLY D 292 -20.61 -4.54 7.04
C GLY D 292 -19.66 -5.73 7.05
N MET D 293 -19.57 -6.41 8.19
CA MET D 293 -18.74 -7.61 8.34
C MET D 293 -19.33 -8.77 7.52
N VAL D 294 -20.61 -9.04 7.72
CA VAL D 294 -21.32 -10.03 6.93
C VAL D 294 -21.18 -9.77 5.41
N LYS D 295 -21.45 -8.55 4.98
CA LYS D 295 -21.38 -8.25 3.56
C LYS D 295 -19.97 -8.35 3.01
N HIS D 296 -19.00 -7.79 3.71
CA HIS D 296 -17.62 -7.83 3.21
C HIS D 296 -17.09 -9.26 3.06
N ILE D 297 -17.44 -10.14 3.98
CA ILE D 297 -16.89 -11.49 4.00
C ILE D 297 -17.67 -12.46 3.11
N THR D 298 -19.00 -12.37 3.12
CA THR D 298 -19.83 -13.29 2.34
C THR D 298 -20.44 -12.67 1.06
N GLY D 299 -20.03 -11.44 0.70
CA GLY D 299 -20.51 -10.77 -0.52
C GLY D 299 -21.94 -10.28 -0.47
N SER D 300 -22.69 -10.69 0.56
CA SER D 300 -24.09 -10.34 0.63
C SER D 300 -24.54 -10.07 2.08
N TYR D 301 -25.63 -9.31 2.22
CA TYR D 301 -26.21 -9.01 3.53
C TYR D 301 -27.08 -10.16 4.01
N LYS D 302 -27.16 -11.21 3.19
CA LYS D 302 -28.01 -12.37 3.47
C LYS D 302 -27.18 -13.64 3.68
N VAL D 303 -27.59 -14.41 4.68
CA VAL D 303 -26.92 -15.65 5.03
C VAL D 303 -28.02 -16.68 5.26
N THR D 304 -27.92 -17.84 4.64
CA THR D 304 -28.92 -18.87 4.94
C THR D 304 -28.31 -19.71 6.04
N TYR D 305 -29.15 -20.22 6.93
CA TYR D 305 -28.62 -21.04 7.99
C TYR D 305 -29.47 -22.25 8.28
N HIS D 306 -28.80 -23.31 8.71
CA HIS D 306 -29.42 -24.62 8.83
C HIS D 306 -29.35 -25.05 10.28
N PRO D 307 -30.41 -24.77 11.05
CA PRO D 307 -30.33 -25.14 12.47
C PRO D 307 -30.40 -26.66 12.62
N ASP D 308 -31.03 -27.32 11.65
CA ASP D 308 -31.31 -28.74 11.77
C ASP D 308 -30.37 -29.57 10.90
N GLY D 309 -29.22 -29.00 10.58
CA GLY D 309 -28.24 -29.68 9.74
C GLY D 309 -28.60 -29.55 8.28
N PRO D 310 -27.77 -30.14 7.39
CA PRO D 310 -28.09 -30.20 5.97
C PRO D 310 -29.37 -30.98 5.77
N GLU D 311 -30.16 -30.59 4.76
CA GLU D 311 -31.48 -31.19 4.54
C GLU D 311 -32.31 -31.08 5.81
N GLY D 312 -32.41 -29.87 6.33
CA GLY D 312 -33.30 -29.57 7.44
C GLY D 312 -34.02 -28.27 7.15
N GLN D 313 -34.67 -27.72 8.16
CA GLN D 313 -35.19 -26.36 8.05
C GLN D 313 -34.04 -25.38 7.76
N ALA D 314 -34.30 -24.42 6.89
CA ALA D 314 -33.29 -23.48 6.43
C ALA D 314 -33.80 -22.03 6.40
N TYR D 315 -33.71 -21.32 7.53
CA TYR D 315 -34.05 -19.89 7.52
C TYR D 315 -33.04 -19.06 6.72
N ASP D 316 -33.53 -18.10 5.93
CA ASP D 316 -32.66 -17.09 5.33
C ASP D 316 -32.59 -15.97 6.35
N VAL D 317 -31.37 -15.55 6.68
CA VAL D 317 -31.19 -14.56 7.74
C VAL D 317 -30.73 -13.22 7.15
N ASP D 318 -31.44 -12.17 7.54
CA ASP D 318 -31.28 -10.86 6.94
C ASP D 318 -30.53 -9.90 7.88
N PHE D 319 -29.33 -9.48 7.47
CA PHE D 319 -28.46 -8.62 8.29
C PHE D 319 -28.50 -7.15 7.87
N THR D 320 -29.57 -6.78 7.16
CA THR D 320 -29.75 -5.40 6.73
C THR D 320 -30.17 -4.55 7.92
N PRO D 321 -29.46 -3.43 8.16
CA PRO D 321 -29.81 -2.49 9.22
C PRO D 321 -31.00 -1.63 8.85
N PRO D 322 -31.81 -1.20 9.83
CA PRO D 322 -31.56 -1.43 11.27
C PRO D 322 -31.98 -2.82 11.78
N PHE D 323 -31.38 -3.25 12.90
CA PHE D 323 -31.77 -4.49 13.54
C PHE D 323 -33.01 -4.23 14.36
N ARG D 324 -33.91 -5.22 14.39
CA ARG D 324 -35.07 -5.17 15.26
C ARG D 324 -34.71 -5.03 16.75
N ARG D 325 -35.47 -4.23 17.48
CA ARG D 325 -35.28 -4.04 18.91
C ARG D 325 -36.52 -4.48 19.71
N ILE D 326 -36.29 -5.17 20.83
CA ILE D 326 -37.38 -5.46 21.74
C ILE D 326 -36.98 -5.14 23.16
N ASN D 327 -37.95 -4.74 23.97
CA ASN D 327 -37.68 -4.48 25.37
C ASN D 327 -37.90 -5.76 26.14
N MET D 328 -36.96 -6.11 27.01
CA MET D 328 -37.00 -7.40 27.70
C MET D 328 -38.33 -7.65 28.43
N VAL D 329 -38.66 -6.80 29.38
CA VAL D 329 -39.85 -7.00 30.22
C VAL D 329 -41.19 -6.77 29.47
N GLU D 330 -41.25 -5.73 28.63
CA GLU D 330 -42.41 -5.49 27.77
C GLU D 330 -42.77 -6.69 26.90
N GLU D 331 -41.80 -7.22 26.17
CA GLU D 331 -42.03 -8.38 25.30
C GLU D 331 -42.26 -9.67 26.07
N LEU D 332 -41.69 -9.78 27.26
CA LEU D 332 -41.84 -11.00 28.03
C LEU D 332 -43.28 -11.07 28.53
N GLU D 333 -43.87 -9.92 28.79
CA GLU D 333 -45.26 -9.86 29.18
C GLU D 333 -46.15 -10.31 28.04
N LYS D 334 -45.80 -9.92 26.82
CA LYS D 334 -46.58 -10.29 25.64
C LYS D 334 -46.44 -11.76 25.30
N ALA D 335 -45.20 -12.26 25.24
CA ALA D 335 -44.95 -13.65 24.91
C ALA D 335 -45.65 -14.58 25.88
N LEU D 336 -45.81 -14.08 27.12
CA LEU D 336 -46.42 -14.83 28.21
C LEU D 336 -47.93 -14.67 28.32
N GLY D 337 -48.46 -13.55 27.80
CA GLY D 337 -49.87 -13.20 28.00
C GLY D 337 -50.22 -12.82 29.44
N MET D 338 -49.31 -12.16 30.14
CA MET D 338 -49.58 -11.73 31.50
C MET D 338 -48.76 -10.51 31.92
N LYS D 339 -49.28 -9.77 32.90
CA LYS D 339 -48.56 -8.64 33.49
C LYS D 339 -47.61 -9.08 34.61
N LEU D 340 -46.33 -8.80 34.43
CA LEU D 340 -45.32 -9.04 35.46
C LEU D 340 -45.32 -7.87 36.44
N PRO D 341 -44.66 -8.03 37.59
CA PRO D 341 -44.49 -6.91 38.50
C PRO D 341 -43.98 -5.66 37.79
N GLU D 342 -44.32 -4.49 38.32
CA GLU D 342 -43.70 -3.26 37.84
C GLU D 342 -42.19 -3.32 38.08
N THR D 343 -41.42 -2.75 37.17
CA THR D 343 -39.96 -2.89 37.18
C THR D 343 -39.27 -2.34 38.44
N ASN D 344 -39.92 -1.40 39.12
CA ASN D 344 -39.41 -0.90 40.39
C ASN D 344 -39.61 -1.86 41.56
N LEU D 345 -40.22 -3.00 41.30
CA LEU D 345 -40.42 -3.99 42.35
C LEU D 345 -39.59 -5.25 42.16
N PHE D 346 -38.59 -5.19 41.30
CA PHE D 346 -37.84 -6.38 40.93
C PHE D 346 -36.87 -6.88 42.02
N GLU D 347 -36.75 -6.13 43.12
CA GLU D 347 -35.84 -6.49 44.21
C GLU D 347 -36.54 -7.33 45.26
N THR D 348 -37.86 -7.47 45.15
CA THR D 348 -38.65 -8.03 46.27
C THR D 348 -38.74 -9.55 46.26
N GLU D 349 -38.99 -10.13 47.43
CA GLU D 349 -39.21 -11.57 47.54
C GLU D 349 -40.55 -11.96 46.91
N GLU D 350 -41.51 -11.02 46.86
CA GLU D 350 -42.80 -11.28 46.21
C GLU D 350 -42.64 -11.48 44.71
N THR D 351 -41.81 -10.67 44.08
CA THR D 351 -41.50 -10.82 42.65
C THR D 351 -40.81 -12.16 42.34
N ARG D 352 -39.82 -12.51 43.16
CA ARG D 352 -39.14 -13.79 42.97
C ARG D 352 -40.15 -14.94 42.93
N LYS D 353 -41.02 -15.01 43.95
CA LYS D 353 -42.09 -16.00 43.99
C LYS D 353 -43.00 -15.97 42.75
N ILE D 354 -43.39 -14.77 42.33
CA ILE D 354 -44.14 -14.66 41.08
C ILE D 354 -43.37 -15.27 39.92
N LEU D 355 -42.07 -15.01 39.85
CA LEU D 355 -41.27 -15.47 38.72
C LEU D 355 -41.08 -16.97 38.77
N ASP D 356 -40.97 -17.48 40.00
CA ASP D 356 -40.75 -18.91 40.25
C ASP D 356 -42.03 -19.66 39.82
N ASP D 357 -43.19 -19.26 40.36
CA ASP D 357 -44.49 -19.83 39.95
C ASP D 357 -44.66 -19.89 38.44
N ILE D 358 -44.31 -18.81 37.75
CA ILE D 358 -44.39 -18.77 36.28
C ILE D 358 -43.55 -19.88 35.68
N CYS D 359 -42.31 -19.99 36.13
CA CYS D 359 -41.37 -20.98 35.59
C CYS D 359 -41.89 -22.41 35.79
N VAL D 360 -42.53 -22.65 36.92
CA VAL D 360 -43.11 -23.96 37.20
C VAL D 360 -44.28 -24.23 36.25
N ALA D 361 -45.14 -23.23 36.10
CA ALA D 361 -46.33 -23.32 35.26
C ALA D 361 -46.04 -23.49 33.77
N LYS D 362 -44.90 -22.98 33.29
CA LYS D 362 -44.56 -23.06 31.87
C LYS D 362 -43.47 -24.09 31.62
N ALA D 363 -43.19 -24.87 32.67
CA ALA D 363 -42.20 -25.94 32.66
C ALA D 363 -40.80 -25.51 32.19
N VAL D 364 -40.37 -24.34 32.68
CA VAL D 364 -39.03 -23.79 32.43
C VAL D 364 -38.05 -24.17 33.55
N GLU D 365 -37.07 -25.02 33.23
CA GLU D 365 -36.09 -25.49 34.21
C GLU D 365 -35.32 -24.31 34.77
N CYS D 366 -35.00 -24.36 36.06
CA CYS D 366 -34.03 -23.43 36.63
C CYS D 366 -33.35 -24.09 37.81
N PRO D 367 -32.17 -24.70 37.58
CA PRO D 367 -31.33 -25.24 38.65
C PRO D 367 -31.12 -24.17 39.71
N PRO D 368 -30.96 -24.57 40.98
CA PRO D 368 -30.66 -23.68 42.11
C PRO D 368 -29.34 -22.93 41.90
N PRO D 369 -29.26 -21.66 42.37
CA PRO D 369 -30.30 -20.99 43.13
C PRO D 369 -31.38 -20.37 42.24
N ARG D 370 -32.63 -20.43 42.65
CA ARG D 370 -33.71 -19.85 41.85
C ARG D 370 -33.93 -18.37 42.22
N THR D 371 -32.96 -17.55 41.84
CA THR D 371 -33.00 -16.12 42.11
C THR D 371 -33.74 -15.41 40.97
N THR D 372 -34.15 -14.18 41.23
CA THR D 372 -34.85 -13.38 40.24
C THR D 372 -34.06 -13.24 38.95
N ALA D 373 -32.79 -12.84 39.05
CA ALA D 373 -31.93 -12.73 37.87
C ALA D 373 -31.89 -14.03 37.09
N ARG D 374 -31.76 -15.16 37.78
CA ARG D 374 -31.65 -16.48 37.12
C ARG D 374 -32.99 -16.99 36.55
N LEU D 375 -34.07 -16.78 37.30
CA LEU D 375 -35.39 -17.12 36.83
C LEU D 375 -35.77 -16.29 35.60
N LEU D 376 -35.47 -14.99 35.62
CA LEU D 376 -35.70 -14.10 34.48
C LEU D 376 -34.95 -14.54 33.25
N ASP D 377 -33.68 -14.85 33.43
CA ASP D 377 -32.84 -15.21 32.31
C ASP D 377 -33.38 -16.48 31.64
N LYS D 378 -33.80 -17.47 32.44
CA LYS D 378 -34.39 -18.70 31.93
C LYS D 378 -35.67 -18.43 31.13
N LEU D 379 -36.59 -17.65 31.70
CA LEU D 379 -37.78 -17.18 31.01
C LEU D 379 -37.50 -16.45 29.68
N VAL D 380 -36.55 -15.51 29.69
CA VAL D 380 -36.18 -14.76 28.48
C VAL D 380 -35.58 -15.70 27.44
N GLY D 381 -34.82 -16.69 27.90
CA GLY D 381 -34.19 -17.64 27.00
C GLY D 381 -35.19 -18.45 26.20
N GLU D 382 -36.29 -18.82 26.83
CA GLU D 382 -37.24 -19.68 26.16
C GLU D 382 -38.36 -18.93 25.47
N PHE D 383 -38.73 -17.75 25.98
CA PHE D 383 -39.76 -16.97 25.35
C PHE D 383 -39.25 -15.96 24.31
N LEU D 384 -38.11 -15.32 24.56
CA LEU D 384 -37.67 -14.26 23.64
C LEU D 384 -36.56 -14.70 22.72
N GLU D 385 -35.52 -15.33 23.28
CA GLU D 385 -34.30 -15.57 22.51
C GLU D 385 -34.53 -16.57 21.37
N VAL D 386 -35.43 -17.53 21.57
CA VAL D 386 -35.80 -18.46 20.50
C VAL D 386 -36.37 -17.73 19.27
N THR D 387 -37.13 -16.67 19.48
CA THR D 387 -37.73 -15.92 18.38
C THR D 387 -36.74 -15.02 17.64
N CYS D 388 -35.47 -15.07 18.02
CA CYS D 388 -34.48 -14.16 17.42
C CYS D 388 -33.63 -14.83 16.36
N ILE D 389 -34.19 -14.98 15.17
CA ILE D 389 -33.46 -15.55 14.06
C ILE D 389 -32.60 -14.48 13.40
N ASN D 390 -33.26 -13.44 12.91
CA ASN D 390 -32.61 -12.23 12.42
C ASN D 390 -31.90 -11.55 13.59
N PRO D 391 -30.83 -10.78 13.31
CA PRO D 391 -30.16 -10.02 14.36
C PRO D 391 -31.15 -9.17 15.16
N THR D 392 -31.23 -9.40 16.46
CA THR D 392 -32.23 -8.73 17.25
C THR D 392 -31.63 -8.27 18.58
N PHE D 393 -31.81 -6.99 18.88
CA PHE D 393 -31.39 -6.42 20.17
C PHE D 393 -32.50 -6.60 21.21
N ILE D 394 -32.20 -7.32 22.28
CA ILE D 394 -33.06 -7.35 23.45
C ILE D 394 -32.47 -6.32 24.40
N CYS D 395 -33.30 -5.38 24.85
CA CYS D 395 -32.85 -4.16 25.54
C CYS D 395 -33.44 -3.99 26.92
N ASP D 396 -32.80 -3.12 27.70
CA ASP D 396 -33.38 -2.53 28.93
C ASP D 396 -33.52 -3.53 30.05
N HIS D 397 -32.51 -4.39 30.20
CA HIS D 397 -32.50 -5.42 31.23
C HIS D 397 -32.70 -4.84 32.61
N PRO D 398 -33.45 -5.51 33.48
CA PRO D 398 -33.50 -5.12 34.90
C PRO D 398 -32.12 -4.99 35.57
N GLN D 399 -32.04 -4.19 36.62
CA GLN D 399 -30.78 -3.91 37.32
C GLN D 399 -30.24 -5.13 38.07
N ILE D 400 -31.15 -5.93 38.63
CA ILE D 400 -30.75 -7.13 39.34
C ILE D 400 -30.07 -8.18 38.42
N MET D 401 -30.15 -7.99 37.11
CA MET D 401 -29.42 -8.86 36.16
C MET D 401 -28.13 -8.23 35.64
N SER D 402 -27.91 -6.95 35.95
CA SER D 402 -26.86 -6.13 35.33
C SER D 402 -26.09 -5.30 36.35
N PRO D 403 -25.27 -5.95 37.18
CA PRO D 403 -24.62 -5.24 38.29
C PRO D 403 -23.58 -4.18 37.87
N LEU D 404 -23.23 -4.09 36.59
CA LEU D 404 -22.22 -3.14 36.13
C LEU D 404 -22.77 -2.13 35.10
N ALA D 405 -24.07 -2.23 34.83
CA ALA D 405 -24.74 -1.37 33.85
C ALA D 405 -25.37 -0.15 34.52
N LYS D 406 -25.30 1.00 33.87
CA LYS D 406 -25.91 2.24 34.38
C LYS D 406 -27.45 2.17 34.36
N TRP D 407 -28.06 2.70 35.41
CA TRP D 407 -29.51 2.75 35.52
C TRP D 407 -30.19 3.43 34.32
N HIS D 408 -31.39 2.95 33.97
CA HIS D 408 -32.14 3.56 32.88
C HIS D 408 -32.53 5.00 33.22
N ARG D 409 -32.45 5.87 32.21
CA ARG D 409 -32.80 7.29 32.31
C ARG D 409 -34.20 7.58 32.84
N SER D 410 -35.17 6.74 32.45
CA SER D 410 -36.58 6.93 32.82
C SER D 410 -37.27 5.69 33.43
N LYS D 411 -36.90 4.48 33.02
CA LYS D 411 -37.58 3.28 33.56
C LYS D 411 -36.90 2.73 34.80
N GLU D 412 -37.49 3.03 35.96
CA GLU D 412 -36.94 2.71 37.28
C GLU D 412 -36.80 1.19 37.47
N GLY D 413 -35.61 0.75 37.86
CA GLY D 413 -35.36 -0.67 38.01
C GLY D 413 -34.72 -1.31 36.79
N LEU D 414 -34.69 -0.60 35.67
CA LEU D 414 -34.05 -1.11 34.46
C LEU D 414 -32.69 -0.44 34.22
N THR D 415 -31.96 -0.92 33.21
CA THR D 415 -30.64 -0.37 32.90
C THR D 415 -30.54 -0.09 31.41
N GLU D 416 -29.51 0.67 31.03
CA GLU D 416 -29.26 0.93 29.64
C GLU D 416 -28.39 -0.17 29.02
N ARG D 417 -29.01 -1.31 28.77
CA ARG D 417 -28.32 -2.51 28.29
C ARG D 417 -29.03 -3.06 27.05
N PHE D 418 -28.22 -3.64 26.14
CA PHE D 418 -28.74 -4.52 25.08
C PHE D 418 -27.90 -5.78 24.86
N GLU D 419 -28.57 -6.82 24.38
CA GLU D 419 -27.86 -7.98 23.85
C GLU D 419 -28.30 -8.25 22.41
N LEU D 420 -27.32 -8.55 21.55
CA LEU D 420 -27.57 -8.87 20.15
C LEU D 420 -27.73 -10.37 19.97
N PHE D 421 -28.86 -10.78 19.42
CA PHE D 421 -29.13 -12.19 19.20
C PHE D 421 -29.21 -12.51 17.73
N VAL D 422 -28.46 -13.52 17.31
CA VAL D 422 -28.50 -14.00 15.94
C VAL D 422 -28.78 -15.49 15.97
N MET D 423 -29.80 -15.93 15.23
CA MET D 423 -30.13 -17.35 15.10
C MET D 423 -30.27 -18.03 16.47
N LYS D 424 -30.94 -17.35 17.40
CA LYS D 424 -31.27 -17.91 18.71
C LYS D 424 -30.10 -17.89 19.73
N LYS D 425 -28.95 -17.41 19.30
CA LYS D 425 -27.74 -17.37 20.12
C LYS D 425 -27.30 -15.94 20.48
N GLU D 426 -26.79 -15.76 21.70
CA GLU D 426 -26.31 -14.46 22.14
C GLU D 426 -24.97 -14.15 21.52
N ILE D 427 -24.89 -13.01 20.83
CA ILE D 427 -23.66 -12.59 20.15
C ILE D 427 -22.99 -11.48 20.94
N CYS D 428 -23.76 -10.44 21.28
CA CYS D 428 -23.20 -9.26 21.97
C CYS D 428 -23.83 -9.00 23.33
N ASN D 429 -23.09 -8.26 24.14
CA ASN D 429 -23.58 -7.76 25.41
C ASN D 429 -22.94 -6.39 25.59
N ALA D 430 -23.77 -5.36 25.81
CA ALA D 430 -23.28 -3.99 25.81
C ALA D 430 -24.16 -3.13 26.70
N TYR D 431 -23.60 -2.07 27.24
CA TYR D 431 -24.39 -1.17 28.04
C TYR D 431 -23.70 0.15 28.25
N THR D 432 -24.47 1.18 28.59
CA THR D 432 -23.92 2.37 29.21
C THR D 432 -23.37 1.94 30.57
N GLU D 433 -22.11 2.27 30.82
CA GLU D 433 -21.36 1.79 31.97
C GLU D 433 -21.73 2.53 33.26
N LEU D 434 -21.92 1.78 34.34
CA LEU D 434 -22.11 2.40 35.64
C LEU D 434 -20.82 3.08 36.08
N ASN D 435 -20.88 4.41 36.29
CA ASN D 435 -19.71 5.19 36.65
C ASN D 435 -19.80 5.89 38.01
N ASP D 436 -20.89 5.64 38.73
CA ASP D 436 -21.12 6.17 40.05
C ASP D 436 -20.52 5.15 41.03
N PRO D 437 -19.44 5.53 41.72
CA PRO D 437 -18.69 4.58 42.56
C PRO D 437 -19.44 4.06 43.77
N MET D 438 -20.31 4.86 44.35
CA MET D 438 -21.08 4.44 45.50
C MET D 438 -22.20 3.47 45.08
N ARG D 439 -22.88 3.78 43.98
CA ARG D 439 -23.84 2.85 43.43
C ARG D 439 -23.21 1.53 42.98
N GLN D 440 -21.96 1.57 42.51
CA GLN D 440 -21.30 0.34 42.07
C GLN D 440 -20.97 -0.59 43.24
N ARG D 441 -20.55 -0.01 44.37
CA ARG D 441 -20.31 -0.74 45.62
C ARG D 441 -21.51 -1.48 46.12
N GLN D 442 -22.61 -0.75 46.33
CA GLN D 442 -23.91 -1.32 46.69
C GLN D 442 -24.23 -2.57 45.86
N LEU D 443 -24.05 -2.44 44.54
CA LEU D 443 -24.36 -3.51 43.60
C LEU D 443 -23.36 -4.69 43.73
N PHE D 444 -22.11 -4.42 44.13
CA PHE D 444 -21.17 -5.52 44.45
C PHE D 444 -21.54 -6.24 45.75
N GLU D 445 -22.02 -5.47 46.72
CA GLU D 445 -22.42 -6.01 47.99
C GLU D 445 -23.59 -7.00 47.83
N GLU D 446 -24.46 -6.70 46.88
CA GLU D 446 -25.55 -7.62 46.54
C GLU D 446 -25.03 -8.83 45.76
N GLN D 447 -24.08 -8.63 44.85
CA GLN D 447 -23.44 -9.76 44.20
C GLN D 447 -22.80 -10.72 45.21
N ALA D 448 -22.14 -10.16 46.24
CA ALA D 448 -21.50 -10.98 47.27
C ALA D 448 -22.49 -11.72 48.17
N LYS D 449 -23.64 -11.10 48.42
CA LYS D 449 -24.75 -11.80 49.08
C LYS D 449 -25.32 -12.93 48.22
N ALA D 450 -25.49 -12.69 46.94
CA ALA D 450 -25.96 -13.71 46.01
C ALA D 450 -25.00 -14.91 45.95
N LYS D 451 -23.71 -14.62 45.99
CA LYS D 451 -22.69 -15.65 45.94
C LYS D 451 -22.72 -16.49 47.20
N ALA D 452 -23.01 -15.87 48.32
CA ALA D 452 -23.04 -16.56 49.59
C ALA D 452 -24.36 -17.32 49.74
N ALA D 453 -25.38 -16.92 48.97
CA ALA D 453 -26.63 -17.67 48.91
C ALA D 453 -26.72 -18.57 47.66
N GLY D 454 -25.66 -19.32 47.39
CA GLY D 454 -25.72 -20.37 46.39
C GLY D 454 -25.29 -20.13 44.95
N ASP D 455 -25.02 -18.89 44.56
CA ASP D 455 -24.71 -18.61 43.15
C ASP D 455 -23.21 -18.51 42.84
N ASP D 456 -22.66 -19.58 42.25
CA ASP D 456 -21.26 -19.67 41.83
C ASP D 456 -20.80 -18.65 40.79
N GLU D 457 -21.74 -18.07 40.07
CA GLU D 457 -21.40 -17.11 39.01
C GLU D 457 -21.39 -15.65 39.49
N ALA D 458 -21.96 -15.38 40.67
CA ALA D 458 -22.06 -14.03 41.21
C ALA D 458 -20.70 -13.40 41.47
N MET D 459 -20.66 -12.06 41.40
CA MET D 459 -19.40 -11.32 41.40
C MET D 459 -18.78 -11.13 42.78
N PHE D 460 -17.47 -11.02 42.81
CA PHE D 460 -16.75 -10.66 44.01
C PHE D 460 -16.75 -9.13 44.14
N ILE D 461 -16.67 -8.61 45.35
CA ILE D 461 -16.46 -7.16 45.51
C ILE D 461 -15.06 -6.82 45.02
N ASP D 462 -14.98 -5.88 44.08
CA ASP D 462 -13.70 -5.33 43.64
C ASP D 462 -13.48 -3.89 44.10
N GLU D 463 -12.94 -3.73 45.30
CA GLU D 463 -12.77 -2.41 45.86
C GLU D 463 -11.78 -1.54 45.12
N ASN D 464 -10.71 -2.13 44.59
CA ASN D 464 -9.76 -1.40 43.76
C ASN D 464 -10.42 -0.78 42.54
N PHE D 465 -11.39 -1.46 41.96
CA PHE D 465 -12.13 -0.93 40.82
C PHE D 465 -13.08 0.19 41.26
N CYS D 466 -13.72 0.02 42.42
CA CYS D 466 -14.58 1.03 43.00
C CYS D 466 -13.77 2.29 43.33
N THR D 467 -12.54 2.11 43.81
CA THR D 467 -11.61 3.21 44.01
C THR D 467 -11.29 3.93 42.68
N ALA D 468 -11.02 3.18 41.61
CA ALA D 468 -10.82 3.81 40.29
C ALA D 468 -11.99 4.70 39.89
N LEU D 469 -13.21 4.19 40.05
CA LEU D 469 -14.44 4.99 39.82
C LEU D 469 -14.52 6.31 40.63
N GLU D 470 -13.93 6.33 41.81
CA GLU D 470 -13.88 7.54 42.65
C GLU D 470 -12.96 8.65 42.09
N TYR D 471 -12.10 8.31 41.14
CA TYR D 471 -11.29 9.31 40.45
C TYR D 471 -12.02 9.96 39.27
N GLY D 472 -13.04 9.29 38.77
CA GLY D 472 -13.81 9.91 37.74
C GLY D 472 -13.70 9.18 36.42
N LEU D 473 -14.66 8.28 36.20
CA LEU D 473 -14.86 7.65 34.90
C LEU D 473 -15.84 8.49 34.13
N PRO D 474 -15.46 8.97 32.96
CA PRO D 474 -16.41 9.74 32.17
C PRO D 474 -17.62 8.89 31.74
N PRO D 475 -18.72 9.54 31.35
CA PRO D 475 -19.83 8.74 30.86
C PRO D 475 -19.34 7.91 29.68
N THR D 476 -19.66 6.62 29.69
CA THR D 476 -18.99 5.67 28.81
C THR D 476 -19.94 4.57 28.41
N ALA D 477 -19.74 3.96 27.26
CA ALA D 477 -20.52 2.78 26.92
C ALA D 477 -19.56 1.71 26.45
N GLY D 478 -19.80 0.48 26.88
CA GLY D 478 -18.93 -0.62 26.49
C GLY D 478 -19.69 -1.78 25.86
N TRP D 479 -18.94 -2.69 25.26
CA TRP D 479 -19.49 -3.68 24.37
C TRP D 479 -18.60 -4.92 24.40
N GLY D 480 -19.22 -6.09 24.28
CA GLY D 480 -18.47 -7.35 24.18
C GLY D 480 -19.12 -8.26 23.15
N MET D 481 -18.31 -8.93 22.33
CA MET D 481 -18.84 -9.81 21.32
C MET D 481 -18.11 -11.16 21.29
N GLY D 482 -18.89 -12.25 21.28
CA GLY D 482 -18.35 -13.58 21.12
C GLY D 482 -17.94 -13.80 19.68
N ILE D 483 -16.63 -13.85 19.44
CA ILE D 483 -16.04 -14.07 18.12
C ILE D 483 -16.34 -15.48 17.60
N ASP D 484 -16.23 -16.48 18.48
CA ASP D 484 -16.48 -17.87 18.07
C ASP D 484 -17.92 -17.98 17.55
N ARG D 485 -18.85 -17.33 18.27
CA ARG D 485 -20.27 -17.27 17.94
C ARG D 485 -20.52 -16.55 16.62
N VAL D 486 -19.80 -15.48 16.35
CA VAL D 486 -19.89 -14.86 15.03
C VAL D 486 -19.40 -15.87 13.98
N ALA D 487 -18.24 -16.48 14.22
CA ALA D 487 -17.69 -17.48 13.32
C ALA D 487 -18.73 -18.56 12.99
N MET D 488 -19.46 -19.01 13.99
CA MET D 488 -20.46 -20.04 13.79
C MET D 488 -21.49 -19.59 12.75
N PHE D 489 -22.02 -18.38 12.91
CA PHE D 489 -23.12 -17.94 12.06
C PHE D 489 -22.70 -17.45 10.67
N LEU D 490 -21.41 -17.23 10.50
CA LEU D 490 -20.87 -16.85 9.20
C LEU D 490 -20.29 -18.04 8.46
N THR D 491 -20.32 -19.20 9.10
CA THR D 491 -19.92 -20.46 8.45
C THR D 491 -21.05 -21.48 8.47
N ASP D 492 -22.24 -21.09 8.93
CA ASP D 492 -23.37 -22.00 9.04
C ASP D 492 -22.95 -23.24 9.83
N SER D 493 -22.28 -23.03 10.96
CA SER D 493 -21.92 -24.14 11.85
C SER D 493 -22.82 -24.10 13.08
N ASN D 494 -23.44 -25.23 13.39
CA ASN D 494 -24.26 -25.34 14.60
C ASN D 494 -23.49 -25.77 15.84
N ASN D 495 -22.26 -26.20 15.65
CA ASN D 495 -21.42 -26.70 16.72
C ASN D 495 -20.19 -25.79 16.83
N ILE D 496 -19.94 -25.25 18.02
CA ILE D 496 -18.77 -24.38 18.23
C ILE D 496 -17.44 -25.10 17.93
N LYS D 497 -17.44 -26.44 18.02
CA LYS D 497 -16.24 -27.21 17.69
C LYS D 497 -15.76 -27.06 16.23
N GLU D 498 -16.65 -26.63 15.34
CA GLU D 498 -16.30 -26.38 13.92
C GLU D 498 -15.43 -25.14 13.72
N VAL D 499 -15.46 -24.20 14.67
CA VAL D 499 -14.79 -22.91 14.48
C VAL D 499 -13.65 -22.69 15.47
N LEU D 500 -13.39 -23.72 16.28
CA LEU D 500 -12.23 -23.77 17.17
C LEU D 500 -11.27 -24.80 16.60
N LEU D 501 -10.02 -24.40 16.37
CA LEU D 501 -9.01 -25.35 15.85
C LEU D 501 -8.89 -26.62 16.71
N PHE D 502 -8.82 -26.44 18.03
CA PHE D 502 -8.64 -27.54 18.97
C PHE D 502 -9.64 -27.42 20.10
N PRO D 503 -10.91 -27.78 19.83
CA PRO D 503 -11.94 -27.57 20.83
C PRO D 503 -11.69 -28.47 22.02
N ALA D 504 -12.22 -28.08 23.17
CA ALA D 504 -12.11 -28.86 24.38
C ALA D 504 -12.93 -30.15 24.23
N MET D 505 -12.29 -31.29 24.45
CA MET D 505 -12.93 -32.61 24.31
C MET D 505 -13.01 -33.33 25.65
N LYS D 506 -14.10 -34.06 25.86
CA LYS D 506 -14.22 -34.99 26.99
C LYS D 506 -13.11 -36.05 26.91
N PRO D 507 -12.57 -36.45 28.08
CA PRO D 507 -11.47 -37.41 28.07
C PRO D 507 -11.99 -38.83 27.88
CA CA E . -2.93 31.16 -15.53
CA CA F . 2.05 33.30 -19.68
CA CA G . -0.60 33.75 -14.85
N LYS H . -5.87 24.30 -20.10
CA LYS H . -5.67 25.16 -18.89
C LYS H . -4.48 26.10 -19.03
O LYS H . -3.66 25.98 -19.96
CB LYS H . -5.50 24.32 -17.64
CG LYS H . -6.78 23.66 -17.17
CD LYS H . -7.77 24.66 -16.64
CE LYS H . -9.09 23.98 -16.25
NZ LYS H . -9.88 23.50 -17.45
OXT LYS H . -4.31 26.98 -18.19
PG ATP I . 2.37 32.61 -16.35
O1G ATP I . 2.95 32.96 -17.69
O2G ATP I . 3.28 31.95 -15.36
O3G ATP I . 1.58 33.74 -15.74
PB ATP I . -0.01 31.51 -17.59
O1B ATP I . -1.13 32.03 -16.72
O2B ATP I . 0.26 32.07 -18.96
O3B ATP I . 1.36 31.43 -16.73
PA ATP I . -1.60 29.07 -17.97
O1A ATP I . -2.50 29.21 -16.77
O2A ATP I . -2.08 29.34 -19.37
O3A ATP I . -0.24 29.91 -17.76
O5' ATP I . -0.90 27.60 -18.02
C5' ATP I . -1.14 26.57 -17.05
C4' ATP I . 0.11 26.35 -16.19
O4' ATP I . 1.25 26.04 -17.01
C3' ATP I . 0.53 27.59 -15.43
O3' ATP I . -0.17 27.65 -14.16
C2' ATP I . 2.00 27.34 -15.20
O2' ATP I . 2.09 26.43 -14.10
C1' ATP I . 2.46 26.58 -16.41
N9 ATP I . 3.12 27.34 -17.51
C8 ATP I . 2.48 28.13 -18.39
N7 ATP I . 3.32 28.65 -19.30
C5 ATP I . 4.55 28.16 -19.03
C6 ATP I . 5.89 28.27 -19.62
N6 ATP I . 6.16 29.03 -20.72
N1 ATP I . 6.88 27.59 -19.00
C2 ATP I . 6.68 26.81 -17.93
N3 ATP I . 5.49 26.64 -17.37
C4 ATP I . 4.41 27.30 -17.85
CA CA J . 12.97 0.46 -37.45
CA CA K . 9.02 4.39 -41.40
CA CA L . 10.95 -0.81 -40.24
N LYS M . 15.54 5.97 -31.58
CA LYS M . 15.32 4.66 -32.21
C LYS M . 14.25 4.78 -33.30
O LYS M . 13.54 5.80 -33.38
CB LYS M . 14.90 3.63 -31.18
CG LYS M . 16.01 3.25 -30.21
CD LYS M . 17.17 2.62 -30.92
CE LYS M . 18.27 2.23 -29.97
NZ LYS M . 19.14 3.34 -29.55
OXT LYS M . 14.11 3.88 -34.14
PG ATP N . 8.06 1.25 -39.93
O1G ATP N . 7.73 2.45 -40.76
O2G ATP N . 6.86 0.54 -39.33
O3G ATP N . 9.01 0.33 -40.60
PB ATP N . 10.32 2.49 -38.66
O1B ATP N . 11.33 1.40 -38.80
O2B ATP N . 10.33 3.64 -39.62
O3B ATP N . 8.82 1.85 -38.64
PA ATP N . 11.68 3.35 -36.29
O1A ATP N . 12.53 2.14 -36.09
O2A ATP N . 12.31 4.60 -36.92
O3A ATP N . 10.38 3.02 -37.15
O5' ATP N . 10.98 3.75 -34.89
C5' ATP N . 10.92 2.91 -33.76
C4' ATP N . 9.51 2.37 -33.53
O4' ATP N . 8.45 3.35 -33.57
C3' ATP N . 9.15 1.33 -34.58
O3' ATP N . 9.59 0.06 -34.11
C2' ATP N . 7.64 1.39 -34.64
O2' ATP N . 7.20 0.59 -33.55
C1' ATP N . 7.28 2.79 -34.21
N9 ATP N . 6.87 3.74 -35.27
C8 ATP N . 7.64 4.28 -36.24
N7 ATP N . 6.92 5.12 -36.99
C5 ATP N . 5.65 5.14 -36.52
C6 ATP N . 4.38 5.83 -36.85
N6 ATP N . 4.32 6.73 -37.87
N1 ATP N . 3.30 5.57 -36.08
C2 ATP N . 3.34 4.68 -35.05
N3 ATP N . 4.47 4.04 -34.67
C4 ATP N . 5.64 4.22 -35.37
CA CA O . 15.24 -18.73 25.16
CA CA P . 13.37 -17.97 31.69
CA CA Q . 17.15 -17.12 27.79
N LYS R . 8.00 -22.16 21.73
CA LYS R . 9.31 -21.43 21.82
C LYS R . 9.52 -20.80 23.19
O LYS R . 8.65 -20.82 24.07
CB LYS R . 9.40 -20.37 20.73
CG LYS R . 9.39 -20.92 19.33
CD LYS R . 10.70 -21.55 19.00
CE LYS R . 10.71 -22.08 17.57
NZ LYS R . 9.85 -23.29 17.41
OXT LYS R . 10.58 -20.22 23.43
PG ATP S . 14.66 -15.55 29.66
O1G ATP S . 14.09 -16.10 30.94
O2G ATP S . 14.48 -14.06 29.40
O3G ATP S . 16.09 -15.98 29.42
PB ATP S . 13.61 -17.75 28.17
O1B ATP S . 14.73 -18.16 27.28
O2B ATP S . 13.35 -18.45 29.50
O3B ATP S . 13.76 -16.17 28.50
PA ATP S . 11.93 -18.63 26.00
O1A ATP S . 12.97 -18.62 24.92
O2A ATP S . 11.46 -19.93 26.56
O3A ATP S . 12.29 -17.68 27.24
O5' ATP S . 10.58 -17.88 25.51
C5' ATP S . 10.46 -17.19 24.25
C4' ATP S . 10.48 -15.68 24.46
O4' ATP S . 9.47 -15.20 25.39
C3' ATP S . 11.81 -15.18 25.00
O3' ATP S . 12.69 -14.89 23.91
C2' ATP S . 11.44 -13.90 25.70
O2' ATP S . 11.35 -12.88 24.68
C1' ATP S . 10.01 -14.10 26.16
N9 ATP S . 9.80 -14.42 27.59
C8 ATP S . 10.01 -15.60 28.22
N7 ATP S . 9.68 -15.53 29.53
C5 ATP S . 9.18 -14.30 29.75
C6 ATP S . 8.60 -13.57 30.91
N6 ATP S . 8.48 -14.16 32.12
N1 ATP S . 8.22 -12.30 30.70
C2 ATP S . 8.32 -11.68 29.50
N3 ATP S . 8.80 -12.27 28.39
C4 ATP S . 9.27 -13.56 28.48
CA CA T . -25.17 -12.29 28.31
CA CA U . -23.56 -18.45 30.33
CA CA V . -27.29 -15.27 27.85
N LYS W . -17.72 -7.99 29.99
CA LYS W . -19.03 -8.27 29.37
C LYS W . -19.34 -9.75 29.42
O LYS W . -18.47 -10.60 29.67
CB LYS W . -19.06 -7.76 27.93
CG LYS W . -19.18 -6.24 27.87
CD LYS W . -20.36 -5.73 28.68
CE LYS W . -20.48 -4.22 28.54
NZ LYS W . -19.61 -3.41 29.46
OXT LYS W . -20.50 -10.11 29.23
PG ATP X . -24.81 -17.68 27.12
O1G ATP X . -24.31 -18.75 28.06
O2G ATP X . -24.70 -18.06 25.64
O3G ATP X . -26.13 -17.12 27.53
PB ATP X . -23.59 -15.48 28.54
O1B ATP X . -24.84 -14.66 28.61
O2B ATP X . -23.21 -16.21 29.80
O3B ATP X . -23.72 -16.48 27.27
PA ATP X . -21.80 -13.20 28.63
O1A ATP X . -22.65 -12.03 28.24
O2A ATP X . -21.51 -13.50 30.08
O3A ATP X . -22.37 -14.58 28.04
O5' ATP X . -20.44 -13.10 27.77
C5' ATP X . -20.27 -12.31 26.59
C4' ATP X . -20.35 -13.09 25.29
O4' ATP X . -19.35 -14.11 25.11
C3' ATP X . -21.68 -13.79 25.06
O3' ATP X . -22.59 -12.88 24.45
C2' ATP X . -21.36 -14.91 24.10
O2' ATP X . -21.31 -14.38 22.78
C1' ATP X . -19.93 -15.25 24.44
N9 ATP X . -19.80 -16.44 25.34
C8 ATP X . -20.16 -16.54 26.63
N7 ATP X . -19.86 -17.77 27.13
C5 ATP X . -19.27 -18.44 26.11
C6 ATP X . -18.67 -19.77 25.89
N6 ATP X . -18.62 -20.64 26.92
N1 ATP X . -18.14 -20.08 24.69
C2 ATP X . -18.16 -19.23 23.66
N3 ATP X . -18.68 -17.99 23.77
C4 ATP X . -19.23 -17.56 24.94
#